data_9OS5
#
_entry.id   9OS5
#
_cell.length_a   1.00
_cell.length_b   1.00
_cell.length_c   1.00
_cell.angle_alpha   90.00
_cell.angle_beta   90.00
_cell.angle_gamma   90.00
#
_symmetry.space_group_name_H-M   'P 1'
#
loop_
_entity.id
_entity.type
_entity.pdbx_description
1 polymer 'Fusion glycoprotein F0'
2 polymer 'MPV498 Fab heavy chain'
3 polymer 'MPV498 Fab light chain'
4 non-polymer 2-acetamido-2-deoxy-beta-D-glucopyranose
5 water water
#
loop_
_entity_poly.entity_id
_entity_poly.type
_entity_poly.pdbx_seq_one_letter_code
_entity_poly.pdbx_strand_id
1 'polypeptide(L)'
;LKESYLEESCSTITEGYLSVLRTGWYTNVFTLEVGDVENLTCTDGPSLIKTELDLTKSALRELKTVSADQLAREEQIENP
RQSRFVLGAIALGVATAAAVTAGIAIAKTIRLESEVNAIKGALKTTNEAVSTLGNGVRVLATAVRELKEFVSKNLTSAIN
KNKCDIADLKMAVSFSQFNRRFLNVVRQFSDNAGITPAISLDLMTDAELARAVSYMPTSAGQIKLMLENRAMVRRKGFGI
LIGVYGSSVIYMVQLPIFGVIDTPCWIIKAAPSCSEKDGNYACLLREDQGWYCKNAGSTVYYPNEKDCETRGDHVFCDTA
AGINVAEQSRECNINISTTNYPCKVSTGRHPISMVALSPLGALVACYKGVSCSIGSNRVGIIKQLPKGCSYITNQDADTV
TIDNTVYQLSKVEGEQHVIKGRPVSSSFDPIRFPEDQFNVALDQVFESIENSQALVDQSNKILNS
;
A,B,C,D,E,F
2 'polypeptide(L)'
;QVQLQESGPGLVKPSETLSLTCTVSGGSISSYYWSWIRQPAGKGLEWIGRIYTSGNTNYNPSLKSRVTMSLDTSKNQVSL
KLSSVTAADTAVYYCARSRVATTPVGLRDWLDPWGQGTLVTVSS
;
G,H,I
3 'polypeptide(L)'
;TPSLSASVGDRVTITCRASQSISSYLNWYQQKPGKAPKLLIYAASSLQSGVPSRFSGSGSGTDFTLTISSLQPEDFATYY
CQQSYSTPLFFGQGTKLEIK
;
J,K,L
#
loop_
_chem_comp.id
_chem_comp.type
_chem_comp.name
_chem_comp.formula
NAG D-saccharide, beta linking 2-acetamido-2-deoxy-beta-D-glucopyranose 'C8 H15 N O6'
#
# COMPACT_ATOMS: atom_id res chain seq x y z
N LEU A 1 28.15 23.13 8.23
CA LEU A 1 27.28 23.94 9.08
C LEU A 1 28.06 24.52 10.25
N LYS A 2 27.68 25.74 10.66
CA LYS A 2 28.35 26.44 11.74
C LYS A 2 27.33 26.75 12.82
N GLU A 3 27.48 26.10 13.98
CA GLU A 3 26.60 26.29 15.12
C GLU A 3 27.27 27.21 16.14
N SER A 4 26.56 28.26 16.53
CA SER A 4 27.06 29.21 17.51
C SER A 4 26.22 29.16 18.77
N TYR A 5 26.88 29.19 19.92
CA TYR A 5 26.22 29.20 21.22
C TYR A 5 26.09 30.65 21.68
N LEU A 6 24.86 31.08 21.95
CA LEU A 6 24.58 32.43 22.41
C LEU A 6 24.37 32.37 23.92
N GLU A 7 25.40 32.78 24.67
CA GLU A 7 25.33 32.70 26.13
C GLU A 7 24.28 33.64 26.69
N GLU A 8 24.15 34.83 26.12
CA GLU A 8 23.27 35.85 26.68
C GLU A 8 21.81 35.42 26.71
N SER A 9 21.40 34.50 25.84
CA SER A 9 20.00 34.09 25.76
C SER A 9 19.82 32.58 25.90
N CYS A 10 20.86 31.84 26.27
CA CYS A 10 20.78 30.40 26.51
C CYS A 10 20.24 29.68 25.27
N SER A 11 20.69 30.13 24.10
CA SER A 11 20.18 29.63 22.83
C SER A 11 21.34 29.41 21.86
N THR A 12 21.04 28.78 20.73
CA THR A 12 21.99 28.52 19.68
C THR A 12 21.40 28.87 18.32
N ILE A 13 22.26 29.13 17.34
CA ILE A 13 21.86 29.32 15.95
C ILE A 13 22.77 28.48 15.07
N THR A 14 22.16 27.70 14.17
CA THR A 14 22.88 26.82 13.25
C THR A 14 22.62 27.30 11.82
N GLU A 15 23.52 28.11 11.28
CA GLU A 15 23.37 28.69 9.97
C GLU A 15 24.24 27.98 8.95
N GLY A 16 23.91 28.18 7.68
CA GLY A 16 24.64 27.56 6.59
C GLY A 16 23.75 26.85 5.59
N TYR A 17 22.44 26.97 5.76
CA TYR A 17 21.48 26.27 4.92
C TYR A 17 21.11 27.11 3.70
N LEU A 18 20.48 26.46 2.73
CA LEU A 18 20.10 27.08 1.46
C LEU A 18 18.64 26.74 1.14
N SER A 19 17.86 27.75 0.77
CA SER A 19 16.42 27.63 0.65
C SER A 19 16.00 26.89 -0.62
N VAL A 20 14.85 26.22 -0.52
CA VAL A 20 14.08 25.78 -1.69
C VAL A 20 12.60 26.02 -1.38
N LEU A 21 12.03 27.09 -1.95
CA LEU A 21 10.69 27.53 -1.60
C LEU A 21 9.74 27.34 -2.78
N ARG A 22 8.56 26.81 -2.51
CA ARG A 22 7.56 26.55 -3.55
C ARG A 22 6.76 27.80 -3.86
N THR A 23 6.55 28.06 -5.14
CA THR A 23 5.83 29.24 -5.58
C THR A 23 4.62 28.96 -6.46
N GLY A 24 4.44 27.72 -6.94
CA GLY A 24 3.30 27.44 -7.78
C GLY A 24 3.06 25.95 -7.87
N TRP A 25 1.97 25.60 -8.57
CA TRP A 25 1.59 24.23 -8.81
C TRP A 25 1.59 23.95 -10.31
N TYR A 26 2.16 22.83 -10.70
CA TYR A 26 2.21 22.40 -12.09
C TYR A 26 1.49 21.08 -12.21
N THR A 27 0.51 21.01 -13.12
CA THR A 27 -0.40 19.87 -13.19
C THR A 27 -0.28 19.18 -14.53
N ASN A 28 -0.44 17.85 -14.51
CA ASN A 28 -0.54 17.03 -15.71
C ASN A 28 -1.76 16.12 -15.56
N VAL A 29 -2.24 15.62 -16.70
CA VAL A 29 -3.39 14.73 -16.74
C VAL A 29 -2.96 13.41 -17.36
N PHE A 30 -3.30 12.30 -16.70
CA PHE A 30 -2.95 10.96 -17.16
C PHE A 30 -4.23 10.15 -17.38
N THR A 31 -4.20 9.29 -18.38
CA THR A 31 -5.30 8.35 -18.65
C THR A 31 -4.70 6.97 -18.89
N LEU A 32 -4.94 6.06 -17.96
CA LEU A 32 -4.43 4.69 -18.04
C LEU A 32 -5.58 3.77 -18.39
N GLU A 33 -5.36 2.91 -19.38
CA GLU A 33 -6.36 1.95 -19.83
C GLU A 33 -5.76 0.56 -19.86
N VAL A 34 -6.61 -0.44 -19.63
CA VAL A 34 -6.17 -1.83 -19.72
C VAL A 34 -6.02 -2.22 -21.18
N GLY A 35 -4.95 -2.93 -21.49
CA GLY A 35 -4.82 -3.49 -22.82
C GLY A 35 -5.92 -4.50 -23.09
N ASP A 36 -6.28 -4.62 -24.36
CA ASP A 36 -7.38 -5.50 -24.72
C ASP A 36 -7.05 -6.95 -24.41
N VAL A 37 -8.06 -7.70 -24.01
CA VAL A 37 -7.93 -9.11 -23.65
C VAL A 37 -8.91 -9.92 -24.48
N GLU A 38 -8.41 -11.01 -25.07
CA GLU A 38 -9.25 -11.89 -25.85
C GLU A 38 -9.95 -12.91 -24.95
N ASN A 39 -11.01 -13.51 -25.48
CA ASN A 39 -11.71 -14.60 -24.80
C ASN A 39 -11.01 -15.92 -25.07
N LEU A 40 -10.72 -16.65 -24.00
CA LEU A 40 -10.22 -18.02 -24.10
C LEU A 40 -11.42 -18.97 -24.00
N THR A 41 -11.93 -19.41 -25.15
CA THR A 41 -13.19 -20.14 -25.20
C THR A 41 -13.04 -21.64 -25.06
N CYS A 42 -11.81 -22.16 -24.90
CA CYS A 42 -11.64 -23.60 -24.76
C CYS A 42 -12.24 -24.13 -23.46
N THR A 43 -12.39 -23.28 -22.45
CA THR A 43 -13.03 -23.65 -21.19
C THR A 43 -14.35 -22.91 -21.06
N ASP A 44 -15.41 -23.63 -20.74
CA ASP A 44 -16.73 -23.05 -20.60
C ASP A 44 -17.02 -22.78 -19.13
N GLY A 45 -17.01 -21.51 -18.74
CA GLY A 45 -17.30 -21.14 -17.38
C GLY A 45 -16.09 -20.68 -16.59
N PRO A 46 -15.57 -21.55 -15.72
CA PRO A 46 -14.55 -21.11 -14.76
C PRO A 46 -13.21 -20.80 -15.38
N SER A 47 -13.06 -19.59 -15.93
CA SER A 47 -11.82 -19.15 -16.55
C SER A 47 -11.07 -18.22 -15.61
N LEU A 48 -9.77 -18.49 -15.44
CA LEU A 48 -8.95 -17.69 -14.54
C LEU A 48 -8.84 -16.25 -15.02
N ILE A 49 -8.63 -16.06 -16.33
CA ILE A 49 -8.50 -14.71 -16.87
C ILE A 49 -9.84 -13.99 -16.83
N LYS A 50 -10.94 -14.72 -17.06
CA LYS A 50 -12.25 -14.10 -16.93
C LYS A 50 -12.52 -13.66 -15.50
N THR A 51 -12.11 -14.47 -14.52
CA THR A 51 -12.25 -14.08 -13.13
C THR A 51 -11.42 -12.84 -12.82
N GLU A 52 -10.19 -12.79 -13.34
CA GLU A 52 -9.35 -11.62 -13.14
C GLU A 52 -9.97 -10.38 -13.76
N LEU A 53 -10.54 -10.51 -14.97
CA LEU A 53 -11.19 -9.39 -15.63
C LEU A 53 -12.40 -8.90 -14.85
N ASP A 54 -13.21 -9.84 -14.34
CA ASP A 54 -14.36 -9.46 -13.54
C ASP A 54 -13.92 -8.75 -12.25
N LEU A 55 -12.84 -9.23 -11.63
CA LEU A 55 -12.33 -8.59 -10.43
C LEU A 55 -11.86 -7.17 -10.73
N THR A 56 -11.16 -6.98 -11.85
CA THR A 56 -10.71 -5.64 -12.23
C THR A 56 -11.89 -4.72 -12.52
N LYS A 57 -12.91 -5.23 -13.22
CA LYS A 57 -14.08 -4.43 -13.53
C LYS A 57 -14.84 -4.03 -12.27
N SER A 58 -14.99 -4.96 -11.33
CA SER A 58 -15.65 -4.63 -10.07
C SER A 58 -14.83 -3.63 -9.26
N ALA A 59 -13.50 -3.78 -9.26
CA ALA A 59 -12.65 -2.82 -8.57
C ALA A 59 -12.78 -1.43 -9.18
N LEU A 60 -12.88 -1.36 -10.51
CA LEU A 60 -13.07 -0.08 -11.19
C LEU A 60 -14.43 0.52 -10.84
N ARG A 61 -15.46 -0.31 -10.77
CA ARG A 61 -16.79 0.18 -10.41
C ARG A 61 -16.82 0.71 -8.99
N GLU A 62 -16.13 0.04 -8.05
CA GLU A 62 -16.01 0.58 -6.70
C GLU A 62 -15.21 1.87 -6.69
N LEU A 63 -14.12 1.94 -7.46
CA LEU A 63 -13.29 3.14 -7.46
C LEU A 63 -14.03 4.33 -8.06
N LYS A 64 -14.99 4.07 -8.93
CA LYS A 64 -15.78 5.15 -9.53
C LYS A 64 -16.58 5.93 -8.48
N THR A 65 -16.86 5.32 -7.32
CA THR A 65 -17.66 5.98 -6.31
C THR A 65 -16.87 6.95 -5.45
N VAL A 66 -15.54 6.89 -5.47
CA VAL A 66 -14.70 7.80 -4.70
C VAL A 66 -14.02 8.82 -5.60
N SER A 67 -14.40 8.90 -6.87
CA SER A 67 -13.83 9.85 -7.79
C SER A 67 -14.38 11.25 -7.52
N ALA A 68 -13.62 12.27 -7.96
CA ALA A 68 -14.02 13.65 -7.74
C ALA A 68 -15.27 14.00 -8.54
N ASP A 69 -15.48 13.35 -9.68
CA ASP A 69 -16.64 13.62 -10.52
C ASP A 69 -17.85 12.80 -10.07
N GLN A 70 -19.03 13.37 -10.26
CA GLN A 70 -20.27 12.66 -9.94
C GLN A 70 -21.08 12.39 -11.21
N SER B 114 0.81 -94.86 -53.19
CA SER B 114 1.86 -93.84 -53.09
C SER B 114 1.91 -93.21 -51.70
N GLU B 115 2.74 -92.18 -51.54
CA GLU B 115 2.91 -91.50 -50.27
C GLU B 115 1.95 -90.33 -50.09
N VAL B 116 1.04 -90.12 -51.06
CA VAL B 116 0.06 -89.03 -50.96
C VAL B 116 -0.99 -89.28 -49.90
N ASN B 117 -0.99 -90.46 -49.28
CA ASN B 117 -2.00 -90.77 -48.26
C ASN B 117 -1.82 -89.91 -47.02
N ALA B 118 -0.57 -89.59 -46.68
CA ALA B 118 -0.25 -88.89 -45.44
C ALA B 118 0.17 -87.46 -45.72
N ILE B 119 -0.45 -86.82 -46.70
CA ILE B 119 -0.21 -85.41 -46.98
C ILE B 119 -1.45 -84.55 -46.80
N LYS B 120 -2.65 -85.14 -46.91
CA LYS B 120 -3.87 -84.37 -46.67
C LYS B 120 -3.96 -83.90 -45.23
N GLY B 121 -3.62 -84.78 -44.28
CA GLY B 121 -3.61 -84.38 -42.88
C GLY B 121 -2.58 -83.30 -42.60
N ALA B 122 -1.41 -83.41 -43.24
CA ALA B 122 -0.38 -82.37 -43.07
C ALA B 122 -0.86 -81.03 -43.62
N LEU B 123 -1.53 -81.05 -44.78
CA LEU B 123 -2.07 -79.81 -45.34
C LEU B 123 -3.14 -79.22 -44.44
N LYS B 124 -4.00 -80.08 -43.87
CA LYS B 124 -5.02 -79.60 -42.94
C LYS B 124 -4.40 -78.99 -41.70
N THR B 125 -3.38 -79.62 -41.14
CA THR B 125 -2.69 -79.03 -39.99
C THR B 125 -2.04 -77.70 -40.36
N THR B 126 -1.43 -77.62 -41.54
CA THR B 126 -0.79 -76.38 -41.97
C THR B 126 -1.80 -75.25 -42.10
N ASN B 127 -2.95 -75.52 -42.73
CA ASN B 127 -3.92 -74.44 -42.91
C ASN B 127 -4.60 -74.09 -41.60
N GLU B 128 -4.78 -75.06 -40.69
CA GLU B 128 -5.30 -74.73 -39.36
C GLU B 128 -4.31 -73.87 -38.58
N ALA B 129 -3.01 -74.14 -38.72
CA ALA B 129 -1.99 -73.29 -38.10
C ALA B 129 -2.02 -71.89 -38.69
N VAL B 130 -2.22 -71.80 -40.01
CA VAL B 130 -2.35 -70.49 -40.64
C VAL B 130 -3.57 -69.76 -40.08
N SER B 131 -4.69 -70.48 -39.90
CA SER B 131 -5.89 -69.87 -39.34
C SER B 131 -5.66 -69.38 -37.92
N THR B 132 -4.97 -70.17 -37.10
CA THR B 132 -4.72 -69.75 -35.72
C THR B 132 -3.72 -68.59 -35.66
N LEU B 133 -2.77 -68.53 -36.59
CA LEU B 133 -1.88 -67.38 -36.65
C LEU B 133 -2.64 -66.15 -37.11
N GLY B 134 -3.60 -66.32 -38.02
CA GLY B 134 -4.46 -65.21 -38.40
C GLY B 134 -5.29 -64.72 -37.23
N ASN B 135 -5.78 -65.63 -36.40
CA ASN B 135 -6.51 -65.25 -35.20
C ASN B 135 -5.61 -64.49 -34.23
N GLY B 136 -4.36 -64.94 -34.08
CA GLY B 136 -3.42 -64.22 -33.24
C GLY B 136 -3.13 -62.82 -33.74
N VAL B 137 -2.94 -62.68 -35.06
CA VAL B 137 -2.75 -61.35 -35.64
C VAL B 137 -4.01 -60.52 -35.48
N ARG B 138 -5.19 -61.15 -35.53
CA ARG B 138 -6.44 -60.42 -35.34
C ARG B 138 -6.54 -59.85 -33.93
N VAL B 139 -6.21 -60.66 -32.92
CA VAL B 139 -6.27 -60.15 -31.56
C VAL B 139 -5.16 -59.12 -31.31
N LEU B 140 -4.01 -59.29 -31.97
CA LEU B 140 -2.99 -58.25 -31.91
C LEU B 140 -3.49 -56.94 -32.51
N ALA B 141 -4.23 -57.03 -33.62
CA ALA B 141 -4.81 -55.85 -34.24
C ALA B 141 -5.88 -55.23 -33.36
N THR B 142 -6.64 -56.04 -32.61
CA THR B 142 -7.58 -55.49 -31.66
C THR B 142 -6.86 -54.73 -30.54
N ALA B 143 -5.75 -55.28 -30.05
CA ALA B 143 -4.96 -54.56 -29.05
C ALA B 143 -4.40 -53.26 -29.62
N VAL B 144 -3.94 -53.30 -30.88
CA VAL B 144 -3.44 -52.09 -31.53
C VAL B 144 -4.56 -51.07 -31.68
N ARG B 145 -5.76 -51.52 -32.03
CA ARG B 145 -6.93 -50.66 -32.10
C ARG B 145 -7.18 -49.98 -30.76
N GLU B 146 -7.17 -50.76 -29.69
CA GLU B 146 -7.42 -50.19 -28.36
C GLU B 146 -6.37 -49.15 -28.01
N LEU B 147 -5.10 -49.47 -28.24
CA LEU B 147 -4.03 -48.54 -27.91
C LEU B 147 -4.14 -47.25 -28.74
N LYS B 148 -4.41 -47.39 -30.04
CA LYS B 148 -4.50 -46.22 -30.90
C LYS B 148 -5.68 -45.33 -30.52
N GLU B 149 -6.84 -45.94 -30.26
CA GLU B 149 -8.00 -45.16 -29.85
C GLU B 149 -7.75 -44.47 -28.51
N PHE B 150 -7.09 -45.17 -27.57
CA PHE B 150 -6.77 -44.55 -26.29
C PHE B 150 -5.87 -43.33 -26.49
N VAL B 151 -4.75 -43.52 -27.20
CA VAL B 151 -3.80 -42.43 -27.37
C VAL B 151 -4.36 -41.31 -28.23
N SER B 152 -5.36 -41.60 -29.07
CA SER B 152 -5.92 -40.58 -29.94
C SER B 152 -7.05 -39.79 -29.29
N LYS B 153 -7.84 -40.42 -28.42
CA LYS B 153 -8.93 -39.73 -27.74
C LYS B 153 -8.53 -39.25 -26.35
N ASN B 154 -8.20 -40.18 -25.44
CA ASN B 154 -8.08 -39.82 -24.03
C ASN B 154 -6.86 -38.96 -23.77
N LEU B 155 -5.68 -39.41 -24.23
CA LEU B 155 -4.46 -38.66 -23.97
C LEU B 155 -4.46 -37.32 -24.72
N THR B 156 -4.97 -37.32 -25.95
CA THR B 156 -5.05 -36.07 -26.71
C THR B 156 -5.99 -35.07 -26.04
N SER B 157 -7.13 -35.54 -25.55
CA SER B 157 -8.05 -34.65 -24.85
C SER B 157 -7.43 -34.13 -23.54
N ALA B 158 -6.71 -34.99 -22.83
CA ALA B 158 -6.04 -34.53 -21.61
C ALA B 158 -4.99 -33.48 -21.92
N ILE B 159 -4.23 -33.67 -22.99
CA ILE B 159 -3.22 -32.70 -23.39
C ILE B 159 -3.90 -31.38 -23.80
N ASN B 160 -5.01 -31.46 -24.52
CA ASN B 160 -5.73 -30.25 -24.91
C ASN B 160 -6.23 -29.49 -23.70
N LYS B 161 -6.78 -30.21 -22.72
CA LYS B 161 -7.24 -29.56 -21.49
C LYS B 161 -6.08 -28.91 -20.73
N ASN B 162 -4.94 -29.62 -20.65
CA ASN B 162 -3.78 -29.05 -19.98
C ASN B 162 -3.29 -27.80 -20.71
N LYS B 163 -3.30 -27.83 -22.03
CA LYS B 163 -2.90 -26.67 -22.82
C LYS B 163 -3.83 -25.48 -22.57
N CYS B 164 -5.13 -25.74 -22.51
CA CYS B 164 -6.10 -24.68 -22.24
C CYS B 164 -5.87 -24.08 -20.85
N ASP B 165 -5.64 -24.92 -19.85
CA ASP B 165 -5.39 -24.41 -18.50
C ASP B 165 -4.08 -23.62 -18.42
N ILE B 166 -3.04 -24.11 -19.12
CA ILE B 166 -1.77 -23.39 -19.14
C ILE B 166 -1.95 -22.02 -19.81
N ALA B 167 -2.70 -21.98 -20.90
CA ALA B 167 -2.95 -20.70 -21.58
C ALA B 167 -3.71 -19.75 -20.67
N ASP B 168 -4.68 -20.26 -19.91
CA ASP B 168 -5.42 -19.42 -18.97
C ASP B 168 -4.49 -18.84 -17.90
N LEU B 169 -3.62 -19.69 -17.33
CA LEU B 169 -2.68 -19.23 -16.32
C LEU B 169 -1.72 -18.18 -16.90
N LYS B 170 -1.23 -18.43 -18.12
CA LYS B 170 -0.35 -17.49 -18.78
C LYS B 170 -1.04 -16.15 -19.00
N MET B 171 -2.30 -16.18 -19.43
CA MET B 171 -3.02 -14.94 -19.67
C MET B 171 -3.22 -14.16 -18.38
N ALA B 172 -3.54 -14.85 -17.28
CA ALA B 172 -3.68 -14.14 -16.01
C ALA B 172 -2.36 -13.49 -15.58
N VAL B 173 -1.27 -14.26 -15.62
CA VAL B 173 0.02 -13.74 -15.19
C VAL B 173 0.47 -12.59 -16.10
N SER B 174 0.30 -12.74 -17.41
CA SER B 174 0.69 -11.70 -18.35
C SER B 174 -0.19 -10.46 -18.21
N PHE B 175 -1.47 -10.64 -17.91
CA PHE B 175 -2.33 -9.50 -17.61
C PHE B 175 -1.76 -8.70 -16.45
N SER B 176 -1.40 -9.39 -15.37
CA SER B 176 -0.80 -8.70 -14.23
C SER B 176 0.48 -7.97 -14.64
N GLN B 177 1.36 -8.66 -15.36
CA GLN B 177 2.66 -8.08 -15.70
C GLN B 177 2.52 -6.87 -16.63
N PHE B 178 1.65 -6.96 -17.63
CA PHE B 178 1.52 -5.88 -18.59
C PHE B 178 0.72 -4.70 -18.06
N ASN B 179 -0.20 -4.93 -17.13
CA ASN B 179 -1.02 -3.84 -16.59
C ASN B 179 -0.54 -3.38 -15.22
N ARG B 180 0.62 -3.86 -14.77
CA ARG B 180 1.20 -3.48 -13.48
C ARG B 180 1.01 -2.01 -13.11
N ARG B 181 1.30 -1.08 -14.02
CA ARG B 181 1.22 0.33 -13.67
C ARG B 181 -0.22 0.75 -13.37
N PHE B 182 -1.17 0.37 -14.24
CA PHE B 182 -2.57 0.68 -14.02
C PHE B 182 -3.09 0.03 -12.74
N LEU B 183 -2.71 -1.23 -12.52
CA LEU B 183 -3.16 -1.94 -11.33
C LEU B 183 -2.62 -1.30 -10.06
N ASN B 184 -1.36 -0.85 -10.09
CA ASN B 184 -0.77 -0.19 -8.93
C ASN B 184 -1.44 1.14 -8.64
N VAL B 185 -1.74 1.92 -9.70
CA VAL B 185 -2.44 3.19 -9.49
C VAL B 185 -3.82 2.94 -8.90
N VAL B 186 -4.53 1.95 -9.43
CA VAL B 186 -5.86 1.61 -8.91
C VAL B 186 -5.76 1.18 -7.45
N ARG B 187 -4.77 0.36 -7.13
CA ARG B 187 -4.59 -0.11 -5.75
C ARG B 187 -4.33 1.05 -4.81
N GLN B 188 -3.45 1.98 -5.19
CA GLN B 188 -3.13 3.10 -4.31
C GLN B 188 -4.35 4.01 -4.11
N PHE B 189 -5.09 4.28 -5.18
CA PHE B 189 -6.27 5.14 -5.04
C PHE B 189 -7.37 4.46 -4.23
N SER B 190 -7.51 3.14 -4.36
CA SER B 190 -8.46 2.40 -3.53
C SER B 190 -8.02 2.41 -2.07
N ASP B 191 -6.72 2.27 -1.81
CA ASP B 191 -6.22 2.26 -0.45
C ASP B 191 -6.44 3.59 0.25
N ASN B 192 -6.17 4.70 -0.43
CA ASN B 192 -6.31 6.01 0.20
C ASN B 192 -7.60 6.72 -0.20
N ALA B 193 -8.51 6.02 -0.88
CA ALA B 193 -9.85 6.53 -1.21
C ALA B 193 -9.80 7.77 -2.09
N GLY B 194 -9.25 7.61 -3.29
CA GLY B 194 -9.30 8.63 -4.31
C GLY B 194 -8.21 9.68 -4.26
N ILE B 195 -7.21 9.50 -3.40
CA ILE B 195 -6.10 10.44 -3.27
C ILE B 195 -4.83 9.64 -3.00
N THR B 196 -3.68 10.21 -3.35
CA THR B 196 -2.40 9.56 -3.08
C THR B 196 -1.52 10.55 -2.31
N PRO B 197 -0.93 10.13 -1.19
CA PRO B 197 -0.19 11.10 -0.36
C PRO B 197 1.05 11.69 -1.01
N ALA B 198 1.60 11.06 -2.05
CA ALA B 198 2.78 11.55 -2.74
C ALA B 198 2.61 11.30 -4.23
N ILE B 199 3.69 11.48 -4.99
CA ILE B 199 3.72 11.12 -6.40
C ILE B 199 4.55 9.85 -6.49
N SER B 200 3.88 8.70 -6.54
CA SER B 200 4.59 7.44 -6.57
C SER B 200 5.24 7.21 -7.93
N LEU B 201 6.12 6.21 -7.99
CA LEU B 201 6.83 5.91 -9.22
C LEU B 201 5.91 5.35 -10.30
N ASP B 202 4.71 4.92 -9.93
CA ASP B 202 3.75 4.41 -10.90
C ASP B 202 2.75 5.46 -11.36
N LEU B 203 2.52 6.49 -10.55
CA LEU B 203 1.74 7.64 -11.00
C LEU B 203 2.46 8.37 -12.13
N MET B 204 3.78 8.54 -12.01
CA MET B 204 4.54 9.33 -12.95
C MET B 204 5.96 8.80 -12.99
N THR B 205 6.41 8.39 -14.17
CA THR B 205 7.76 7.85 -14.31
C THR B 205 8.79 8.97 -14.22
N ASP B 206 10.07 8.55 -14.14
CA ASP B 206 11.15 9.51 -14.00
C ASP B 206 11.31 10.37 -15.25
N ALA B 207 11.17 9.77 -16.43
CA ALA B 207 11.27 10.55 -17.67
C ALA B 207 10.13 11.55 -17.77
N GLU B 208 8.91 11.14 -17.40
CA GLU B 208 7.79 12.08 -17.40
C GLU B 208 8.04 13.22 -16.42
N LEU B 209 8.53 12.91 -15.23
CA LEU B 209 8.78 13.96 -14.23
C LEU B 209 9.87 14.90 -14.70
N ALA B 210 10.92 14.37 -15.34
CA ALA B 210 12.00 15.21 -15.84
C ALA B 210 11.51 16.13 -16.95
N ARG B 211 10.70 15.61 -17.87
CA ARG B 211 10.14 16.45 -18.92
C ARG B 211 9.25 17.55 -18.34
N ALA B 212 8.41 17.19 -17.37
CA ALA B 212 7.55 18.18 -16.74
C ALA B 212 8.36 19.26 -16.04
N VAL B 213 9.44 18.88 -15.37
CA VAL B 213 10.29 19.87 -14.71
C VAL B 213 10.95 20.77 -15.74
N SER B 214 11.40 20.19 -16.86
CA SER B 214 12.00 21.00 -17.92
C SER B 214 10.99 21.96 -18.55
N TYR B 215 9.70 21.63 -18.51
CA TYR B 215 8.67 22.49 -19.08
C TYR B 215 8.16 23.55 -18.10
N MET B 216 8.65 23.56 -16.86
CA MET B 216 8.11 24.49 -15.87
C MET B 216 8.56 25.92 -16.15
N PRO B 217 7.74 26.91 -15.82
CA PRO B 217 8.10 28.32 -16.05
C PRO B 217 9.01 28.88 -14.97
N THR B 218 10.26 28.38 -14.95
CA THR B 218 11.28 28.87 -14.04
C THR B 218 12.57 29.04 -14.83
N SER B 219 13.67 29.28 -14.11
CA SER B 219 14.96 29.50 -14.72
C SER B 219 15.82 28.25 -14.66
N ALA B 220 17.01 28.33 -15.27
CA ALA B 220 17.86 27.16 -15.42
C ALA B 220 18.35 26.63 -14.08
N GLY B 221 18.69 27.53 -13.15
CA GLY B 221 19.17 27.08 -11.85
C GLY B 221 18.10 26.34 -11.06
N GLN B 222 16.88 26.88 -11.05
CA GLN B 222 15.78 26.20 -10.37
C GLN B 222 15.48 24.86 -11.02
N ILE B 223 15.49 24.82 -12.36
CA ILE B 223 15.21 23.56 -13.06
C ILE B 223 16.27 22.52 -12.71
N LYS B 224 17.54 22.92 -12.69
CA LYS B 224 18.63 22.01 -12.36
C LYS B 224 18.52 21.49 -10.93
N LEU B 225 18.20 22.39 -9.98
CA LEU B 225 18.02 21.92 -8.60
C LEU B 225 16.85 20.97 -8.48
N MET B 226 15.78 21.20 -9.25
CA MET B 226 14.65 20.26 -9.23
C MET B 226 15.05 18.89 -9.77
N LEU B 227 15.80 18.86 -10.87
CA LEU B 227 16.27 17.57 -11.37
C LEU B 227 17.26 16.92 -10.40
N GLU B 228 17.87 17.70 -9.51
CA GLU B 228 18.72 17.10 -8.49
C GLU B 228 17.90 16.55 -7.31
N ASN B 229 16.81 17.21 -6.94
CA ASN B 229 15.99 16.84 -5.80
C ASN B 229 14.59 16.38 -6.22
N ARG B 230 14.54 15.63 -7.32
CA ARG B 230 13.29 15.01 -7.76
C ARG B 230 12.60 14.20 -6.66
N ALA B 231 13.36 13.60 -5.76
CA ALA B 231 12.72 12.88 -4.65
C ALA B 231 11.91 13.83 -3.77
N MET B 232 12.45 15.00 -3.48
CA MET B 232 11.72 15.95 -2.66
C MET B 232 10.55 16.56 -3.42
N VAL B 233 10.68 16.75 -4.73
CA VAL B 233 9.52 17.25 -5.48
C VAL B 233 8.41 16.21 -5.51
N ARG B 234 8.78 14.92 -5.60
CA ARG B 234 7.78 13.85 -5.51
C ARG B 234 7.09 13.85 -4.16
N ARG B 235 7.87 13.98 -3.07
CA ARG B 235 7.26 13.93 -1.74
C ARG B 235 6.48 15.19 -1.42
N LYS B 236 6.72 16.29 -2.12
CA LYS B 236 5.92 17.49 -1.94
C LYS B 236 4.76 17.60 -2.91
N GLY B 237 4.68 16.72 -3.92
CA GLY B 237 3.52 16.64 -4.77
C GLY B 237 2.51 15.62 -4.27
N PHE B 238 1.49 15.40 -5.10
CA PHE B 238 0.45 14.41 -4.79
C PHE B 238 -0.40 14.19 -6.04
N GLY B 239 -1.28 13.19 -5.94
CA GLY B 239 -2.16 12.86 -7.04
C GLY B 239 -3.62 12.89 -6.62
N ILE B 240 -4.47 13.18 -7.60
CA ILE B 240 -5.91 13.32 -7.37
C ILE B 240 -6.65 12.46 -8.39
N LEU B 241 -7.54 11.62 -7.92
CA LEU B 241 -8.37 10.80 -8.80
C LEU B 241 -9.55 11.63 -9.28
N ILE B 242 -9.79 11.63 -10.60
CA ILE B 242 -10.82 12.48 -11.17
C ILE B 242 -12.05 11.67 -11.57
N GLY B 243 -11.85 10.58 -12.29
CA GLY B 243 -13.00 9.80 -12.71
C GLY B 243 -12.61 8.50 -13.36
N VAL B 244 -13.64 7.72 -13.70
CA VAL B 244 -13.48 6.44 -14.37
C VAL B 244 -14.38 6.43 -15.60
N TYR B 245 -13.82 6.11 -16.76
CA TYR B 245 -14.56 6.05 -18.00
C TYR B 245 -14.25 4.71 -18.67
N GLY B 246 -15.26 3.86 -18.79
CA GLY B 246 -15.04 2.55 -19.35
C GLY B 246 -14.05 1.76 -18.51
N SER B 247 -12.97 1.31 -19.14
CA SER B 247 -11.88 0.61 -18.45
C SER B 247 -10.67 1.51 -18.24
N SER B 248 -10.90 2.78 -17.93
CA SER B 248 -9.83 3.75 -17.80
C SER B 248 -9.97 4.50 -16.48
N VAL B 249 -8.83 4.92 -15.95
CA VAL B 249 -8.78 5.76 -14.76
C VAL B 249 -8.12 7.09 -15.15
N ILE B 250 -8.72 8.19 -14.72
CA ILE B 250 -8.26 9.52 -15.07
C ILE B 250 -7.88 10.23 -13.78
N TYR B 251 -6.66 10.76 -13.73
CA TYR B 251 -6.17 11.41 -12.52
C TYR B 251 -5.21 12.53 -12.90
N MET B 252 -4.97 13.40 -11.94
CA MET B 252 -4.08 14.55 -12.11
C MET B 252 -2.98 14.50 -11.07
N VAL B 253 -1.74 14.71 -11.52
CA VAL B 253 -0.61 14.89 -10.61
C VAL B 253 -0.38 16.38 -10.45
N GLN B 254 -0.06 16.80 -9.24
CA GLN B 254 0.16 18.21 -8.91
C GLN B 254 1.59 18.35 -8.41
N LEU B 255 2.48 18.86 -9.27
CA LEU B 255 3.91 18.97 -9.01
C LEU B 255 4.24 20.33 -8.41
N PRO B 256 5.13 20.41 -7.44
CA PRO B 256 5.50 21.72 -6.88
C PRO B 256 6.48 22.45 -7.78
N ILE B 257 6.38 23.79 -7.75
CA ILE B 257 7.28 24.66 -8.51
C ILE B 257 8.13 25.44 -7.52
N PHE B 258 9.43 25.18 -7.52
CA PHE B 258 10.38 25.79 -6.60
C PHE B 258 11.06 26.96 -7.31
N GLY B 259 10.54 28.15 -7.09
CA GLY B 259 11.05 29.33 -7.76
C GLY B 259 12.14 30.08 -7.02
N VAL B 260 12.26 29.82 -5.71
CA VAL B 260 13.25 30.47 -4.86
C VAL B 260 14.24 29.42 -4.41
N ILE B 261 15.54 29.66 -4.65
CA ILE B 261 16.58 28.73 -4.27
C ILE B 261 17.78 29.48 -3.74
N ASP B 262 18.54 28.81 -2.87
CA ASP B 262 19.89 29.22 -2.46
C ASP B 262 19.90 30.57 -1.76
N THR B 263 19.04 30.74 -0.77
CA THR B 263 19.11 31.89 0.12
C THR B 263 19.41 31.42 1.55
N PRO B 264 20.02 32.28 2.36
CA PRO B 264 20.39 31.86 3.72
C PRO B 264 19.17 31.52 4.58
N CYS B 265 19.26 30.39 5.27
CA CYS B 265 18.29 30.00 6.28
C CYS B 265 19.03 29.59 7.54
N TRP B 266 18.41 29.84 8.69
CA TRP B 266 19.01 29.51 9.98
C TRP B 266 17.93 29.05 10.95
N ILE B 267 18.30 28.15 11.86
CA ILE B 267 17.38 27.58 12.82
C ILE B 267 17.82 27.99 14.22
N ILE B 268 16.84 28.28 15.07
CA ILE B 268 17.07 28.80 16.42
C ILE B 268 16.44 27.84 17.42
N LYS B 269 17.21 27.45 18.43
CA LYS B 269 16.72 26.64 19.53
C LYS B 269 17.13 27.28 20.84
N ALA B 270 16.29 27.11 21.86
CA ALA B 270 16.49 27.80 23.13
C ALA B 270 16.20 26.86 24.29
N ALA B 271 16.67 27.28 25.47
CA ALA B 271 16.45 26.61 26.72
C ALA B 271 16.21 27.67 27.78
N PRO B 272 15.52 27.32 28.86
CA PRO B 272 15.29 28.31 29.93
C PRO B 272 16.59 28.82 30.52
N SER B 273 16.63 30.12 30.80
CA SER B 273 17.81 30.78 31.38
C SER B 273 17.40 31.36 32.72
N CYS B 274 17.61 30.59 33.78
CA CYS B 274 17.13 30.95 35.11
C CYS B 274 18.28 31.52 35.93
N SER B 275 18.04 32.67 36.56
CA SER B 275 19.00 33.28 37.46
C SER B 275 18.39 33.37 38.86
N GLU B 276 19.13 32.91 39.86
CA GLU B 276 18.62 32.82 41.23
C GLU B 276 19.21 33.93 42.07
N LYS B 277 18.33 34.71 42.71
CA LYS B 277 18.73 35.73 43.67
C LYS B 277 17.86 35.58 44.90
N ASP B 278 18.49 35.58 46.08
CA ASP B 278 17.80 35.49 47.37
C ASP B 278 16.91 34.24 47.45
N GLY B 279 17.20 33.23 46.64
CA GLY B 279 16.33 32.07 46.53
C GLY B 279 15.15 32.25 45.60
N ASN B 280 15.00 33.42 44.98
CA ASN B 280 13.91 33.69 44.06
C ASN B 280 14.44 33.67 42.64
N TYR B 281 13.76 32.93 41.76
CA TYR B 281 14.22 32.68 40.41
C TYR B 281 13.57 33.66 39.43
N ALA B 282 14.26 33.89 38.31
CA ALA B 282 13.73 34.66 37.19
C ALA B 282 14.21 33.99 35.91
N CYS B 283 13.31 33.31 35.22
CA CYS B 283 13.66 32.51 34.06
C CYS B 283 13.20 33.22 32.79
N LEU B 284 14.04 33.19 31.77
CA LEU B 284 13.76 33.81 30.47
C LEU B 284 13.92 32.76 29.38
N LEU B 285 12.90 32.61 28.55
CA LEU B 285 12.94 31.67 27.45
C LEU B 285 12.53 32.38 26.17
N ARG B 286 13.25 32.13 25.09
CA ARG B 286 12.91 32.70 23.79
C ARG B 286 11.79 31.92 23.14
N GLU B 287 10.86 32.64 22.50
CA GLU B 287 9.79 32.03 21.73
C GLU B 287 10.02 32.17 20.23
N ASP B 288 11.23 32.53 19.82
CA ASP B 288 11.59 32.67 18.41
C ASP B 288 11.96 31.34 17.77
N GLN B 289 11.81 30.22 18.48
CA GLN B 289 12.37 28.96 18.02
C GLN B 289 11.73 28.51 16.71
N GLY B 290 12.55 27.97 15.83
CA GLY B 290 12.08 27.45 14.56
C GLY B 290 13.04 27.84 13.44
N TRP B 291 12.53 27.77 12.22
CA TRP B 291 13.29 28.07 11.01
C TRP B 291 13.06 29.51 10.57
N TYR B 292 14.15 30.16 10.15
CA TYR B 292 14.09 31.49 9.54
C TYR B 292 14.90 31.44 8.25
N CYS B 293 14.22 31.60 7.11
CA CYS B 293 14.89 31.71 5.82
C CYS B 293 14.45 32.99 5.14
N LYS B 294 15.42 33.76 4.64
CA LYS B 294 15.16 35.08 4.09
C LYS B 294 14.69 34.99 2.64
N ASN B 295 13.87 35.97 2.26
CA ASN B 295 13.26 36.01 0.93
C ASN B 295 13.28 37.45 0.45
N ALA B 296 12.54 37.73 -0.62
CA ALA B 296 12.45 39.07 -1.17
C ALA B 296 11.36 39.86 -0.45
N GLY B 297 11.74 40.97 0.16
CA GLY B 297 10.80 41.83 0.84
C GLY B 297 10.55 41.49 2.30
N SER B 298 10.92 40.29 2.74
CA SER B 298 10.66 39.85 4.11
C SER B 298 11.39 38.53 4.33
N THR B 299 11.31 38.04 5.57
CA THR B 299 11.84 36.74 5.96
C THR B 299 10.68 35.85 6.37
N VAL B 300 10.75 34.58 5.98
CA VAL B 300 9.71 33.61 6.31
C VAL B 300 10.11 32.87 7.57
N TYR B 301 9.19 32.78 8.52
CA TYR B 301 9.42 32.15 9.81
C TYR B 301 8.51 30.95 9.97
N TYR B 302 9.09 29.81 10.36
CA TYR B 302 8.34 28.57 10.56
C TYR B 302 8.49 28.14 12.02
N PRO B 303 7.46 28.34 12.86
CA PRO B 303 7.62 28.06 14.29
C PRO B 303 7.91 26.61 14.63
N ASN B 304 7.39 25.66 13.86
CA ASN B 304 7.59 24.25 14.16
C ASN B 304 8.83 23.72 13.45
N GLU B 305 9.60 22.89 14.15
CA GLU B 305 10.85 22.40 13.60
C GLU B 305 10.64 21.46 12.41
N LYS B 306 9.50 20.80 12.34
CA LYS B 306 9.21 19.90 11.23
C LYS B 306 8.48 20.57 10.08
N ASP B 307 8.30 21.90 10.14
CA ASP B 307 7.73 22.61 9.01
C ASP B 307 8.68 22.66 7.82
N CYS B 308 9.98 22.55 8.06
CA CYS B 308 10.99 22.54 7.00
C CYS B 308 11.76 21.23 7.05
N GLU B 309 12.02 20.67 5.87
CA GLU B 309 12.65 19.36 5.74
C GLU B 309 14.05 19.54 5.15
N THR B 310 15.06 19.04 5.86
CA THR B 310 16.45 19.20 5.45
C THR B 310 16.91 17.97 4.68
N ARG B 311 17.50 18.21 3.51
CA ARG B 311 18.11 17.16 2.70
C ARG B 311 19.48 17.65 2.27
N GLY B 312 20.54 17.00 2.78
CA GLY B 312 21.87 17.51 2.54
C GLY B 312 22.03 18.87 3.20
N ASP B 313 22.41 19.87 2.40
CA ASP B 313 22.54 21.23 2.89
C ASP B 313 21.35 22.10 2.52
N HIS B 314 20.45 21.62 1.68
CA HIS B 314 19.26 22.37 1.30
C HIS B 314 18.10 22.05 2.24
N VAL B 315 17.33 23.07 2.59
CA VAL B 315 16.19 22.95 3.49
C VAL B 315 14.93 23.31 2.71
N PHE B 316 14.00 22.36 2.63
CA PHE B 316 12.76 22.53 1.90
C PHE B 316 11.64 22.84 2.89
N CYS B 317 11.09 24.05 2.78
CA CYS B 317 10.12 24.55 3.75
C CYS B 317 8.71 24.49 3.17
N ASP B 318 7.72 24.36 4.06
CA ASP B 318 6.33 24.25 3.65
C ASP B 318 5.68 25.64 3.67
N THR B 319 5.16 26.07 2.52
CA THR B 319 4.61 27.41 2.40
C THR B 319 3.34 27.60 3.22
N ALA B 320 2.58 26.54 3.48
CA ALA B 320 1.35 26.68 4.24
C ALA B 320 1.62 27.10 5.68
N ALA B 321 2.76 26.70 6.23
CA ALA B 321 3.12 27.00 7.60
C ALA B 321 3.97 28.26 7.74
N GLY B 322 4.32 28.91 6.64
CA GLY B 322 5.21 30.05 6.72
C GLY B 322 4.53 31.29 7.25
N ILE B 323 5.31 32.11 7.97
CA ILE B 323 4.87 33.39 8.47
C ILE B 323 5.87 34.44 8.03
N ASN B 324 5.40 35.51 7.39
CA ASN B 324 6.28 36.56 6.93
C ASN B 324 6.56 37.55 8.05
N VAL B 325 7.85 37.79 8.32
CA VAL B 325 8.28 38.74 9.34
C VAL B 325 9.33 39.67 8.73
N ALA B 326 9.57 40.76 9.42
CA ALA B 326 10.55 41.74 8.97
C ALA B 326 11.95 41.14 8.98
N GLU B 327 12.80 41.65 8.08
CA GLU B 327 14.19 41.20 8.04
C GLU B 327 14.95 41.64 9.27
N GLN B 328 14.42 42.59 10.04
CA GLN B 328 15.04 43.06 11.28
C GLN B 328 14.89 42.06 12.42
N SER B 329 14.30 40.90 12.18
CA SER B 329 14.20 39.86 13.20
C SER B 329 15.56 39.27 13.53
N ARG B 330 16.56 39.47 12.68
CA ARG B 330 17.89 38.93 12.92
C ARG B 330 18.56 39.56 14.13
N GLU B 331 18.13 40.75 14.55
CA GLU B 331 18.74 41.41 15.68
C GLU B 331 18.54 40.67 17.00
N CYS B 332 17.59 39.73 17.04
CA CYS B 332 17.37 38.95 18.26
C CYS B 332 18.54 38.04 18.58
N ASN B 333 19.38 37.71 17.59
CA ASN B 333 20.51 36.82 17.78
C ASN B 333 21.79 37.55 18.17
N ILE B 334 21.71 38.85 18.43
CA ILE B 334 22.86 39.66 18.82
C ILE B 334 22.64 40.29 20.21
N ASN B 335 21.48 40.90 20.42
CA ASN B 335 21.17 41.53 21.70
C ASN B 335 19.65 41.49 21.85
N ILE B 336 19.17 40.56 22.69
CA ILE B 336 17.71 40.41 22.87
C ILE B 336 17.08 41.69 23.39
N SER B 337 17.80 42.44 24.23
CA SER B 337 17.28 43.66 24.80
C SER B 337 17.30 44.84 23.82
N THR B 338 17.49 44.58 22.53
CA THR B 338 17.53 45.65 21.55
C THR B 338 16.18 46.34 21.42
N THR B 339 16.21 47.64 21.16
CA THR B 339 14.99 48.42 20.97
C THR B 339 14.58 48.52 19.51
N ASN B 340 15.36 47.96 18.59
CA ASN B 340 14.98 47.98 17.18
C ASN B 340 13.91 46.95 16.85
N TYR B 341 13.87 45.84 17.58
CA TYR B 341 12.92 44.78 17.31
C TYR B 341 12.36 44.23 18.62
N PRO B 342 11.04 44.08 18.73
CA PRO B 342 10.44 43.44 19.91
C PRO B 342 10.60 41.92 19.89
N CYS B 343 11.76 41.45 20.34
CA CYS B 343 11.99 40.02 20.43
C CYS B 343 11.01 39.39 21.41
N LYS B 344 10.40 38.27 20.99
CA LYS B 344 9.36 37.64 21.80
C LYS B 344 10.01 36.67 22.78
N VAL B 345 9.97 37.03 24.07
CA VAL B 345 10.48 36.20 25.14
C VAL B 345 9.39 36.03 26.20
N SER B 346 9.38 34.88 26.84
CA SER B 346 8.44 34.60 27.92
C SER B 346 9.19 34.55 29.24
N THR B 347 8.66 35.27 30.23
CA THR B 347 9.27 35.33 31.55
C THR B 347 8.59 34.34 32.47
N GLY B 348 9.32 33.91 33.51
CA GLY B 348 8.80 32.96 34.47
C GLY B 348 9.31 33.29 35.87
N ARG B 349 8.89 32.44 36.81
CA ARG B 349 9.32 32.55 38.19
C ARG B 349 9.74 31.22 38.81
N HIS B 350 9.28 30.10 38.25
CA HIS B 350 9.60 28.79 38.78
C HIS B 350 10.60 28.09 37.87
N PRO B 351 11.68 27.54 38.41
CA PRO B 351 12.73 26.97 37.55
C PRO B 351 12.26 25.74 36.78
N ILE B 352 12.84 25.58 35.59
CA ILE B 352 12.54 24.47 34.71
C ILE B 352 13.85 23.87 34.23
N SER B 353 13.98 22.55 34.33
CA SER B 353 15.19 21.83 33.92
C SER B 353 14.85 20.93 32.75
N MET B 354 15.66 21.02 31.69
CA MET B 354 15.43 20.23 30.49
C MET B 354 16.72 20.18 29.68
N VAL B 355 16.70 19.37 28.62
CA VAL B 355 17.77 19.34 27.63
C VAL B 355 17.14 19.62 26.27
N ALA B 356 17.56 20.72 25.65
CA ALA B 356 17.07 21.12 24.33
C ALA B 356 18.08 20.63 23.28
N LEU B 357 17.70 19.60 22.55
CA LEU B 357 18.60 19.04 21.54
C LEU B 357 18.83 20.04 20.42
N SER B 358 20.02 20.02 19.86
CA SER B 358 20.49 20.96 18.85
C SER B 358 20.98 20.19 17.63
N PRO B 359 21.04 20.84 16.45
CA PRO B 359 21.52 20.12 15.26
C PRO B 359 22.91 19.53 15.40
N LEU B 360 23.82 20.20 16.11
CA LEU B 360 25.17 19.70 16.31
C LEU B 360 25.55 19.62 17.78
N GLY B 361 24.56 19.54 18.67
CA GLY B 361 24.84 19.49 20.09
C GLY B 361 23.59 19.44 20.95
N ALA B 362 23.59 20.17 22.06
CA ALA B 362 22.44 20.23 22.96
C ALA B 362 22.68 21.32 23.98
N LEU B 363 21.59 21.90 24.47
CA LEU B 363 21.60 22.81 25.61
C LEU B 363 21.00 22.09 26.81
N VAL B 364 21.70 22.15 27.94
CA VAL B 364 21.24 21.51 29.17
C VAL B 364 21.07 22.58 30.24
N ALA B 365 19.94 22.50 30.94
CA ALA B 365 19.62 23.44 32.01
C ALA B 365 19.51 22.69 33.32
N CYS B 366 20.08 23.27 34.38
CA CYS B 366 20.22 22.59 35.67
C CYS B 366 19.99 23.59 36.78
N TYR B 367 18.93 23.40 37.56
CA TYR B 367 18.58 24.34 38.61
C TYR B 367 18.01 23.62 39.81
N LYS B 368 18.20 24.22 40.99
CA LYS B 368 17.62 23.78 42.27
C LYS B 368 17.96 22.31 42.50
N GLY B 369 16.98 21.45 42.80
CA GLY B 369 17.25 20.07 43.16
C GLY B 369 17.18 19.06 42.03
N VAL B 370 18.10 19.12 41.07
CA VAL B 370 18.26 18.09 40.06
C VAL B 370 19.74 17.81 39.89
N SER B 371 20.10 16.54 39.76
CA SER B 371 21.48 16.11 39.56
C SER B 371 21.65 15.74 38.09
N CYS B 372 22.45 16.52 37.38
CA CYS B 372 22.65 16.36 35.94
C CYS B 372 24.13 16.30 35.62
N SER B 373 24.49 15.44 34.67
CA SER B 373 25.88 15.17 34.38
C SER B 373 26.03 14.74 32.94
N ILE B 374 27.25 14.88 32.43
CA ILE B 374 27.63 14.42 31.09
C ILE B 374 28.28 13.06 31.20
N GLY B 375 27.84 12.13 30.36
CA GLY B 375 28.38 10.78 30.42
C GLY B 375 28.42 10.06 29.09
N SER B 376 28.67 8.76 29.14
CA SER B 376 28.74 7.90 27.96
C SER B 376 27.74 6.75 28.12
N ASN B 377 27.73 5.86 27.13
CA ASN B 377 26.81 4.74 27.15
C ASN B 377 27.44 3.51 27.80
N ARG B 378 28.74 3.28 27.57
CA ARG B 378 29.37 2.06 28.04
C ARG B 378 30.06 2.26 29.39
N VAL B 379 30.94 3.27 29.49
CA VAL B 379 31.74 3.43 30.69
C VAL B 379 30.98 4.19 31.76
N GLY B 380 30.03 5.03 31.37
CA GLY B 380 29.21 5.77 32.31
C GLY B 380 29.57 7.25 32.35
N ILE B 381 29.56 7.80 33.56
CA ILE B 381 29.72 9.24 33.73
C ILE B 381 31.09 9.69 33.22
N ILE B 382 31.12 10.91 32.67
CA ILE B 382 32.36 11.51 32.20
C ILE B 382 32.62 12.79 32.98
N LYS B 383 31.55 13.47 33.39
CA LYS B 383 31.68 14.76 34.03
C LYS B 383 30.34 15.16 34.65
N GLN B 384 30.39 15.93 35.72
CA GLN B 384 29.19 16.49 36.32
C GLN B 384 29.04 17.95 35.89
N LEU B 385 27.82 18.31 35.49
CA LEU B 385 27.55 19.64 34.96
C LEU B 385 27.20 20.61 36.08
N PRO B 386 27.60 21.87 35.95
CA PRO B 386 27.22 22.87 36.95
C PRO B 386 25.77 23.30 36.79
N LYS B 387 25.40 24.35 37.54
CA LYS B 387 24.06 24.89 37.46
C LYS B 387 23.99 26.02 36.43
N GLY B 388 22.91 26.04 35.66
CA GLY B 388 22.73 27.00 34.60
C GLY B 388 22.64 26.33 33.25
N CYS B 389 22.86 27.08 32.16
CA CYS B 389 22.94 26.50 30.82
C CYS B 389 24.37 26.09 30.52
N SER B 390 24.53 24.92 29.90
CA SER B 390 25.79 24.48 29.36
C SER B 390 25.55 23.92 27.97
N TYR B 391 26.44 24.26 27.04
CA TYR B 391 26.33 23.80 25.67
C TYR B 391 27.27 22.62 25.46
N ILE B 392 26.72 21.49 25.04
CA ILE B 392 27.46 20.25 24.87
C ILE B 392 27.47 19.91 23.39
N THR B 393 28.64 19.61 22.86
CA THR B 393 28.78 19.25 21.46
C THR B 393 28.59 17.75 21.28
N ASN B 394 28.13 17.36 20.09
CA ASN B 394 27.92 15.95 19.80
C ASN B 394 29.21 15.16 19.90
N GLN B 395 30.36 15.82 19.74
CA GLN B 395 31.66 15.18 19.87
C GLN B 395 32.19 15.19 21.30
N ASP B 396 31.57 15.95 22.20
CA ASP B 396 32.03 15.99 23.57
C ASP B 396 31.72 14.69 24.31
N ALA B 397 30.52 14.15 24.10
CA ALA B 397 30.07 12.96 24.83
C ALA B 397 28.97 12.30 24.01
N ASP B 398 28.24 11.39 24.65
CA ASP B 398 27.19 10.64 23.98
C ASP B 398 25.81 10.81 24.60
N THR B 399 25.71 10.93 25.92
CA THR B 399 24.42 11.02 26.59
C THR B 399 24.42 12.18 27.57
N VAL B 400 23.22 12.63 27.91
CA VAL B 400 23.00 13.60 28.98
C VAL B 400 22.05 12.98 30.00
N THR B 401 22.40 13.07 31.27
CA THR B 401 21.60 12.52 32.35
C THR B 401 21.05 13.65 33.20
N ILE B 402 19.74 13.62 33.47
CA ILE B 402 19.10 14.53 34.40
C ILE B 402 18.39 13.67 35.44
N ASP B 403 18.83 13.77 36.69
CA ASP B 403 18.34 12.89 37.76
C ASP B 403 18.51 11.43 37.36
N ASN B 404 17.41 10.74 37.06
CA ASN B 404 17.46 9.37 36.56
C ASN B 404 17.15 9.29 35.07
N THR B 405 16.93 10.41 34.41
CA THR B 405 16.59 10.44 32.99
C THR B 405 17.84 10.64 32.15
N VAL B 406 18.03 9.76 31.17
CA VAL B 406 19.21 9.79 30.32
C VAL B 406 18.77 10.10 28.89
N TYR B 407 19.28 11.20 28.34
CA TYR B 407 18.95 11.64 26.99
C TYR B 407 20.14 11.40 26.08
N GLN B 408 19.88 10.83 24.91
CA GLN B 408 20.92 10.61 23.92
C GLN B 408 21.20 11.88 23.13
N LEU B 409 22.46 12.06 22.73
CA LEU B 409 22.85 13.20 21.92
C LEU B 409 22.75 12.91 20.43
N SER B 410 23.10 11.70 20.02
CA SER B 410 23.06 11.29 18.62
C SER B 410 22.34 9.96 18.50
N LYS B 411 22.09 9.56 17.25
CA LYS B 411 21.48 8.26 17.02
C LYS B 411 22.43 7.15 17.46
N VAL B 412 21.88 6.14 18.13
CA VAL B 412 22.66 5.00 18.60
C VAL B 412 22.69 3.98 17.47
N GLU B 413 23.79 3.94 16.74
CA GLU B 413 23.92 3.03 15.61
C GLU B 413 24.03 1.60 16.11
N GLY B 414 23.13 0.73 15.64
CA GLY B 414 23.09 -0.63 16.13
C GLY B 414 23.60 -1.65 15.15
N GLU B 415 22.86 -2.75 15.00
CA GLU B 415 23.29 -3.85 14.16
C GLU B 415 23.16 -3.49 12.68
N GLN B 416 23.85 -4.28 11.85
CA GLN B 416 23.71 -4.23 10.41
C GLN B 416 23.33 -5.61 9.91
N HIS B 417 22.24 -5.69 9.14
CA HIS B 417 21.70 -6.95 8.67
C HIS B 417 21.89 -7.07 7.18
N VAL B 418 22.15 -8.29 6.71
CA VAL B 418 22.28 -8.61 5.29
C VAL B 418 21.48 -9.89 5.05
N ILE B 419 20.29 -9.75 4.50
CA ILE B 419 19.40 -10.88 4.23
C ILE B 419 19.26 -11.03 2.72
N LYS B 420 19.45 -12.25 2.24
CA LYS B 420 19.23 -12.58 0.84
C LYS B 420 18.11 -13.60 0.73
N GLY B 421 17.25 -13.43 -0.27
CA GLY B 421 16.16 -14.35 -0.46
C GLY B 421 16.62 -15.71 -0.96
N ARG B 422 15.71 -16.68 -0.89
CA ARG B 422 16.03 -18.03 -1.32
C ARG B 422 16.21 -18.08 -2.83
N PRO B 423 17.00 -19.02 -3.34
CA PRO B 423 17.17 -19.15 -4.78
C PRO B 423 15.93 -19.69 -5.47
N VAL B 424 15.83 -19.41 -6.75
CA VAL B 424 14.77 -19.92 -7.61
C VAL B 424 15.43 -20.73 -8.73
N SER B 425 14.99 -21.97 -8.90
CA SER B 425 15.64 -22.89 -9.84
C SER B 425 14.59 -23.47 -10.78
N SER B 426 15.05 -23.79 -11.99
CA SER B 426 14.21 -24.40 -13.01
C SER B 426 14.01 -25.88 -12.72
N SER B 427 12.92 -26.42 -13.25
CA SER B 427 12.59 -27.83 -13.12
C SER B 427 12.18 -28.42 -14.47
N PHE B 428 12.89 -28.04 -15.53
CA PHE B 428 12.60 -28.54 -16.87
C PHE B 428 13.27 -29.88 -17.07
N ASP B 429 12.48 -30.92 -17.31
CA ASP B 429 12.96 -32.29 -17.50
C ASP B 429 12.34 -32.85 -18.77
N PRO B 430 12.91 -32.54 -19.93
CA PRO B 430 12.31 -32.98 -21.20
C PRO B 430 12.32 -34.49 -21.34
N ILE B 431 11.51 -34.97 -22.27
CA ILE B 431 11.28 -36.40 -22.48
C ILE B 431 11.94 -36.83 -23.78
N ARG B 432 12.33 -38.11 -23.82
CA ARG B 432 13.00 -38.69 -24.98
C ARG B 432 12.59 -40.14 -25.12
N PHE B 433 12.45 -40.60 -26.35
CA PHE B 433 12.06 -41.97 -26.64
C PHE B 433 13.14 -42.66 -27.45
N PRO B 434 13.61 -43.84 -27.03
CA PRO B 434 14.62 -44.62 -27.77
C PRO B 434 14.03 -45.36 -28.98
N GLU B 435 13.93 -44.64 -30.10
CA GLU B 435 13.27 -45.18 -31.28
C GLU B 435 14.18 -46.08 -32.13
N ASP B 436 15.46 -46.19 -31.80
CA ASP B 436 16.37 -46.97 -32.63
C ASP B 436 16.00 -48.44 -32.65
N GLN B 437 15.72 -49.02 -31.47
CA GLN B 437 15.33 -50.41 -31.39
C GLN B 437 14.02 -50.66 -32.13
N PHE B 438 13.05 -49.75 -31.96
CA PHE B 438 11.77 -49.89 -32.65
C PHE B 438 11.95 -49.84 -34.16
N ASN B 439 12.79 -48.92 -34.65
CA ASN B 439 13.04 -48.82 -36.07
C ASN B 439 13.71 -50.08 -36.61
N VAL B 440 14.68 -50.63 -35.86
CA VAL B 440 15.35 -51.85 -36.28
C VAL B 440 14.36 -53.01 -36.36
N ALA B 441 13.49 -53.14 -35.35
CA ALA B 441 12.50 -54.20 -35.36
C ALA B 441 11.53 -54.03 -36.52
N LEU B 442 11.10 -52.81 -36.80
CA LEU B 442 10.16 -52.58 -37.89
C LEU B 442 10.81 -52.86 -39.25
N ASP B 443 12.09 -52.51 -39.40
CA ASP B 443 12.78 -52.83 -40.64
C ASP B 443 12.90 -54.34 -40.83
N GLN B 444 13.18 -55.07 -39.74
CA GLN B 444 13.22 -56.53 -39.82
C GLN B 444 11.85 -57.08 -40.23
N VAL B 445 10.78 -56.52 -39.67
CA VAL B 445 9.43 -56.96 -40.03
C VAL B 445 9.17 -56.70 -41.50
N PHE B 446 9.54 -55.51 -41.98
CA PHE B 446 9.30 -55.14 -43.38
C PHE B 446 10.06 -56.04 -44.32
N GLU B 447 11.29 -56.43 -43.96
CA GLU B 447 12.04 -57.34 -44.81
C GLU B 447 11.47 -58.76 -44.76
N SER B 448 11.11 -59.24 -43.57
CA SER B 448 10.64 -60.61 -43.43
C SER B 448 9.29 -60.82 -44.11
N ILE B 449 8.40 -59.82 -44.09
CA ILE B 449 7.11 -59.99 -44.73
C ILE B 449 7.28 -60.15 -46.24
N GLU B 450 8.17 -59.36 -46.85
CA GLU B 450 8.44 -59.52 -48.27
C GLU B 450 9.17 -60.82 -48.57
N ASN B 451 10.03 -61.28 -47.66
CA ASN B 451 10.68 -62.58 -47.86
C ASN B 451 9.65 -63.70 -47.89
N SER B 452 8.69 -63.68 -46.95
CA SER B 452 7.64 -64.68 -46.95
C SER B 452 6.76 -64.55 -48.19
N GLN B 453 6.50 -63.32 -48.64
CA GLN B 453 5.70 -63.12 -49.84
C GLN B 453 6.39 -63.71 -51.06
N ALA B 454 7.70 -63.51 -51.19
CA ALA B 454 8.45 -64.12 -52.29
C ALA B 454 8.47 -65.63 -52.19
N LEU B 455 8.60 -66.18 -50.97
CA LEU B 455 8.59 -67.62 -50.81
C LEU B 455 7.25 -68.22 -51.23
N VAL B 456 6.13 -67.61 -50.83
CA VAL B 456 4.84 -68.14 -51.29
C VAL B 456 4.63 -67.88 -52.78
N ASP B 457 5.23 -66.82 -53.32
CA ASP B 457 5.19 -66.62 -54.77
C ASP B 457 5.85 -67.77 -55.51
N GLN B 458 7.03 -68.19 -55.06
CA GLN B 458 7.66 -69.34 -55.71
C GLN B 458 6.88 -70.61 -55.42
N SER B 459 6.24 -70.71 -54.24
CA SER B 459 5.44 -71.88 -53.91
C SER B 459 4.29 -72.05 -54.90
N ASN B 460 3.56 -70.97 -55.19
CA ASN B 460 2.46 -71.08 -56.13
C ASN B 460 2.90 -71.03 -57.58
N LYS B 461 4.14 -70.58 -57.85
CA LYS B 461 4.68 -70.67 -59.19
C LYS B 461 5.14 -72.08 -59.54
N ILE B 462 5.51 -72.87 -58.53
CA ILE B 462 5.91 -74.26 -58.78
C ILE B 462 4.76 -75.04 -59.41
N LEU B 463 3.54 -74.87 -58.88
CA LEU B 463 2.37 -75.55 -59.42
C LEU B 463 2.04 -74.95 -60.78
N ASN B 464 2.24 -75.74 -61.84
CA ASN B 464 1.97 -75.29 -63.20
C ASN B 464 1.57 -76.45 -64.09
N LEU C 1 -19.34 31.20 -5.96
CA LEU C 1 -18.68 31.88 -4.85
C LEU C 1 -18.47 33.36 -5.14
N LYS C 2 -18.74 34.20 -4.15
CA LYS C 2 -18.56 35.64 -4.25
C LYS C 2 -17.45 36.07 -3.31
N GLU C 3 -16.44 36.74 -3.86
CA GLU C 3 -15.32 37.24 -3.07
C GLU C 3 -15.34 38.76 -3.07
N SER C 4 -15.15 39.36 -1.89
CA SER C 4 -15.13 40.80 -1.74
C SER C 4 -13.76 41.25 -1.27
N TYR C 5 -13.36 42.43 -1.75
CA TYR C 5 -12.13 43.08 -1.31
C TYR C 5 -12.47 44.04 -0.18
N LEU C 6 -11.75 43.93 0.93
CA LEU C 6 -11.95 44.78 2.09
C LEU C 6 -10.77 45.74 2.15
N GLU C 7 -10.97 46.94 1.61
CA GLU C 7 -9.88 47.89 1.48
C GLU C 7 -9.44 48.45 2.82
N GLU C 8 -10.35 48.50 3.81
CA GLU C 8 -10.02 49.13 5.07
C GLU C 8 -8.97 48.35 5.86
N SER C 9 -8.79 47.07 5.57
CA SER C 9 -7.81 46.27 6.30
C SER C 9 -7.01 45.33 5.41
N CYS C 10 -7.01 45.52 4.09
CA CYS C 10 -6.23 44.73 3.15
C CYS C 10 -6.51 43.24 3.32
N SER C 11 -7.79 42.89 3.23
CA SER C 11 -8.23 41.51 3.41
C SER C 11 -9.34 41.21 2.43
N THR C 12 -9.66 39.92 2.31
CA THR C 12 -10.74 39.45 1.46
C THR C 12 -11.59 38.44 2.22
N ILE C 13 -12.85 38.33 1.82
CA ILE C 13 -13.75 37.31 2.34
C ILE C 13 -14.45 36.63 1.18
N THR C 14 -14.41 35.30 1.16
CA THR C 14 -15.00 34.51 0.08
C THR C 14 -16.19 33.73 0.65
N GLU C 15 -17.39 34.12 0.24
CA GLU C 15 -18.63 33.58 0.76
C GLU C 15 -19.29 32.67 -0.26
N GLY C 16 -20.19 31.81 0.24
CA GLY C 16 -20.93 30.92 -0.63
C GLY C 16 -20.73 29.45 -0.30
N TYR C 17 -20.16 29.17 0.87
CA TYR C 17 -19.85 27.80 1.27
C TYR C 17 -20.94 27.25 2.19
N LEU C 18 -20.96 25.92 2.29
CA LEU C 18 -21.97 25.20 3.05
C LEU C 18 -21.30 24.15 3.94
N SER C 19 -21.60 24.18 5.23
CA SER C 19 -20.87 23.39 6.21
C SER C 19 -21.29 21.93 6.19
N VAL C 20 -20.35 21.06 6.59
CA VAL C 20 -20.62 19.66 6.90
C VAL C 20 -19.78 19.33 8.13
N LEU C 21 -20.41 19.23 9.30
CA LEU C 21 -19.72 19.07 10.56
C LEU C 21 -20.01 17.72 11.19
N ARG C 22 -18.97 17.06 11.69
CA ARG C 22 -19.12 15.75 12.33
C ARG C 22 -19.56 15.91 13.78
N THR C 23 -20.49 15.06 14.20
CA THR C 23 -21.02 15.11 15.54
C THR C 23 -20.94 13.79 16.30
N GLY C 24 -20.50 12.71 15.65
CA GLY C 24 -20.40 11.44 16.34
C GLY C 24 -19.62 10.44 15.54
N TRP C 25 -19.43 9.26 16.13
CA TRP C 25 -18.76 8.14 15.51
C TRP C 25 -19.71 6.96 15.44
N TYR C 26 -19.73 6.29 14.29
CA TYR C 26 -20.56 5.11 14.07
C TYR C 26 -19.63 3.97 13.69
N THR C 27 -19.71 2.86 14.45
CA THR C 27 -18.74 1.79 14.34
C THR C 27 -19.40 0.51 13.83
N ASN C 28 -18.60 -0.31 13.15
CA ASN C 28 -19.00 -1.63 12.70
C ASN C 28 -17.86 -2.59 12.99
N VAL C 29 -18.18 -3.88 13.11
CA VAL C 29 -17.21 -4.93 13.36
C VAL C 29 -17.23 -5.91 12.21
N PHE C 30 -16.05 -6.22 11.68
CA PHE C 30 -15.90 -7.16 10.57
C PHE C 30 -15.02 -8.33 10.99
N THR C 31 -15.33 -9.50 10.46
CA THR C 31 -14.52 -10.70 10.66
C THR C 31 -14.32 -11.37 9.31
N LEU C 32 -13.09 -11.35 8.82
CA LEU C 32 -12.74 -11.95 7.54
C LEU C 32 -11.97 -13.24 7.78
N GLU C 33 -12.39 -14.31 7.13
CA GLU C 33 -11.79 -15.62 7.31
C GLU C 33 -11.29 -16.15 5.97
N VAL C 34 -10.21 -16.93 6.04
CA VAL C 34 -9.70 -17.61 4.86
C VAL C 34 -10.60 -18.78 4.53
N GLY C 35 -11.01 -18.87 3.27
CA GLY C 35 -11.82 -19.99 2.85
C GLY C 35 -11.07 -21.30 2.92
N ASP C 36 -11.83 -22.39 2.85
CA ASP C 36 -11.24 -23.72 2.96
C ASP C 36 -10.31 -24.00 1.79
N VAL C 37 -9.17 -24.61 2.09
CA VAL C 37 -8.21 -25.07 1.09
C VAL C 37 -7.90 -26.54 1.37
N GLU C 38 -7.91 -27.35 0.32
CA GLU C 38 -7.77 -28.79 0.47
C GLU C 38 -6.31 -29.23 0.33
N ASN C 39 -6.04 -30.46 0.76
CA ASN C 39 -4.78 -31.12 0.42
C ASN C 39 -4.61 -31.31 -1.07
N LEU C 40 -3.36 -31.22 -1.51
CA LEU C 40 -2.92 -31.67 -2.82
C LEU C 40 -1.79 -32.65 -2.57
N THR C 41 -2.15 -33.93 -2.38
CA THR C 41 -1.17 -34.93 -1.99
C THR C 41 -0.34 -35.45 -3.16
N CYS C 42 -0.66 -35.09 -4.40
CA CYS C 42 0.08 -35.59 -5.54
C CYS C 42 1.48 -35.00 -5.63
N THR C 43 1.72 -33.84 -5.04
CA THR C 43 2.98 -33.14 -5.23
C THR C 43 4.11 -33.86 -4.51
N ASP C 44 5.30 -33.28 -4.60
CA ASP C 44 6.49 -33.80 -3.94
C ASP C 44 7.16 -32.64 -3.21
N GLY C 45 7.20 -32.72 -1.88
CA GLY C 45 7.80 -31.69 -1.07
C GLY C 45 7.05 -30.38 -1.12
N PRO C 46 7.75 -29.31 -1.53
CA PRO C 46 7.21 -27.93 -1.47
C PRO C 46 6.14 -27.60 -2.51
N SER C 47 4.90 -27.91 -2.16
CA SER C 47 3.76 -27.50 -2.96
C SER C 47 3.62 -25.99 -2.95
N LEU C 48 3.26 -25.43 -4.12
CA LEU C 48 3.09 -23.98 -4.23
C LEU C 48 1.95 -23.49 -3.35
N ILE C 49 0.84 -24.21 -3.33
CA ILE C 49 -0.30 -23.81 -2.52
C ILE C 49 0.01 -23.94 -1.03
N LYS C 50 0.76 -24.98 -0.65
CA LYS C 50 1.13 -25.12 0.75
C LYS C 50 2.11 -24.01 1.17
N THR C 51 3.01 -23.63 0.27
CA THR C 51 3.90 -22.50 0.54
C THR C 51 3.10 -21.21 0.71
N GLU C 52 2.11 -21.00 -0.16
CA GLU C 52 1.25 -19.82 -0.01
C GLU C 52 0.50 -19.83 1.32
N LEU C 53 -0.01 -21.00 1.72
CA LEU C 53 -0.74 -21.11 2.97
C LEU C 53 0.17 -20.85 4.18
N ASP C 54 1.40 -21.39 4.13
CA ASP C 54 2.35 -21.13 5.21
C ASP C 54 2.72 -19.66 5.28
N LEU C 55 2.89 -19.02 4.12
CA LEU C 55 3.18 -17.58 4.10
C LEU C 55 2.03 -16.79 4.72
N THR C 56 0.79 -17.14 4.37
CA THR C 56 -0.36 -16.46 4.95
C THR C 56 -0.45 -16.67 6.46
N LYS C 57 -0.19 -17.89 6.92
CA LYS C 57 -0.25 -18.16 8.35
C LYS C 57 0.84 -17.43 9.11
N SER C 58 2.05 -17.38 8.54
CA SER C 58 3.13 -16.62 9.18
C SER C 58 2.83 -15.13 9.20
N ALA C 59 2.24 -14.60 8.11
CA ALA C 59 1.84 -13.20 8.09
C ALA C 59 0.78 -12.91 9.15
N LEU C 60 -0.16 -13.85 9.33
CA LEU C 60 -1.16 -13.69 10.38
C LEU C 60 -0.54 -13.71 11.76
N ARG C 61 0.44 -14.58 11.97
CA ARG C 61 1.12 -14.65 13.26
C ARG C 61 1.89 -13.37 13.55
N GLU C 62 2.54 -12.80 12.53
CA GLU C 62 3.18 -11.50 12.71
C GLU C 62 2.16 -10.40 12.97
N LEU C 63 1.01 -10.45 12.29
CA LEU C 63 -0.01 -9.41 12.46
C LEU C 63 -0.64 -9.48 13.84
N LYS C 64 -0.64 -10.66 14.47
CA LYS C 64 -1.21 -10.78 15.80
C LYS C 64 -0.46 -9.93 16.82
N THR C 65 0.83 -9.66 16.58
CA THR C 65 1.64 -8.92 17.53
C THR C 65 1.42 -7.41 17.49
N VAL C 66 0.70 -6.89 16.51
CA VAL C 66 0.44 -5.45 16.41
C VAL C 66 -1.03 -5.13 16.66
N SER C 67 -1.83 -6.12 17.07
CA SER C 67 -3.23 -5.87 17.35
C SER C 67 -3.41 -5.22 18.72
N ALA C 68 -4.61 -4.71 18.95
CA ALA C 68 -4.96 -4.20 20.27
C ALA C 68 -5.27 -5.30 21.26
N ASP C 69 -5.15 -6.54 20.78
CA ASP C 69 -5.42 -7.75 21.56
C ASP C 69 -4.26 -7.96 22.52
N GLN C 70 -4.33 -7.31 23.68
CA GLN C 70 -3.28 -7.43 24.68
C GLN C 70 -3.21 -8.84 25.25
N SER D 114 3.00 -87.94 -63.42
CA SER D 114 3.07 -88.12 -61.98
C SER D 114 4.06 -87.13 -61.35
N GLU D 115 3.75 -85.85 -61.45
CA GLU D 115 4.59 -84.80 -60.90
C GLU D 115 4.18 -84.44 -59.47
N VAL D 116 4.11 -85.45 -58.62
CA VAL D 116 3.72 -85.26 -57.22
C VAL D 116 4.89 -84.77 -56.36
N ASN D 117 6.13 -85.02 -56.78
CA ASN D 117 7.28 -84.61 -55.98
C ASN D 117 7.37 -83.09 -55.86
N ALA D 118 6.98 -82.36 -56.91
CA ALA D 118 7.02 -80.90 -56.86
C ALA D 118 6.09 -80.35 -55.78
N ILE D 119 4.87 -80.90 -55.69
CA ILE D 119 3.93 -80.45 -54.67
C ILE D 119 4.34 -80.92 -53.29
N LYS D 120 5.23 -81.90 -53.20
CA LYS D 120 5.75 -82.34 -51.91
C LYS D 120 6.82 -81.40 -51.35
N GLY D 121 7.35 -80.49 -52.16
CA GLY D 121 8.28 -79.50 -51.70
C GLY D 121 7.69 -78.11 -51.71
N ALA D 122 6.67 -77.90 -52.56
CA ALA D 122 5.99 -76.61 -52.60
C ALA D 122 5.32 -76.32 -51.25
N LEU D 123 4.68 -77.33 -50.66
CA LEU D 123 4.04 -77.12 -49.36
C LEU D 123 5.08 -76.92 -48.26
N LYS D 124 6.26 -77.54 -48.40
CA LYS D 124 7.33 -77.30 -47.43
C LYS D 124 7.83 -75.86 -47.51
N THR D 125 7.98 -75.33 -48.73
CA THR D 125 8.34 -73.93 -48.89
C THR D 125 7.25 -73.01 -48.35
N THR D 126 5.97 -73.39 -48.54
CA THR D 126 4.88 -72.63 -47.96
C THR D 126 4.95 -72.63 -46.44
N ASN D 127 5.28 -73.78 -45.84
CA ASN D 127 5.43 -73.84 -44.39
C ASN D 127 6.59 -72.99 -43.90
N GLU D 128 7.70 -72.98 -44.64
CA GLU D 128 8.82 -72.11 -44.28
C GLU D 128 8.41 -70.64 -44.37
N ALA D 129 7.63 -70.28 -45.39
CA ALA D 129 7.13 -68.92 -45.50
C ALA D 129 6.22 -68.57 -44.32
N VAL D 130 5.39 -69.53 -43.90
CA VAL D 130 4.52 -69.32 -42.75
C VAL D 130 5.37 -69.08 -41.50
N SER D 131 6.44 -69.85 -41.32
CA SER D 131 7.32 -69.67 -40.18
C SER D 131 7.99 -68.29 -40.23
N THR D 132 8.45 -67.88 -41.41
CA THR D 132 9.06 -66.56 -41.55
C THR D 132 8.08 -65.45 -41.22
N LEU D 133 6.83 -65.58 -41.70
CA LEU D 133 5.80 -64.60 -41.38
C LEU D 133 5.51 -64.58 -39.89
N GLY D 134 5.50 -65.74 -39.24
CA GLY D 134 5.31 -65.79 -37.81
C GLY D 134 6.43 -65.10 -37.06
N ASN D 135 7.68 -65.31 -37.48
CA ASN D 135 8.80 -64.61 -36.85
C ASN D 135 8.69 -63.10 -37.05
N GLY D 136 8.31 -62.67 -38.25
CA GLY D 136 8.15 -61.25 -38.50
C GLY D 136 7.05 -60.64 -37.65
N VAL D 137 5.91 -61.33 -37.53
CA VAL D 137 4.83 -60.80 -36.71
C VAL D 137 5.19 -60.85 -35.23
N ARG D 138 6.06 -61.79 -34.84
CA ARG D 138 6.55 -61.79 -33.46
C ARG D 138 7.45 -60.58 -33.18
N VAL D 139 8.32 -60.25 -34.13
CA VAL D 139 9.14 -59.03 -33.98
C VAL D 139 8.25 -57.80 -33.93
N LEU D 140 7.21 -57.76 -34.77
CA LEU D 140 6.26 -56.66 -34.74
C LEU D 140 5.55 -56.58 -33.39
N ALA D 141 5.18 -57.74 -32.82
CA ALA D 141 4.53 -57.76 -31.52
C ALA D 141 5.46 -57.25 -30.43
N THR D 142 6.75 -57.62 -30.50
CA THR D 142 7.70 -57.10 -29.53
C THR D 142 7.84 -55.59 -29.64
N ALA D 143 7.91 -55.06 -30.87
CA ALA D 143 7.98 -53.62 -31.05
C ALA D 143 6.73 -52.93 -30.51
N VAL D 144 5.56 -53.50 -30.78
CA VAL D 144 4.30 -52.94 -30.29
C VAL D 144 4.27 -52.96 -28.77
N ARG D 145 4.75 -54.04 -28.16
CA ARG D 145 4.81 -54.13 -26.71
C ARG D 145 5.74 -53.07 -26.12
N GLU D 146 6.90 -52.85 -26.75
CA GLU D 146 7.81 -51.83 -26.27
C GLU D 146 7.17 -50.45 -26.36
N LEU D 147 6.52 -50.15 -27.48
CA LEU D 147 5.86 -48.86 -27.64
C LEU D 147 4.75 -48.67 -26.61
N LYS D 148 3.96 -49.73 -26.37
CA LYS D 148 2.86 -49.62 -25.42
C LYS D 148 3.37 -49.46 -23.99
N GLU D 149 4.46 -50.15 -23.64
CA GLU D 149 5.04 -49.98 -22.31
C GLU D 149 5.62 -48.59 -22.14
N PHE D 150 6.17 -48.01 -23.21
CA PHE D 150 6.62 -46.63 -23.12
C PHE D 150 5.44 -45.69 -22.89
N VAL D 151 4.41 -45.77 -23.74
CA VAL D 151 3.35 -44.77 -23.70
C VAL D 151 2.51 -44.92 -22.43
N SER D 152 2.27 -46.15 -21.97
CA SER D 152 1.39 -46.35 -20.83
C SER D 152 2.06 -45.97 -19.52
N LYS D 153 3.38 -46.13 -19.43
CA LYS D 153 4.09 -45.80 -18.19
C LYS D 153 4.69 -44.40 -18.20
N ASN D 154 5.65 -44.15 -19.10
CA ASN D 154 6.45 -42.93 -18.99
C ASN D 154 5.65 -41.70 -19.36
N LEU D 155 4.95 -41.74 -20.50
CA LEU D 155 4.18 -40.59 -20.94
C LEU D 155 3.02 -40.29 -20.00
N THR D 156 2.33 -41.33 -19.52
CA THR D 156 1.24 -41.12 -18.57
C THR D 156 1.75 -40.55 -17.26
N SER D 157 2.90 -41.03 -16.77
CA SER D 157 3.46 -40.47 -15.55
C SER D 157 3.84 -39.01 -15.74
N ALA D 158 4.43 -38.67 -16.88
CA ALA D 158 4.81 -37.29 -17.15
C ALA D 158 3.57 -36.39 -17.21
N ILE D 159 2.50 -36.86 -17.88
CA ILE D 159 1.31 -36.02 -17.99
C ILE D 159 0.59 -35.91 -16.65
N ASN D 160 0.66 -36.96 -15.82
CA ASN D 160 0.09 -36.86 -14.48
C ASN D 160 0.85 -35.86 -13.62
N LYS D 161 2.18 -35.85 -13.73
CA LYS D 161 2.97 -34.86 -13.02
C LYS D 161 2.65 -33.45 -13.50
N ASN D 162 2.51 -33.27 -14.82
CA ASN D 162 2.12 -31.96 -15.35
C ASN D 162 0.76 -31.54 -14.83
N LYS D 163 -0.18 -32.49 -14.76
CA LYS D 163 -1.52 -32.19 -14.23
C LYS D 163 -1.44 -31.74 -12.77
N CYS D 164 -0.63 -32.44 -11.97
CA CYS D 164 -0.49 -32.06 -10.56
C CYS D 164 0.11 -30.68 -10.41
N ASP D 165 1.14 -30.36 -11.20
CA ASP D 165 1.74 -29.02 -11.13
C ASP D 165 0.76 -27.95 -11.57
N ILE D 166 -0.02 -28.23 -12.63
CA ILE D 166 -1.02 -27.28 -13.08
C ILE D 166 -2.06 -27.04 -12.00
N ALA D 167 -2.50 -28.10 -11.33
CA ALA D 167 -3.47 -27.96 -10.24
C ALA D 167 -2.90 -27.12 -9.11
N ASP D 168 -1.63 -27.33 -8.77
CA ASP D 168 -1.00 -26.52 -7.72
C ASP D 168 -0.98 -25.04 -8.10
N LEU D 169 -0.56 -24.74 -9.34
CA LEU D 169 -0.52 -23.35 -9.80
C LEU D 169 -1.91 -22.73 -9.78
N LYS D 170 -2.91 -23.48 -10.24
CA LYS D 170 -4.28 -22.98 -10.27
C LYS D 170 -4.81 -22.73 -8.87
N MET D 171 -4.48 -23.61 -7.92
CA MET D 171 -4.89 -23.37 -6.54
C MET D 171 -4.25 -22.13 -5.97
N ALA D 172 -2.96 -21.91 -6.25
CA ALA D 172 -2.32 -20.70 -5.74
C ALA D 172 -2.99 -19.44 -6.28
N VAL D 173 -3.22 -19.39 -7.60
CA VAL D 173 -3.81 -18.19 -8.19
C VAL D 173 -5.27 -18.02 -7.74
N SER D 174 -6.01 -19.13 -7.61
CA SER D 174 -7.40 -19.05 -7.19
C SER D 174 -7.50 -18.64 -5.72
N PHE D 175 -6.56 -19.10 -4.89
CA PHE D 175 -6.48 -18.64 -3.51
C PHE D 175 -6.33 -17.12 -3.48
N SER D 176 -5.40 -16.59 -4.27
CA SER D 176 -5.23 -15.15 -4.33
C SER D 176 -6.53 -14.47 -4.77
N GLN D 177 -7.15 -14.97 -5.84
CA GLN D 177 -8.35 -14.32 -6.39
C GLN D 177 -9.52 -14.34 -5.41
N PHE D 178 -9.74 -15.48 -4.74
CA PHE D 178 -10.88 -15.61 -3.85
C PHE D 178 -10.68 -14.90 -2.53
N ASN D 179 -9.44 -14.80 -2.04
CA ASN D 179 -9.19 -14.16 -0.75
C ASN D 179 -8.68 -12.73 -0.91
N ARG D 180 -8.72 -12.20 -2.14
CA ARG D 180 -8.28 -10.83 -2.43
C ARG D 180 -8.61 -9.84 -1.33
N ARG D 181 -9.85 -9.82 -0.84
CA ARG D 181 -10.23 -8.81 0.14
C ARG D 181 -9.50 -8.99 1.47
N PHE D 182 -9.48 -10.24 1.96
CA PHE D 182 -8.77 -10.55 3.21
C PHE D 182 -7.29 -10.25 3.07
N LEU D 183 -6.68 -10.64 1.95
CA LEU D 183 -5.27 -10.39 1.72
C LEU D 183 -4.97 -8.89 1.67
N ASN D 184 -5.87 -8.12 1.04
CA ASN D 184 -5.67 -6.68 0.96
C ASN D 184 -5.74 -6.03 2.33
N VAL D 185 -6.72 -6.41 3.14
CA VAL D 185 -6.83 -5.78 4.46
C VAL D 185 -5.64 -6.19 5.35
N VAL D 186 -5.19 -7.44 5.22
CA VAL D 186 -4.01 -7.88 5.96
C VAL D 186 -2.79 -7.09 5.53
N ARG D 187 -2.64 -6.86 4.23
CA ARG D 187 -1.51 -6.10 3.71
C ARG D 187 -1.51 -4.67 4.22
N GLN D 188 -2.67 -4.02 4.21
CA GLN D 188 -2.74 -2.64 4.69
C GLN D 188 -2.45 -2.55 6.18
N PHE D 189 -2.98 -3.48 6.97
CA PHE D 189 -2.72 -3.45 8.40
C PHE D 189 -1.25 -3.74 8.70
N SER D 190 -0.63 -4.63 7.93
CA SER D 190 0.80 -4.89 8.09
C SER D 190 1.63 -3.67 7.69
N ASP D 191 1.23 -2.98 6.63
CA ASP D 191 1.96 -1.80 6.18
C ASP D 191 1.92 -0.68 7.21
N ASN D 192 0.75 -0.44 7.79
CA ASN D 192 0.60 0.69 8.72
C ASN D 192 0.64 0.27 10.18
N ALA D 193 1.00 -0.98 10.47
CA ALA D 193 1.19 -1.49 11.84
C ALA D 193 -0.10 -1.42 12.65
N GLY D 194 -1.13 -2.09 12.14
CA GLY D 194 -2.38 -2.27 12.87
C GLY D 194 -3.42 -1.19 12.67
N ILE D 195 -3.15 -0.18 11.86
CA ILE D 195 -4.07 0.91 11.60
C ILE D 195 -4.19 1.08 10.09
N THR D 196 -5.25 1.74 9.65
CA THR D 196 -5.34 2.21 8.26
C THR D 196 -5.67 3.70 8.27
N PRO D 197 -5.02 4.49 7.42
CA PRO D 197 -5.27 5.94 7.44
C PRO D 197 -6.67 6.34 7.01
N ALA D 198 -7.39 5.47 6.30
CA ALA D 198 -8.74 5.76 5.85
C ALA D 198 -9.49 4.44 5.71
N ILE D 199 -10.78 4.54 5.39
CA ILE D 199 -11.62 3.36 5.13
C ILE D 199 -11.43 3.02 3.66
N SER D 200 -10.64 2.00 3.38
CA SER D 200 -10.38 1.61 2.01
C SER D 200 -11.56 0.83 1.44
N LEU D 201 -11.51 0.59 0.13
CA LEU D 201 -12.60 -0.11 -0.54
C LEU D 201 -12.64 -1.58 -0.17
N ASP D 202 -11.55 -2.12 0.38
CA ASP D 202 -11.53 -3.50 0.84
C ASP D 202 -11.91 -3.63 2.30
N LEU D 203 -11.71 -2.58 3.09
CA LEU D 203 -12.20 -2.59 4.47
C LEU D 203 -13.72 -2.63 4.52
N MET D 204 -14.38 -1.87 3.65
CA MET D 204 -15.84 -1.75 3.65
C MET D 204 -16.29 -1.46 2.24
N THR D 205 -17.17 -2.30 1.70
CA THR D 205 -17.68 -2.10 0.36
C THR D 205 -18.68 -0.95 0.33
N ASP D 206 -19.06 -0.56 -0.90
CA ASP D 206 -19.97 0.56 -1.08
C ASP D 206 -21.36 0.23 -0.55
N ALA D 207 -21.84 -0.99 -0.76
CA ALA D 207 -23.15 -1.37 -0.25
C ALA D 207 -23.18 -1.37 1.27
N GLU D 208 -22.13 -1.90 1.91
CA GLU D 208 -22.05 -1.86 3.37
C GLU D 208 -21.99 -0.43 3.89
N LEU D 209 -21.22 0.43 3.22
CA LEU D 209 -21.13 1.83 3.64
C LEU D 209 -22.47 2.52 3.51
N ALA D 210 -23.19 2.26 2.42
CA ALA D 210 -24.50 2.87 2.23
C ALA D 210 -25.50 2.38 3.28
N ARG D 211 -25.48 1.09 3.59
CA ARG D 211 -26.35 0.57 4.63
C ARG D 211 -26.05 1.20 5.99
N ALA D 212 -24.76 1.31 6.33
CA ALA D 212 -24.37 1.92 7.59
C ALA D 212 -24.80 3.36 7.66
N VAL D 213 -24.69 4.09 6.54
CA VAL D 213 -25.13 5.49 6.53
C VAL D 213 -26.65 5.56 6.70
N SER D 214 -27.38 4.60 6.10
CA SER D 214 -28.82 4.59 6.25
C SER D 214 -29.23 4.34 7.70
N TYR D 215 -28.46 3.52 8.42
CA TYR D 215 -28.80 3.23 9.82
C TYR D 215 -28.28 4.28 10.80
N MET D 216 -27.68 5.37 10.35
CA MET D 216 -27.14 6.32 11.30
C MET D 216 -28.27 7.13 11.95
N PRO D 217 -28.07 7.55 13.20
CA PRO D 217 -29.11 8.35 13.91
C PRO D 217 -29.09 9.82 13.51
N THR D 218 -29.46 10.08 12.25
CA THR D 218 -29.57 11.44 11.75
C THR D 218 -30.86 11.55 10.94
N SER D 219 -31.00 12.66 10.22
CA SER D 219 -32.20 12.93 9.44
C SER D 219 -31.96 12.62 7.96
N ALA D 220 -33.04 12.75 7.18
CA ALA D 220 -33.00 12.36 5.77
C ALA D 220 -32.03 13.22 4.97
N GLY D 221 -32.00 14.53 5.25
CA GLY D 221 -31.09 15.40 4.52
C GLY D 221 -29.64 15.08 4.77
N GLN D 222 -29.28 14.84 6.04
CA GLN D 222 -27.91 14.46 6.37
C GLN D 222 -27.55 13.12 5.74
N ILE D 223 -28.47 12.16 5.78
CA ILE D 223 -28.20 10.85 5.18
C ILE D 223 -27.98 11.00 3.67
N LYS D 224 -28.79 11.84 3.02
CA LYS D 224 -28.64 12.04 1.58
C LYS D 224 -27.32 12.72 1.24
N LEU D 225 -26.93 13.73 2.01
CA LEU D 225 -25.64 14.38 1.76
C LEU D 225 -24.48 13.41 1.98
N MET D 226 -24.58 12.55 3.00
CA MET D 226 -23.53 11.56 3.22
C MET D 226 -23.46 10.57 2.06
N LEU D 227 -24.62 10.14 1.56
CA LEU D 227 -24.64 9.24 0.41
C LEU D 227 -24.12 9.93 -0.84
N GLU D 228 -24.15 11.25 -0.89
CA GLU D 228 -23.52 11.96 -1.99
C GLU D 228 -22.01 12.08 -1.82
N ASN D 229 -21.54 12.29 -0.58
CA ASN D 229 -20.13 12.53 -0.30
C ASN D 229 -19.48 11.36 0.44
N ARG D 230 -19.87 10.14 0.07
CA ARG D 230 -19.19 8.91 0.49
C ARG D 230 -17.67 9.02 0.50
N ALA D 231 -17.08 9.76 -0.44
CA ALA D 231 -15.62 9.88 -0.48
C ALA D 231 -15.08 10.61 0.74
N MET D 232 -15.71 11.73 1.11
CA MET D 232 -15.32 12.42 2.31
C MET D 232 -15.62 11.59 3.56
N VAL D 233 -16.70 10.81 3.51
CA VAL D 233 -17.00 9.90 4.62
C VAL D 233 -15.84 8.92 4.81
N ARG D 234 -15.38 8.31 3.72
CA ARG D 234 -14.28 7.35 3.78
C ARG D 234 -13.00 8.01 4.27
N ARG D 235 -12.69 9.20 3.77
CA ARG D 235 -11.43 9.84 4.12
C ARG D 235 -11.44 10.45 5.52
N LYS D 236 -12.61 10.68 6.09
CA LYS D 236 -12.69 11.12 7.48
C LYS D 236 -12.89 9.97 8.46
N GLY D 237 -13.18 8.76 7.98
CA GLY D 237 -13.18 7.59 8.81
C GLY D 237 -11.82 6.91 8.85
N PHE D 238 -11.79 5.76 9.52
CA PHE D 238 -10.58 4.94 9.61
C PHE D 238 -10.95 3.59 10.19
N GLY D 239 -9.98 2.68 10.17
CA GLY D 239 -10.18 1.36 10.73
C GLY D 239 -8.99 0.94 11.57
N ILE D 240 -9.29 0.19 12.64
CA ILE D 240 -8.28 -0.28 13.56
C ILE D 240 -8.34 -1.79 13.65
N LEU D 241 -7.17 -2.39 13.84
CA LEU D 241 -7.06 -3.84 13.99
C LEU D 241 -7.23 -4.22 15.46
N ILE D 242 -8.03 -5.24 15.72
CA ILE D 242 -8.41 -5.61 17.08
C ILE D 242 -7.79 -6.93 17.50
N GLY D 243 -7.79 -7.93 16.62
CA GLY D 243 -7.19 -9.19 17.00
C GLY D 243 -7.16 -10.18 15.86
N VAL D 244 -6.52 -11.31 16.13
CA VAL D 244 -6.42 -12.42 15.19
C VAL D 244 -6.83 -13.70 15.92
N TYR D 245 -7.79 -14.43 15.34
CA TYR D 245 -8.28 -15.67 15.93
C TYR D 245 -8.26 -16.74 14.85
N GLY D 246 -7.43 -17.75 15.03
CA GLY D 246 -7.31 -18.80 14.03
C GLY D 246 -6.82 -18.20 12.72
N SER D 247 -7.59 -18.40 11.66
CA SER D 247 -7.32 -17.83 10.35
C SER D 247 -8.21 -16.63 10.05
N SER D 248 -8.49 -15.81 11.05
CA SER D 248 -9.41 -14.69 10.92
C SER D 248 -8.76 -13.42 11.45
N VAL D 249 -9.21 -12.29 10.93
CA VAL D 249 -8.78 -10.97 11.39
C VAL D 249 -10.03 -10.20 11.79
N ILE D 250 -9.97 -9.59 12.98
CA ILE D 250 -11.09 -8.83 13.53
C ILE D 250 -10.68 -7.36 13.56
N TYR D 251 -11.46 -6.50 12.93
CA TYR D 251 -11.17 -5.08 12.90
C TYR D 251 -12.47 -4.29 12.99
N MET D 252 -12.33 -3.01 13.36
CA MET D 252 -13.45 -2.11 13.55
C MET D 252 -13.26 -0.88 12.66
N VAL D 253 -14.26 -0.59 11.84
CA VAL D 253 -14.28 0.65 11.07
C VAL D 253 -15.05 1.69 11.87
N GLN D 254 -14.57 2.93 11.81
CA GLN D 254 -15.14 4.04 12.56
C GLN D 254 -15.56 5.12 11.57
N LEU D 255 -16.85 5.20 11.28
CA LEU D 255 -17.45 6.10 10.30
C LEU D 255 -17.86 7.41 10.94
N PRO D 256 -17.67 8.54 10.26
CA PRO D 256 -18.11 9.83 10.81
C PRO D 256 -19.60 10.07 10.61
N ILE D 257 -20.18 10.76 11.57
CA ILE D 257 -21.60 11.12 11.53
C ILE D 257 -21.68 12.63 11.38
N PHE D 258 -22.19 13.08 10.23
CA PHE D 258 -22.30 14.50 9.90
C PHE D 258 -23.71 14.96 10.23
N GLY D 259 -23.88 15.53 11.42
CA GLY D 259 -25.18 15.97 11.86
C GLY D 259 -25.56 17.38 11.50
N VAL D 260 -24.56 18.20 11.16
CA VAL D 260 -24.78 19.60 10.81
C VAL D 260 -24.42 19.78 9.34
N ILE D 261 -25.36 20.30 8.55
CA ILE D 261 -25.14 20.52 7.13
C ILE D 261 -25.76 21.84 6.70
N ASP D 262 -25.18 22.42 5.65
CA ASP D 262 -25.79 23.51 4.89
C ASP D 262 -25.97 24.78 5.72
N THR D 263 -24.92 25.17 6.42
CA THR D 263 -24.88 26.47 7.08
C THR D 263 -23.79 27.34 6.44
N PRO D 264 -23.93 28.66 6.53
CA PRO D 264 -22.96 29.55 5.87
C PRO D 264 -21.55 29.37 6.42
N CYS D 265 -20.58 29.41 5.51
CA CYS D 265 -19.16 29.38 5.84
C CYS D 265 -18.41 30.39 4.98
N TRP D 266 -17.38 31.00 5.56
CA TRP D 266 -16.57 31.99 4.86
C TRP D 266 -15.13 31.90 5.32
N ILE D 267 -14.21 32.25 4.43
CA ILE D 267 -12.79 32.16 4.68
C ILE D 267 -12.17 33.55 4.59
N ILE D 268 -11.20 33.82 5.47
CA ILE D 268 -10.59 35.13 5.60
C ILE D 268 -9.12 35.02 5.24
N LYS D 269 -8.64 35.93 4.40
CA LYS D 269 -7.22 36.06 4.08
C LYS D 269 -6.81 37.52 4.26
N ALA D 270 -5.55 37.73 4.60
CA ALA D 270 -5.08 39.08 4.90
C ALA D 270 -3.66 39.26 4.39
N ALA D 271 -3.26 40.51 4.28
CA ALA D 271 -1.91 40.94 3.91
C ALA D 271 -1.56 42.15 4.74
N PRO D 272 -0.28 42.42 4.95
CA PRO D 272 0.12 43.60 5.74
C PRO D 272 -0.39 44.88 5.10
N SER D 273 -0.84 45.80 5.95
CA SER D 273 -1.38 47.09 5.54
C SER D 273 -0.47 48.18 6.10
N CYS D 274 0.53 48.57 5.31
CA CYS D 274 1.57 49.48 5.77
C CYS D 274 1.31 50.88 5.25
N SER D 275 1.40 51.86 6.15
CA SER D 275 1.26 53.26 5.79
C SER D 275 2.53 54.01 6.17
N GLU D 276 3.00 54.88 5.28
CA GLU D 276 4.26 55.59 5.46
C GLU D 276 4.01 57.04 5.83
N LYS D 277 4.67 57.50 6.90
CA LYS D 277 4.62 58.90 7.30
C LYS D 277 6.05 59.31 7.66
N ASP D 278 6.69 60.09 6.78
CA ASP D 278 8.02 60.63 7.02
C ASP D 278 9.04 59.53 7.29
N GLY D 279 8.88 58.40 6.62
CA GLY D 279 9.76 57.26 6.81
C GLY D 279 9.43 56.38 7.99
N ASN D 280 8.41 56.72 8.77
CA ASN D 280 7.97 55.91 9.89
C ASN D 280 6.74 55.11 9.46
N TYR D 281 6.84 53.79 9.54
CA TYR D 281 5.79 52.90 9.06
C TYR D 281 4.84 52.50 10.18
N ALA D 282 3.63 52.12 9.80
CA ALA D 282 2.65 51.55 10.71
C ALA D 282 1.91 50.45 9.94
N CYS D 283 2.31 49.21 10.18
CA CYS D 283 1.79 48.06 9.44
C CYS D 283 0.78 47.32 10.31
N LEU D 284 -0.37 46.98 9.73
CA LEU D 284 -1.45 46.30 10.44
C LEU D 284 -1.78 45.02 9.69
N LEU D 285 -1.85 43.90 10.42
CA LEU D 285 -2.16 42.61 9.84
C LEU D 285 -3.28 41.96 10.66
N ARG D 286 -4.30 41.47 9.96
CA ARG D 286 -5.39 40.78 10.61
C ARG D 286 -4.96 39.38 11.03
N GLU D 287 -5.32 39.00 12.25
CA GLU D 287 -5.01 37.66 12.78
C GLU D 287 -6.21 36.73 12.77
N ASP D 288 -7.32 37.14 12.18
CA ASP D 288 -8.54 36.34 12.11
C ASP D 288 -8.52 35.34 10.96
N GLN D 289 -7.37 35.12 10.33
CA GLN D 289 -7.32 34.35 9.10
C GLN D 289 -7.70 32.89 9.34
N GLY D 290 -8.46 32.33 8.42
CA GLY D 290 -8.83 30.93 8.47
C GLY D 290 -10.28 30.75 8.07
N TRP D 291 -10.83 29.60 8.46
CA TRP D 291 -12.18 29.20 8.12
C TRP D 291 -13.14 29.57 9.24
N TYR D 292 -14.38 29.88 8.86
CA TYR D 292 -15.48 30.10 9.79
C TYR D 292 -16.70 29.39 9.26
N CYS D 293 -17.37 28.62 10.12
CA CYS D 293 -18.65 28.01 9.79
C CYS D 293 -19.63 28.30 10.92
N LYS D 294 -20.82 28.77 10.57
CA LYS D 294 -21.81 29.18 11.55
C LYS D 294 -22.56 27.95 12.08
N ASN D 295 -22.70 27.87 13.40
CA ASN D 295 -23.34 26.74 14.06
C ASN D 295 -24.39 27.27 15.05
N ALA D 296 -24.93 26.36 15.85
CA ALA D 296 -25.95 26.71 16.82
C ALA D 296 -25.29 27.13 18.13
N GLY D 297 -25.58 28.35 18.57
CA GLY D 297 -25.03 28.88 19.79
C GLY D 297 -23.69 29.58 19.66
N SER D 298 -22.99 29.40 18.54
CA SER D 298 -21.67 29.98 18.35
C SER D 298 -21.22 29.70 16.93
N THR D 299 -20.07 30.28 16.57
CA THR D 299 -19.40 30.03 15.31
C THR D 299 -18.11 29.27 15.58
N VAL D 300 -17.80 28.31 14.71
CA VAL D 300 -16.58 27.53 14.83
C VAL D 300 -15.50 28.16 13.95
N TYR D 301 -14.33 28.41 14.52
CA TYR D 301 -13.24 29.07 13.83
C TYR D 301 -12.06 28.11 13.71
N TYR D 302 -11.52 28.00 12.50
CA TYR D 302 -10.38 27.12 12.22
C TYR D 302 -9.21 27.94 11.74
N PRO D 303 -8.18 28.17 12.57
CA PRO D 303 -7.10 29.08 12.18
C PRO D 303 -6.32 28.65 10.95
N ASN D 304 -6.22 27.36 10.66
CA ASN D 304 -5.46 26.87 9.52
C ASN D 304 -6.38 26.63 8.33
N GLU D 305 -5.90 26.97 7.14
CA GLU D 305 -6.70 26.73 5.94
C GLU D 305 -6.92 25.24 5.71
N LYS D 306 -5.90 24.42 5.94
CA LYS D 306 -6.00 22.99 5.72
C LYS D 306 -6.86 22.28 6.76
N ASP D 307 -7.34 22.98 7.77
CA ASP D 307 -8.25 22.38 8.74
C ASP D 307 -9.56 21.94 8.10
N CYS D 308 -10.09 22.73 7.17
CA CYS D 308 -11.32 22.39 6.45
C CYS D 308 -10.97 22.12 4.99
N GLU D 309 -11.62 21.10 4.42
CA GLU D 309 -11.38 20.69 3.05
C GLU D 309 -12.61 20.98 2.20
N THR D 310 -12.39 21.59 1.05
CA THR D 310 -13.48 22.02 0.18
C THR D 310 -13.76 20.96 -0.88
N ARG D 311 -15.03 20.66 -1.10
CA ARG D 311 -15.48 19.77 -2.16
C ARG D 311 -16.70 20.41 -2.81
N GLY D 312 -16.55 20.91 -4.03
CA GLY D 312 -17.61 21.71 -4.62
C GLY D 312 -17.83 22.96 -3.79
N ASP D 313 -19.08 23.19 -3.40
CA ASP D 313 -19.42 24.27 -2.49
C ASP D 313 -19.49 23.83 -1.04
N HIS D 314 -19.18 22.58 -0.75
CA HIS D 314 -19.30 22.01 0.58
C HIS D 314 -17.94 22.01 1.29
N VAL D 315 -17.95 22.41 2.56
CA VAL D 315 -16.73 22.52 3.36
C VAL D 315 -16.83 21.51 4.49
N PHE D 316 -15.90 20.56 4.51
CA PHE D 316 -15.83 19.54 5.55
C PHE D 316 -14.71 19.90 6.52
N CYS D 317 -15.09 20.27 7.74
CA CYS D 317 -14.16 20.79 8.73
C CYS D 317 -13.83 19.72 9.77
N ASP D 318 -12.68 19.90 10.42
CA ASP D 318 -12.21 18.96 11.43
C ASP D 318 -12.64 19.41 12.82
N THR D 319 -13.27 18.51 13.57
CA THR D 319 -13.76 18.84 14.91
C THR D 319 -12.61 19.15 15.87
N ALA D 320 -11.50 18.42 15.76
CA ALA D 320 -10.41 18.58 16.72
C ALA D 320 -9.79 19.96 16.64
N ALA D 321 -9.78 20.56 15.45
CA ALA D 321 -9.15 21.86 15.23
C ALA D 321 -10.09 23.04 15.45
N GLY D 322 -11.38 22.79 15.69
CA GLY D 322 -12.33 23.87 15.77
C GLY D 322 -12.21 24.64 17.07
N ILE D 323 -12.48 25.95 16.99
CA ILE D 323 -12.51 26.83 18.15
C ILE D 323 -13.83 27.59 18.11
N ASN D 324 -14.62 27.47 19.16
CA ASN D 324 -15.91 28.15 19.22
C ASN D 324 -15.72 29.61 19.61
N VAL D 325 -16.30 30.51 18.81
CA VAL D 325 -16.26 31.93 19.08
C VAL D 325 -17.68 32.49 18.95
N ALA D 326 -17.85 33.70 19.48
CA ALA D 326 -19.16 34.34 19.45
C ALA D 326 -19.56 34.68 18.02
N GLU D 327 -20.88 34.78 17.81
CA GLU D 327 -21.40 35.17 16.50
C GLU D 327 -21.02 36.60 16.14
N GLN D 328 -20.65 37.41 17.12
CA GLN D 328 -20.27 38.80 16.91
C GLN D 328 -18.89 38.95 16.27
N SER D 329 -18.21 37.85 15.96
CA SER D 329 -16.96 37.95 15.21
C SER D 329 -17.18 38.38 13.77
N ARG D 330 -18.42 38.35 13.30
CA ARG D 330 -18.72 38.73 11.92
C ARG D 330 -18.43 40.20 11.66
N GLU D 331 -18.53 41.04 12.68
CA GLU D 331 -18.37 42.48 12.51
C GLU D 331 -16.94 42.89 12.20
N CYS D 332 -15.97 41.97 12.29
CA CYS D 332 -14.62 42.29 11.89
C CYS D 332 -14.50 42.52 10.38
N ASN D 333 -15.50 42.09 9.61
CA ASN D 333 -15.49 42.22 8.15
C ASN D 333 -16.20 43.47 7.66
N ILE D 334 -16.63 44.36 8.56
CA ILE D 334 -17.33 45.57 8.17
C ILE D 334 -16.52 46.78 8.63
N ASN D 335 -16.30 46.88 9.94
CA ASN D 335 -15.48 47.92 10.55
C ASN D 335 -14.48 47.22 11.43
N ILE D 336 -13.21 47.21 11.01
CA ILE D 336 -12.19 46.44 11.71
C ILE D 336 -11.96 46.96 13.12
N SER D 337 -12.39 48.18 13.43
CA SER D 337 -12.16 48.79 14.73
C SER D 337 -13.46 48.98 15.51
N THR D 338 -14.39 48.03 15.42
CA THR D 338 -15.60 48.09 16.22
C THR D 338 -15.30 47.88 17.70
N THR D 339 -16.00 48.64 18.54
CA THR D 339 -15.94 48.43 19.98
C THR D 339 -16.86 47.31 20.44
N ASN D 340 -17.69 46.77 19.54
CA ASN D 340 -18.55 45.65 19.90
C ASN D 340 -17.76 44.36 20.05
N TYR D 341 -16.72 44.18 19.24
CA TYR D 341 -15.92 42.96 19.25
C TYR D 341 -14.45 43.32 19.14
N PRO D 342 -13.60 42.81 20.04
CA PRO D 342 -12.15 43.07 19.94
C PRO D 342 -11.49 42.25 18.83
N CYS D 343 -11.54 42.78 17.62
CA CYS D 343 -10.90 42.14 16.48
C CYS D 343 -9.41 42.00 16.74
N LYS D 344 -8.86 40.82 16.47
CA LYS D 344 -7.47 40.52 16.78
C LYS D 344 -6.59 40.92 15.61
N VAL D 345 -5.82 42.00 15.78
CA VAL D 345 -4.89 42.49 14.79
C VAL D 345 -3.51 42.60 15.42
N SER D 346 -2.48 42.43 14.62
CA SER D 346 -1.10 42.57 15.07
C SER D 346 -0.46 43.78 14.42
N THR D 347 0.07 44.68 15.23
CA THR D 347 0.71 45.90 14.76
C THR D 347 2.18 45.65 14.52
N GLY D 348 2.78 46.49 13.69
CA GLY D 348 4.20 46.38 13.37
C GLY D 348 4.80 47.76 13.12
N ARG D 349 6.10 47.75 12.82
CA ARG D 349 6.83 48.98 12.53
C ARG D 349 7.71 48.87 11.30
N HIS D 350 8.14 47.68 10.90
CA HIS D 350 8.99 47.50 9.74
C HIS D 350 8.19 46.91 8.58
N PRO D 351 8.36 47.41 7.36
CA PRO D 351 7.52 46.96 6.25
C PRO D 351 7.78 45.52 5.87
N ILE D 352 6.71 44.88 5.36
CA ILE D 352 6.76 43.50 4.90
C ILE D 352 6.07 43.45 3.54
N SER D 353 6.74 42.84 2.56
CA SER D 353 6.20 42.71 1.21
C SER D 353 5.97 41.24 0.90
N MET D 354 4.76 40.91 0.46
CA MET D 354 4.38 39.52 0.25
C MET D 354 3.14 39.48 -0.63
N VAL D 355 2.85 38.29 -1.15
CA VAL D 355 1.63 38.03 -1.91
C VAL D 355 0.85 36.94 -1.19
N ALA D 356 -0.39 37.25 -0.81
CA ALA D 356 -1.27 36.30 -0.12
C ALA D 356 -2.27 35.76 -1.14
N LEU D 357 -2.19 34.46 -1.41
CA LEU D 357 -3.06 33.85 -2.41
C LEU D 357 -4.47 33.67 -1.86
N SER D 358 -5.45 34.13 -2.63
CA SER D 358 -6.85 34.03 -2.33
C SER D 358 -7.53 32.99 -3.21
N PRO D 359 -8.65 32.42 -2.78
CA PRO D 359 -9.30 31.38 -3.61
C PRO D 359 -9.70 31.83 -5.00
N LEU D 360 -10.05 33.10 -5.21
CA LEU D 360 -10.41 33.61 -6.52
C LEU D 360 -9.52 34.75 -6.96
N GLY D 361 -8.36 34.93 -6.34
CA GLY D 361 -7.47 36.02 -6.70
C GLY D 361 -6.17 36.02 -5.92
N ALA D 362 -5.71 37.21 -5.53
CA ALA D 362 -4.49 37.34 -4.75
C ALA D 362 -4.41 38.74 -4.15
N LEU D 363 -3.79 38.83 -2.98
CA LEU D 363 -3.46 40.11 -2.36
C LEU D 363 -1.96 40.32 -2.45
N VAL D 364 -1.56 41.47 -2.98
CA VAL D 364 -0.14 41.80 -3.16
C VAL D 364 0.15 43.11 -2.43
N ALA D 365 1.18 43.08 -1.59
CA ALA D 365 1.62 44.26 -0.85
C ALA D 365 3.02 44.64 -1.33
N CYS D 366 3.20 45.91 -1.69
CA CYS D 366 4.45 46.39 -2.26
C CYS D 366 4.87 47.65 -1.52
N TYR D 367 6.01 47.59 -0.82
CA TYR D 367 6.44 48.69 0.02
C TYR D 367 7.96 48.84 -0.07
N LYS D 368 8.42 50.05 0.19
CA LYS D 368 9.85 50.35 0.38
C LYS D 368 10.59 50.02 -0.91
N GLY D 369 11.78 49.42 -0.87
CA GLY D 369 12.54 49.12 -2.06
C GLY D 369 12.33 47.75 -2.65
N VAL D 370 11.13 47.47 -3.16
CA VAL D 370 10.86 46.27 -3.94
C VAL D 370 10.07 46.68 -5.17
N SER D 371 10.16 45.86 -6.21
CA SER D 371 9.49 46.13 -7.48
C SER D 371 8.49 44.99 -7.75
N CYS D 372 7.21 45.29 -7.55
CA CYS D 372 6.14 44.34 -7.81
C CYS D 372 5.39 44.73 -9.08
N SER D 373 5.00 43.73 -9.85
CA SER D 373 4.37 44.00 -11.13
C SER D 373 3.51 42.81 -11.54
N ILE D 374 2.44 43.11 -12.27
CA ILE D 374 1.54 42.10 -12.80
C ILE D 374 2.08 41.59 -14.14
N GLY D 375 2.14 40.27 -14.28
CA GLY D 375 2.65 39.66 -15.50
C GLY D 375 1.77 38.51 -15.94
N SER D 376 2.06 38.02 -17.15
CA SER D 376 1.28 36.93 -17.74
C SER D 376 2.19 35.93 -18.45
N ASN D 377 3.30 35.57 -17.78
CA ASN D 377 4.19 34.53 -18.29
C ASN D 377 4.73 34.84 -19.67
N ARG D 378 4.24 34.12 -20.68
CA ARG D 378 4.72 34.14 -22.07
C ARG D 378 5.14 35.50 -22.56
N VAL D 379 4.26 36.49 -22.48
CA VAL D 379 4.54 37.83 -22.96
C VAL D 379 5.39 38.56 -21.93
N GLY D 380 4.97 38.49 -20.67
CA GLY D 380 5.73 39.10 -19.59
C GLY D 380 4.99 40.21 -18.88
N ILE D 381 5.66 41.35 -18.71
CA ILE D 381 5.12 42.44 -17.91
C ILE D 381 3.84 42.98 -18.55
N ILE D 382 2.80 43.12 -17.75
CA ILE D 382 1.56 43.77 -18.15
C ILE D 382 1.47 45.19 -17.61
N LYS D 383 1.70 45.35 -16.30
CA LYS D 383 1.71 46.67 -15.69
C LYS D 383 2.52 46.60 -14.41
N GLN D 384 3.18 47.71 -14.09
CA GLN D 384 3.79 47.85 -12.78
C GLN D 384 2.72 48.10 -11.73
N LEU D 385 3.01 47.69 -10.51
CA LEU D 385 1.99 47.82 -9.48
C LEU D 385 2.35 48.95 -8.53
N PRO D 386 1.37 49.76 -8.10
CA PRO D 386 1.68 50.87 -7.20
C PRO D 386 2.08 50.37 -5.82
N LYS D 387 2.63 51.29 -5.02
CA LYS D 387 2.99 50.95 -3.65
C LYS D 387 1.74 50.91 -2.78
N GLY D 388 1.60 49.83 -2.01
CA GLY D 388 0.48 49.64 -1.13
C GLY D 388 -0.17 48.29 -1.37
N CYS D 389 -1.42 48.17 -0.92
CA CYS D 389 -2.19 46.94 -1.09
C CYS D 389 -2.95 46.99 -2.40
N SER D 390 -3.01 45.86 -3.10
CA SER D 390 -3.75 45.76 -4.35
C SER D 390 -4.31 44.35 -4.49
N TYR D 391 -5.52 44.26 -5.04
CA TYR D 391 -6.21 42.98 -5.21
C TYR D 391 -6.30 42.67 -6.70
N ILE D 392 -5.84 41.48 -7.07
CA ILE D 392 -5.85 41.03 -8.46
C ILE D 392 -6.59 39.71 -8.54
N THR D 393 -7.51 39.60 -9.50
CA THR D 393 -8.32 38.41 -9.68
C THR D 393 -7.61 37.43 -10.61
N ASN D 394 -8.13 36.20 -10.64
CA ASN D 394 -7.52 35.16 -11.46
C ASN D 394 -7.70 35.44 -12.95
N GLN D 395 -8.72 36.21 -13.31
CA GLN D 395 -8.97 36.54 -14.71
C GLN D 395 -8.15 37.73 -15.19
N ASP D 396 -7.52 38.47 -14.29
CA ASP D 396 -6.75 39.64 -14.69
C ASP D 396 -5.41 39.24 -15.30
N ALA D 397 -4.65 38.40 -14.62
CA ALA D 397 -3.32 38.03 -15.06
C ALA D 397 -3.08 36.55 -14.74
N ASP D 398 -1.83 36.13 -14.81
CA ASP D 398 -1.46 34.77 -14.48
C ASP D 398 -0.34 34.65 -13.46
N THR D 399 0.53 35.65 -13.32
CA THR D 399 1.63 35.60 -12.38
C THR D 399 1.76 36.94 -11.67
N VAL D 400 2.41 36.91 -10.51
CA VAL D 400 2.81 38.10 -9.78
C VAL D 400 4.31 38.04 -9.55
N THR D 401 5.00 39.13 -9.87
CA THR D 401 6.44 39.23 -9.72
C THR D 401 6.79 40.27 -8.66
N ILE D 402 7.58 39.87 -7.68
CA ILE D 402 8.17 40.78 -6.70
C ILE D 402 9.68 40.65 -6.80
N ASP D 403 10.36 41.77 -7.06
CA ASP D 403 11.80 41.78 -7.30
C ASP D 403 12.15 40.79 -8.40
N ASN D 404 12.76 39.66 -8.03
CA ASN D 404 13.06 38.58 -8.95
C ASN D 404 12.18 37.35 -8.72
N THR D 405 11.24 37.41 -7.78
CA THR D 405 10.41 36.28 -7.43
C THR D 405 9.08 36.35 -8.17
N VAL D 406 8.70 35.26 -8.83
CA VAL D 406 7.47 35.18 -9.62
C VAL D 406 6.55 34.17 -8.96
N TYR D 407 5.36 34.62 -8.58
CA TYR D 407 4.34 33.77 -7.96
C TYR D 407 3.21 33.52 -8.94
N GLN D 408 2.81 32.27 -9.08
CA GLN D 408 1.69 31.91 -9.93
C GLN D 408 0.36 32.20 -9.24
N LEU D 409 -0.63 32.58 -10.04
CA LEU D 409 -1.97 32.83 -9.52
C LEU D 409 -2.84 31.59 -9.54
N SER D 410 -2.72 30.77 -10.59
CA SER D 410 -3.50 29.55 -10.74
C SER D 410 -2.55 28.40 -11.06
N LYS D 411 -3.09 27.18 -11.04
CA LYS D 411 -2.30 26.03 -11.44
C LYS D 411 -1.94 26.12 -12.90
N VAL D 412 -0.69 25.81 -13.23
CA VAL D 412 -0.20 25.87 -14.61
C VAL D 412 -0.53 24.53 -15.26
N GLU D 413 -1.57 24.51 -16.08
CA GLU D 413 -2.02 23.28 -16.72
C GLU D 413 -1.04 22.89 -17.81
N GLY D 414 -0.41 21.73 -17.66
CA GLY D 414 0.62 21.28 -18.56
C GLY D 414 0.12 20.22 -19.53
N GLU D 415 0.95 19.21 -19.76
CA GLU D 415 0.66 18.18 -20.74
C GLU D 415 -0.46 17.27 -20.26
N GLN D 416 -1.04 16.54 -21.20
CA GLN D 416 -2.02 15.50 -20.92
C GLN D 416 -1.54 14.21 -21.59
N HIS D 417 -1.54 13.12 -20.83
CA HIS D 417 -1.01 11.85 -21.28
C HIS D 417 -2.12 10.83 -21.41
N VAL D 418 -1.97 9.91 -22.37
CA VAL D 418 -2.87 8.80 -22.57
C VAL D 418 -2.02 7.57 -22.82
N ILE D 419 -1.86 6.73 -21.80
CA ILE D 419 -1.06 5.51 -21.88
C ILE D 419 -1.99 4.32 -21.80
N LYS D 420 -1.86 3.41 -22.75
CA LYS D 420 -2.62 2.17 -22.76
C LYS D 420 -1.64 1.01 -22.55
N GLY D 421 -2.06 0.05 -21.72
CA GLY D 421 -1.22 -1.10 -21.46
C GLY D 421 -1.10 -2.01 -22.67
N ARG D 422 -0.09 -2.87 -22.63
CA ARG D 422 0.14 -3.78 -23.74
C ARG D 422 -0.96 -4.84 -23.81
N PRO D 423 -1.24 -5.36 -25.00
CA PRO D 423 -2.25 -6.41 -25.12
C PRO D 423 -1.74 -7.74 -24.58
N VAL D 424 -2.69 -8.59 -24.19
CA VAL D 424 -2.41 -9.98 -23.84
C VAL D 424 -3.27 -10.85 -24.76
N SER D 425 -2.68 -11.95 -25.23
CA SER D 425 -3.34 -12.80 -26.21
C SER D 425 -3.24 -14.25 -25.81
N SER D 426 -4.17 -15.05 -26.32
CA SER D 426 -4.18 -16.48 -26.09
C SER D 426 -3.09 -17.16 -26.90
N SER D 427 -2.58 -18.27 -26.36
CA SER D 427 -1.60 -19.10 -27.02
C SER D 427 -2.05 -20.56 -27.06
N PHE D 428 -3.34 -20.77 -27.35
CA PHE D 428 -3.93 -22.10 -27.36
C PHE D 428 -3.86 -22.67 -28.76
N ASP D 429 -3.08 -23.74 -28.93
CA ASP D 429 -2.90 -24.41 -30.22
C ASP D 429 -3.16 -25.90 -30.04
N PRO D 430 -4.42 -26.32 -30.10
CA PRO D 430 -4.74 -27.73 -29.87
C PRO D 430 -4.15 -28.65 -30.94
N ILE D 431 -3.91 -29.89 -30.54
CA ILE D 431 -3.34 -30.92 -31.41
C ILE D 431 -4.45 -31.89 -31.78
N ARG D 432 -4.60 -32.16 -33.08
CA ARG D 432 -5.65 -33.02 -33.60
C ARG D 432 -5.04 -34.26 -34.22
N PHE D 433 -5.59 -35.43 -33.86
CA PHE D 433 -5.09 -36.72 -34.33
C PHE D 433 -5.83 -37.15 -35.60
N PRO D 434 -5.11 -37.55 -36.65
CA PRO D 434 -5.74 -38.06 -37.89
C PRO D 434 -6.24 -39.50 -37.75
N GLU D 435 -7.45 -39.64 -37.20
CA GLU D 435 -8.00 -40.96 -36.92
C GLU D 435 -8.41 -41.70 -38.18
N ASP D 436 -8.78 -40.98 -39.25
CA ASP D 436 -9.32 -41.63 -40.44
C ASP D 436 -8.29 -42.49 -41.15
N GLN D 437 -7.06 -41.99 -41.28
CA GLN D 437 -6.04 -42.74 -42.00
C GLN D 437 -5.61 -43.97 -41.23
N PHE D 438 -5.73 -43.96 -39.91
CA PHE D 438 -5.50 -45.16 -39.13
C PHE D 438 -6.67 -46.13 -39.26
N ASN D 439 -7.90 -45.61 -39.23
CA ASN D 439 -9.08 -46.46 -39.27
C ASN D 439 -9.19 -47.19 -40.60
N VAL D 440 -8.87 -46.53 -41.71
CA VAL D 440 -8.98 -47.20 -43.01
C VAL D 440 -7.98 -48.36 -43.09
N ALA D 441 -6.75 -48.14 -42.63
CA ALA D 441 -5.74 -49.19 -42.66
C ALA D 441 -6.12 -50.34 -41.73
N LEU D 442 -6.66 -50.02 -40.55
CA LEU D 442 -7.04 -51.08 -39.62
C LEU D 442 -8.22 -51.89 -40.17
N ASP D 443 -9.18 -51.24 -40.82
CA ASP D 443 -10.25 -51.96 -41.48
C ASP D 443 -9.70 -52.83 -42.62
N GLN D 444 -8.68 -52.33 -43.32
CA GLN D 444 -8.05 -53.11 -44.37
C GLN D 444 -7.42 -54.38 -43.80
N VAL D 445 -6.70 -54.27 -42.70
CA VAL D 445 -6.05 -55.45 -42.13
C VAL D 445 -7.09 -56.41 -41.57
N PHE D 446 -8.16 -55.88 -40.97
CA PHE D 446 -9.21 -56.76 -40.46
C PHE D 446 -9.91 -57.52 -41.58
N GLU D 447 -10.22 -56.83 -42.68
CA GLU D 447 -10.86 -57.50 -43.80
C GLU D 447 -9.91 -58.48 -44.48
N SER D 448 -8.60 -58.20 -44.49
CA SER D 448 -7.64 -59.17 -45.00
C SER D 448 -7.61 -60.42 -44.14
N ILE D 449 -7.64 -60.26 -42.82
CA ILE D 449 -7.63 -61.41 -41.93
C ILE D 449 -8.91 -62.24 -42.10
N GLU D 450 -10.06 -61.56 -42.19
CA GLU D 450 -11.31 -62.28 -42.39
C GLU D 450 -11.34 -63.00 -43.73
N ASN D 451 -10.82 -62.36 -44.78
CA ASN D 451 -10.74 -63.01 -46.08
C ASN D 451 -9.81 -64.22 -46.04
N SER D 452 -8.70 -64.12 -45.30
CA SER D 452 -7.80 -65.25 -45.16
C SER D 452 -8.49 -66.42 -44.46
N GLN D 453 -9.25 -66.12 -43.39
CA GLN D 453 -9.99 -67.18 -42.71
C GLN D 453 -11.03 -67.82 -43.63
N ALA D 454 -11.76 -66.98 -44.39
CA ALA D 454 -12.74 -67.52 -45.33
C ALA D 454 -12.07 -68.38 -46.39
N LEU D 455 -10.90 -67.96 -46.87
CA LEU D 455 -10.20 -68.72 -47.92
C LEU D 455 -9.68 -70.04 -47.39
N VAL D 456 -9.15 -70.08 -46.17
CA VAL D 456 -8.68 -71.35 -45.63
C VAL D 456 -9.85 -72.28 -45.34
N ASP D 457 -10.99 -71.72 -44.89
CA ASP D 457 -12.18 -72.55 -44.72
C ASP D 457 -12.65 -73.12 -46.05
N GLN D 458 -12.64 -72.31 -47.10
CA GLN D 458 -13.02 -72.80 -48.43
C GLN D 458 -12.04 -73.85 -48.92
N SER D 459 -10.75 -73.68 -48.62
CA SER D 459 -9.76 -74.68 -49.00
C SER D 459 -10.05 -76.01 -48.31
N ASN D 460 -10.33 -75.97 -47.01
CA ASN D 460 -10.66 -77.20 -46.29
C ASN D 460 -11.92 -77.85 -46.85
N LYS D 461 -12.93 -77.04 -47.19
CA LYS D 461 -14.16 -77.58 -47.75
C LYS D 461 -13.92 -78.21 -49.12
N ILE D 462 -13.11 -77.55 -49.97
CA ILE D 462 -12.89 -78.01 -51.33
C ILE D 462 -11.97 -79.24 -51.36
N LEU D 463 -11.08 -79.37 -50.38
CA LEU D 463 -10.15 -80.50 -50.37
C LEU D 463 -10.90 -81.83 -50.37
N ASN D 464 -11.95 -81.94 -49.57
CA ASN D 464 -12.80 -83.11 -49.60
C ASN D 464 -13.67 -83.10 -50.85
N SER D 465 -14.08 -84.30 -51.27
CA SER D 465 -14.90 -84.45 -52.47
C SER D 465 -16.30 -83.88 -52.25
N LEU E 1 -9.85 4.71 35.14
CA LEU E 1 -9.59 6.15 35.21
C LEU E 1 -10.53 6.82 36.21
N LYS E 2 -10.09 7.95 36.76
CA LYS E 2 -10.89 8.73 37.69
C LYS E 2 -11.02 10.15 37.13
N GLU E 3 -12.25 10.58 36.92
CA GLU E 3 -12.53 11.91 36.36
C GLU E 3 -13.34 12.72 37.36
N SER E 4 -12.89 13.95 37.61
CA SER E 4 -13.53 14.85 38.56
C SER E 4 -14.08 16.07 37.85
N TYR E 5 -15.20 16.58 38.35
CA TYR E 5 -15.79 17.80 37.83
C TYR E 5 -15.24 18.99 38.61
N LEU E 6 -14.53 19.88 37.89
CA LEU E 6 -14.02 21.11 38.50
C LEU E 6 -15.06 22.20 38.30
N GLU E 7 -16.01 22.23 39.24
CA GLU E 7 -17.17 23.10 39.08
C GLU E 7 -16.80 24.58 39.13
N GLU E 8 -15.72 24.93 39.82
CA GLU E 8 -15.33 26.33 39.93
C GLU E 8 -14.91 26.94 38.59
N SER E 9 -14.49 26.11 37.64
CA SER E 9 -13.96 26.60 36.37
C SER E 9 -14.61 25.94 35.16
N CYS E 10 -15.72 25.22 35.34
CA CYS E 10 -16.45 24.62 34.22
C CYS E 10 -15.53 23.71 33.41
N SER E 11 -14.70 22.93 34.12
CA SER E 11 -13.71 22.06 33.50
C SER E 11 -13.70 20.72 34.23
N THR E 12 -12.96 19.77 33.66
CA THR E 12 -12.79 18.45 34.26
C THR E 12 -11.32 18.06 34.19
N ILE E 13 -10.93 17.10 35.05
CA ILE E 13 -9.60 16.51 35.00
C ILE E 13 -9.73 14.99 35.10
N THR E 14 -9.05 14.28 34.22
CA THR E 14 -9.11 12.81 34.16
C THR E 14 -7.73 12.25 34.48
N GLU E 15 -7.57 11.73 35.69
CA GLU E 15 -6.29 11.22 36.17
C GLU E 15 -6.26 9.70 36.12
N GLY E 16 -5.05 9.16 36.11
CA GLY E 16 -4.85 7.73 36.16
C GLY E 16 -4.03 7.17 35.02
N TYR E 17 -3.29 8.03 34.34
CA TYR E 17 -2.50 7.65 33.18
C TYR E 17 -1.02 7.52 33.55
N LEU E 18 -0.31 6.73 32.75
CA LEU E 18 1.11 6.45 32.96
C LEU E 18 1.89 6.79 31.69
N SER E 19 2.96 7.56 31.84
CA SER E 19 3.69 8.12 30.71
C SER E 19 4.59 7.12 30.03
N VAL E 20 4.80 7.31 28.73
CA VAL E 20 5.85 6.65 27.97
C VAL E 20 6.47 7.68 27.03
N LEU E 21 7.63 8.22 27.41
CA LEU E 21 8.26 9.32 26.70
C LEU E 21 9.54 8.86 26.00
N ARG E 22 9.67 9.24 24.73
CA ARG E 22 10.84 8.90 23.94
C ARG E 22 12.02 9.79 24.30
N THR E 23 13.20 9.17 24.41
CA THR E 23 14.41 9.90 24.76
C THR E 23 15.55 9.75 23.77
N GLY E 24 15.44 8.84 22.80
CA GLY E 24 16.52 8.69 21.84
C GLY E 24 16.04 7.95 20.61
N TRP E 25 16.96 7.77 19.67
CA TRP E 25 16.72 7.06 18.42
C TRP E 25 17.71 5.91 18.32
N TYR E 26 17.19 4.73 18.02
CA TYR E 26 18.00 3.53 17.84
C TYR E 26 17.86 3.07 16.40
N THR E 27 18.98 2.92 15.69
CA THR E 27 18.97 2.68 14.26
C THR E 27 19.63 1.36 13.92
N ASN E 28 19.05 0.65 12.96
CA ASN E 28 19.64 -0.52 12.33
C ASN E 28 19.68 -0.28 10.82
N VAL E 29 20.48 -1.05 10.12
CA VAL E 29 20.55 -1.00 8.67
C VAL E 29 20.33 -2.40 8.12
N PHE E 30 19.62 -2.47 6.99
CA PHE E 30 19.26 -3.74 6.37
C PHE E 30 19.69 -3.72 4.91
N THR E 31 20.06 -4.89 4.40
CA THR E 31 20.40 -5.06 2.99
C THR E 31 19.63 -6.28 2.48
N LEU E 32 18.61 -6.04 1.67
CA LEU E 32 17.81 -7.11 1.07
C LEU E 32 18.25 -7.29 -0.37
N GLU E 33 18.50 -8.54 -0.76
CA GLU E 33 18.95 -8.86 -2.10
C GLU E 33 18.05 -9.91 -2.72
N VAL E 34 18.01 -9.93 -4.04
CA VAL E 34 17.24 -10.92 -4.79
C VAL E 34 18.04 -12.20 -4.87
N GLY E 35 17.38 -13.33 -4.59
CA GLY E 35 18.04 -14.61 -4.74
C GLY E 35 18.37 -14.91 -6.19
N ASP E 36 19.24 -15.89 -6.38
CA ASP E 36 19.70 -16.24 -7.72
C ASP E 36 18.55 -16.82 -8.55
N VAL E 37 18.51 -16.43 -9.82
CA VAL E 37 17.54 -16.95 -10.79
C VAL E 37 18.30 -17.39 -12.03
N GLU E 38 17.89 -18.52 -12.60
CA GLU E 38 18.59 -19.12 -13.74
C GLU E 38 17.87 -18.81 -15.05
N ASN E 39 18.55 -19.07 -16.17
CA ASN E 39 17.83 -19.23 -17.44
C ASN E 39 16.86 -20.39 -17.45
N LEU E 40 15.76 -20.19 -18.17
CA LEU E 40 14.94 -21.26 -18.72
C LEU E 40 15.00 -21.06 -20.23
N THR E 41 15.97 -21.70 -20.88
CA THR E 41 16.28 -21.44 -22.27
C THR E 41 15.40 -22.21 -23.26
N CYS E 42 14.45 -23.00 -22.77
CA CYS E 42 13.62 -23.80 -23.65
C CYS E 42 12.48 -23.01 -24.28
N THR E 43 12.24 -21.78 -23.84
CA THR E 43 11.09 -21.01 -24.29
C THR E 43 11.40 -20.32 -25.61
N ASP E 44 10.42 -20.31 -26.51
CA ASP E 44 10.52 -19.52 -27.74
C ASP E 44 9.92 -18.14 -27.50
N GLY E 45 10.74 -17.11 -27.58
CA GLY E 45 10.29 -15.77 -27.32
C GLY E 45 10.49 -15.38 -25.86
N PRO E 46 9.87 -14.28 -25.45
CA PRO E 46 9.99 -13.83 -24.06
C PRO E 46 9.40 -14.84 -23.09
N SER E 47 10.00 -14.94 -21.92
CA SER E 47 9.55 -15.82 -20.86
C SER E 47 8.96 -15.01 -19.71
N LEU E 48 8.05 -15.63 -18.97
CA LEU E 48 7.39 -14.94 -17.86
C LEU E 48 8.38 -14.58 -16.76
N ILE E 49 9.32 -15.48 -16.47
CA ILE E 49 10.30 -15.20 -15.42
C ILE E 49 11.26 -14.11 -15.85
N LYS E 50 11.67 -14.11 -17.13
CA LYS E 50 12.53 -13.03 -17.61
C LYS E 50 11.80 -11.69 -17.61
N THR E 51 10.52 -11.69 -17.96
CA THR E 51 9.73 -10.47 -17.88
C THR E 51 9.63 -9.97 -16.45
N GLU E 52 9.43 -10.88 -15.49
CA GLU E 52 9.39 -10.49 -14.09
C GLU E 52 10.73 -9.92 -13.63
N LEU E 53 11.83 -10.54 -14.08
CA LEU E 53 13.16 -10.04 -13.72
C LEU E 53 13.41 -8.65 -14.31
N ASP E 54 13.00 -8.44 -15.56
CA ASP E 54 13.14 -7.12 -16.17
C ASP E 54 12.30 -6.08 -15.45
N LEU E 55 11.07 -6.45 -15.05
CA LEU E 55 10.24 -5.54 -14.29
C LEU E 55 10.87 -5.20 -12.94
N THR E 56 11.47 -6.20 -12.29
CA THR E 56 12.16 -5.97 -11.02
C THR E 56 13.34 -5.03 -11.20
N LYS E 57 14.13 -5.24 -12.26
CA LYS E 57 15.27 -4.37 -12.52
C LYS E 57 14.83 -2.95 -12.84
N SER E 58 13.76 -2.80 -13.60
CA SER E 58 13.23 -1.47 -13.90
C SER E 58 12.74 -0.77 -12.63
N ALA E 59 12.03 -1.50 -11.78
CA ALA E 59 11.57 -0.92 -10.52
C ALA E 59 12.73 -0.51 -9.63
N LEU E 60 13.80 -1.32 -9.62
CA LEU E 60 14.99 -0.97 -8.86
C LEU E 60 15.67 0.27 -9.42
N ARG E 61 15.74 0.38 -10.75
CA ARG E 61 16.34 1.55 -11.37
C ARG E 61 15.55 2.81 -11.07
N GLU E 62 14.21 2.72 -11.08
CA GLU E 62 13.40 3.89 -10.72
C GLU E 62 13.51 4.21 -9.24
N LEU E 63 13.62 3.19 -8.39
CA LEU E 63 13.77 3.44 -6.96
C LEU E 63 15.12 4.05 -6.63
N LYS E 64 16.12 3.82 -7.47
CA LYS E 64 17.44 4.42 -7.26
C LYS E 64 17.37 5.95 -7.30
N THR E 65 16.42 6.51 -8.06
CA THR E 65 16.34 7.95 -8.22
C THR E 65 15.72 8.67 -7.02
N VAL E 66 15.12 7.95 -6.08
CA VAL E 66 14.53 8.55 -4.90
C VAL E 66 15.32 8.19 -3.64
N SER E 67 16.51 7.61 -3.80
CA SER E 67 17.33 7.23 -2.66
C SER E 67 17.90 8.48 -1.97
N ALA E 68 18.38 8.27 -0.74
CA ALA E 68 18.94 9.37 0.04
C ALA E 68 20.18 9.97 -0.62
N ASP E 69 21.05 9.14 -1.20
CA ASP E 69 22.21 9.62 -1.93
C ASP E 69 21.88 9.68 -3.42
N GLN E 70 22.30 10.75 -4.07
CA GLN E 70 21.99 10.94 -5.49
C GLN E 70 22.71 9.92 -6.34
N SER F 114 -6.60 -89.62 -57.04
CA SER F 114 -7.60 -89.25 -58.02
C SER F 114 -8.05 -87.80 -57.83
N GLU F 115 -7.70 -87.25 -56.67
CA GLU F 115 -8.04 -85.87 -56.33
C GLU F 115 -6.79 -84.99 -56.19
N VAL F 116 -5.74 -85.31 -56.95
CA VAL F 116 -4.53 -84.50 -56.92
C VAL F 116 -4.80 -83.09 -57.44
N ASN F 117 -5.71 -82.96 -58.41
CA ASN F 117 -6.11 -81.64 -58.86
C ASN F 117 -6.78 -80.85 -57.75
N ALA F 118 -7.64 -81.51 -56.96
CA ALA F 118 -8.26 -80.86 -55.82
C ALA F 118 -7.21 -80.45 -54.79
N ILE F 119 -6.20 -81.29 -54.57
CA ILE F 119 -5.12 -80.94 -53.64
C ILE F 119 -4.37 -79.72 -54.15
N LYS F 120 -4.09 -79.67 -55.45
CA LYS F 120 -3.39 -78.52 -56.03
C LYS F 120 -4.22 -77.25 -55.86
N GLY F 121 -5.52 -77.34 -56.12
CA GLY F 121 -6.37 -76.17 -55.96
C GLY F 121 -6.45 -75.70 -54.52
N ALA F 122 -6.55 -76.65 -53.58
CA ALA F 122 -6.58 -76.29 -52.17
C ALA F 122 -5.28 -75.61 -51.75
N LEU F 123 -4.14 -76.13 -52.22
CA LEU F 123 -2.86 -75.50 -51.92
C LEU F 123 -2.78 -74.10 -52.50
N LYS F 124 -3.29 -73.91 -53.72
CA LYS F 124 -3.26 -72.57 -54.34
C LYS F 124 -4.11 -71.59 -53.55
N THR F 125 -5.32 -72.00 -53.16
CA THR F 125 -6.15 -71.11 -52.34
C THR F 125 -5.50 -70.84 -50.98
N THR F 126 -4.83 -71.85 -50.41
CA THR F 126 -4.16 -71.66 -49.13
C THR F 126 -3.04 -70.63 -49.23
N ASN F 127 -2.22 -70.72 -50.29
CA ASN F 127 -1.12 -69.76 -50.41
C ASN F 127 -1.64 -68.38 -50.78
N GLU F 128 -2.75 -68.30 -51.52
CA GLU F 128 -3.39 -67.00 -51.72
C GLU F 128 -3.86 -66.40 -50.40
N ALA F 129 -4.45 -67.23 -49.53
CA ALA F 129 -4.88 -66.75 -48.22
C ALA F 129 -3.71 -66.26 -47.39
N VAL F 130 -2.60 -67.01 -47.37
CA VAL F 130 -1.46 -66.58 -46.58
C VAL F 130 -0.85 -65.31 -47.17
N SER F 131 -0.85 -65.16 -48.50
CA SER F 131 -0.36 -63.92 -49.09
C SER F 131 -1.24 -62.73 -48.70
N THR F 132 -2.56 -62.91 -48.71
CA THR F 132 -3.44 -61.84 -48.28
C THR F 132 -3.23 -61.49 -46.81
N LEU F 133 -3.02 -62.51 -45.97
CA LEU F 133 -2.74 -62.26 -44.56
C LEU F 133 -1.43 -61.50 -44.39
N GLY F 134 -0.42 -61.85 -45.18
CA GLY F 134 0.84 -61.11 -45.12
C GLY F 134 0.71 -59.68 -45.56
N ASN F 135 -0.09 -59.43 -46.60
CA ASN F 135 -0.36 -58.05 -47.03
C ASN F 135 -1.06 -57.27 -45.93
N GLY F 136 -2.03 -57.88 -45.26
CA GLY F 136 -2.65 -57.24 -44.12
C GLY F 136 -1.66 -56.95 -43.01
N VAL F 137 -0.75 -57.89 -42.75
CA VAL F 137 0.27 -57.69 -41.73
C VAL F 137 1.16 -56.50 -42.08
N ARG F 138 1.54 -56.37 -43.35
CA ARG F 138 2.39 -55.26 -43.74
C ARG F 138 1.65 -53.92 -43.68
N VAL F 139 0.35 -53.92 -44.01
CA VAL F 139 -0.44 -52.70 -43.86
C VAL F 139 -0.53 -52.29 -42.38
N LEU F 140 -0.74 -53.28 -41.50
CA LEU F 140 -0.76 -52.99 -40.07
C LEU F 140 0.60 -52.48 -39.60
N ALA F 141 1.69 -53.02 -40.16
CA ALA F 141 3.02 -52.54 -39.83
C ALA F 141 3.21 -51.08 -40.22
N THR F 142 2.72 -50.71 -41.41
CA THR F 142 2.79 -49.30 -41.80
C THR F 142 1.97 -48.42 -40.86
N ALA F 143 0.78 -48.90 -40.47
CA ALA F 143 -0.07 -48.14 -39.56
C ALA F 143 0.63 -47.92 -38.21
N VAL F 144 1.24 -48.98 -37.66
CA VAL F 144 1.90 -48.83 -36.37
C VAL F 144 3.16 -47.99 -36.49
N ARG F 145 3.83 -48.02 -37.65
CA ARG F 145 4.96 -47.12 -37.87
C ARG F 145 4.51 -45.67 -37.82
N GLU F 146 3.40 -45.36 -38.50
CA GLU F 146 2.87 -44.00 -38.46
C GLU F 146 2.47 -43.60 -37.04
N LEU F 147 1.83 -44.53 -36.31
CA LEU F 147 1.45 -44.24 -34.93
C LEU F 147 2.66 -43.94 -34.07
N LYS F 148 3.71 -44.75 -34.20
CA LYS F 148 4.91 -44.56 -33.40
C LYS F 148 5.57 -43.23 -33.73
N GLU F 149 5.69 -42.90 -35.02
CA GLU F 149 6.32 -41.63 -35.38
C GLU F 149 5.51 -40.45 -34.86
N PHE F 150 4.18 -40.51 -34.99
CA PHE F 150 3.34 -39.44 -34.46
C PHE F 150 3.54 -39.28 -32.96
N VAL F 151 3.46 -40.38 -32.21
CA VAL F 151 3.60 -40.31 -30.76
C VAL F 151 4.98 -39.79 -30.38
N SER F 152 6.02 -40.24 -31.09
CA SER F 152 7.38 -39.90 -30.69
C SER F 152 7.75 -38.47 -31.04
N LYS F 153 7.19 -37.91 -32.10
CA LYS F 153 7.53 -36.54 -32.48
C LYS F 153 6.47 -35.52 -32.08
N ASN F 154 5.25 -35.65 -32.60
CA ASN F 154 4.29 -34.56 -32.52
C ASN F 154 3.70 -34.42 -31.11
N LEU F 155 3.65 -35.52 -30.35
CA LEU F 155 3.14 -35.46 -28.99
C LEU F 155 4.24 -35.16 -27.99
N THR F 156 5.45 -35.69 -28.20
CA THR F 156 6.55 -35.38 -27.30
C THR F 156 6.96 -33.93 -27.41
N SER F 157 6.90 -33.34 -28.61
CA SER F 157 7.19 -31.91 -28.72
C SER F 157 6.19 -31.09 -27.93
N ALA F 158 4.91 -31.43 -28.01
CA ALA F 158 3.88 -30.71 -27.27
C ALA F 158 4.06 -30.87 -25.76
N ILE F 159 4.40 -32.09 -25.32
CA ILE F 159 4.58 -32.30 -23.89
C ILE F 159 5.82 -31.57 -23.38
N ASN F 160 6.88 -31.49 -24.19
CA ASN F 160 8.05 -30.71 -23.79
C ASN F 160 7.74 -29.22 -23.72
N LYS F 161 6.95 -28.71 -24.68
CA LYS F 161 6.54 -27.32 -24.61
C LYS F 161 5.69 -27.04 -23.38
N ASN F 162 4.78 -27.96 -23.05
CA ASN F 162 3.97 -27.81 -21.84
C ASN F 162 4.85 -27.81 -20.59
N LYS F 163 5.84 -28.69 -20.55
CA LYS F 163 6.76 -28.73 -19.41
C LYS F 163 7.52 -27.42 -19.28
N CYS F 164 8.00 -26.87 -20.40
CA CYS F 164 8.73 -25.60 -20.36
C CYS F 164 7.84 -24.47 -19.87
N ASP F 165 6.60 -24.42 -20.35
CA ASP F 165 5.67 -23.37 -19.92
C ASP F 165 5.34 -23.50 -18.43
N ILE F 166 5.12 -24.73 -17.96
CA ILE F 166 4.85 -24.95 -16.53
C ILE F 166 6.05 -24.52 -15.69
N ALA F 167 7.27 -24.84 -16.16
CA ALA F 167 8.46 -24.42 -15.43
C ALA F 167 8.56 -22.90 -15.35
N ASP F 168 8.25 -22.22 -16.45
CA ASP F 168 8.26 -20.76 -16.43
C ASP F 168 7.25 -20.20 -15.43
N LEU F 169 6.04 -20.75 -15.44
CA LEU F 169 5.01 -20.29 -14.51
C LEU F 169 5.43 -20.53 -13.06
N LYS F 170 5.97 -21.72 -12.78
CA LYS F 170 6.42 -22.04 -11.43
C LYS F 170 7.54 -21.11 -11.00
N MET F 171 8.47 -20.81 -11.92
CA MET F 171 9.57 -19.92 -11.57
C MET F 171 9.06 -18.52 -11.24
N ALA F 172 8.10 -18.01 -12.00
CA ALA F 172 7.54 -16.70 -11.69
C ALA F 172 6.86 -16.70 -10.33
N VAL F 173 6.02 -17.70 -10.07
CA VAL F 173 5.30 -17.75 -8.80
C VAL F 173 6.27 -17.92 -7.63
N SER F 174 7.25 -18.80 -7.78
CA SER F 174 8.23 -19.02 -6.72
C SER F 174 9.11 -17.81 -6.49
N PHE F 175 9.43 -17.06 -7.54
CA PHE F 175 10.12 -15.79 -7.37
C PHE F 175 9.30 -14.87 -6.49
N SER F 176 8.01 -14.73 -6.81
CA SER F 176 7.14 -13.88 -6.00
C SER F 176 7.08 -14.34 -4.55
N GLN F 177 7.06 -15.66 -4.33
CA GLN F 177 6.93 -16.19 -2.98
C GLN F 177 8.21 -16.04 -2.17
N PHE F 178 9.37 -16.32 -2.78
CA PHE F 178 10.63 -16.29 -2.07
C PHE F 178 11.14 -14.88 -1.83
N ASN F 179 10.94 -13.96 -2.77
CA ASN F 179 11.42 -12.60 -2.61
C ASN F 179 10.33 -11.68 -2.08
N ARG F 180 9.41 -12.22 -1.27
CA ARG F 180 8.22 -11.47 -0.87
C ARG F 180 8.59 -10.28 -0.01
N ARG F 181 9.49 -10.46 0.95
CA ARG F 181 9.87 -9.36 1.83
C ARG F 181 10.54 -8.24 1.05
N PHE F 182 11.46 -8.59 0.15
CA PHE F 182 12.15 -7.61 -0.67
C PHE F 182 11.17 -6.86 -1.56
N LEU F 183 10.24 -7.59 -2.19
CA LEU F 183 9.26 -6.97 -3.08
C LEU F 183 8.33 -6.04 -2.30
N ASN F 184 7.94 -6.44 -1.09
CA ASN F 184 7.07 -5.59 -0.28
C ASN F 184 7.79 -4.31 0.14
N VAL F 185 9.07 -4.42 0.53
CA VAL F 185 9.83 -3.23 0.90
C VAL F 185 9.97 -2.30 -0.31
N VAL F 186 10.27 -2.87 -1.48
CA VAL F 186 10.39 -2.05 -2.69
C VAL F 186 9.07 -1.37 -3.02
N ARG F 187 7.96 -2.10 -2.90
CA ARG F 187 6.64 -1.52 -3.18
C ARG F 187 6.32 -0.38 -2.23
N GLN F 188 6.59 -0.55 -0.94
CA GLN F 188 6.29 0.50 0.02
C GLN F 188 7.14 1.75 -0.22
N PHE F 189 8.44 1.56 -0.49
CA PHE F 189 9.30 2.70 -0.75
C PHE F 189 8.94 3.40 -2.05
N SER F 190 8.49 2.64 -3.07
CA SER F 190 8.03 3.26 -4.30
C SER F 190 6.73 4.03 -4.09
N ASP F 191 5.83 3.49 -3.27
CA ASP F 191 4.56 4.16 -3.00
C ASP F 191 4.78 5.47 -2.27
N ASN F 192 5.65 5.49 -1.26
CA ASN F 192 5.86 6.69 -0.47
C ASN F 192 7.12 7.47 -0.88
N ALA F 193 7.77 7.07 -1.97
CA ALA F 193 8.90 7.79 -2.56
C ALA F 193 10.09 7.88 -1.58
N GLY F 194 10.61 6.72 -1.22
CA GLY F 194 11.83 6.64 -0.44
C GLY F 194 11.66 6.70 1.06
N ILE F 195 10.44 6.93 1.54
CA ILE F 195 10.11 6.99 2.97
C ILE F 195 9.05 5.92 3.24
N THR F 196 8.94 5.51 4.51
CA THR F 196 7.87 4.65 4.95
C THR F 196 7.28 5.22 6.23
N PRO F 197 5.96 5.42 6.30
CA PRO F 197 5.39 6.15 7.45
C PRO F 197 5.54 5.44 8.79
N ALA F 198 5.83 4.14 8.80
CA ALA F 198 5.99 3.40 10.05
C ALA F 198 6.97 2.27 9.80
N ILE F 199 7.25 1.48 10.83
CA ILE F 199 8.08 0.29 10.70
C ILE F 199 7.13 -0.87 10.41
N SER F 200 6.97 -1.20 9.14
CA SER F 200 6.07 -2.26 8.75
C SER F 200 6.65 -3.62 9.13
N LEU F 201 5.81 -4.65 9.04
CA LEU F 201 6.22 -6.00 9.39
C LEU F 201 7.23 -6.59 8.42
N ASP F 202 7.40 -5.98 7.24
CA ASP F 202 8.38 -6.44 6.27
C ASP F 202 9.68 -5.66 6.30
N LEU F 203 9.66 -4.43 6.83
CA LEU F 203 10.90 -3.74 7.12
C LEU F 203 11.68 -4.46 8.21
N MET F 204 10.98 -4.93 9.25
CA MET F 204 11.61 -5.51 10.42
C MET F 204 10.67 -6.56 10.99
N THR F 205 11.16 -7.80 11.12
CA THR F 205 10.36 -8.85 11.71
C THR F 205 10.25 -8.66 13.22
N ASP F 206 9.38 -9.47 13.84
CA ASP F 206 9.15 -9.34 15.28
C ASP F 206 10.37 -9.78 16.07
N ALA F 207 11.07 -10.83 15.62
CA ALA F 207 12.27 -11.27 16.31
C ALA F 207 13.37 -10.22 16.25
N GLU F 208 13.56 -9.60 15.07
CA GLU F 208 14.54 -8.53 14.96
C GLU F 208 14.16 -7.34 15.82
N LEU F 209 12.87 -7.00 15.85
CA LEU F 209 12.41 -5.90 16.68
C LEU F 209 12.67 -6.18 18.17
N ALA F 210 12.40 -7.41 18.60
CA ALA F 210 12.64 -7.79 19.99
C ALA F 210 14.12 -7.76 20.34
N ARG F 211 14.97 -8.27 19.45
CA ARG F 211 16.41 -8.21 19.69
C ARG F 211 16.91 -6.78 19.79
N ALA F 212 16.46 -5.91 18.87
CA ALA F 212 16.86 -4.52 18.90
C ALA F 212 16.41 -3.84 20.18
N VAL F 213 15.19 -4.15 20.64
CA VAL F 213 14.71 -3.59 21.90
C VAL F 213 15.56 -4.08 23.06
N SER F 214 15.93 -5.35 23.05
CA SER F 214 16.79 -5.89 24.12
C SER F 214 18.17 -5.25 24.10
N TYR F 215 18.63 -4.74 22.95
CA TYR F 215 19.96 -4.15 22.86
C TYR F 215 19.98 -2.64 23.15
N MET F 216 18.85 -2.01 23.43
CA MET F 216 18.85 -0.58 23.68
C MET F 216 19.54 -0.25 25.00
N PRO F 217 20.21 0.90 25.07
CA PRO F 217 20.88 1.33 26.33
C PRO F 217 19.89 1.93 27.31
N THR F 218 19.04 1.07 27.88
CA THR F 218 18.08 1.48 28.89
C THR F 218 17.94 0.36 29.90
N SER F 219 16.95 0.47 30.79
CA SER F 219 16.81 -0.45 31.91
C SER F 219 15.75 -1.52 31.63
N ALA F 220 15.66 -2.46 32.57
CA ALA F 220 14.82 -3.64 32.37
C ALA F 220 13.35 -3.27 32.29
N GLY F 221 12.90 -2.32 33.11
CA GLY F 221 11.50 -1.92 33.06
C GLY F 221 11.11 -1.31 31.72
N GLN F 222 11.97 -0.41 31.22
CA GLN F 222 11.72 0.16 29.89
C GLN F 222 11.71 -0.92 28.82
N ILE F 223 12.66 -1.85 28.88
CA ILE F 223 12.72 -2.90 27.86
C ILE F 223 11.46 -3.76 27.90
N LYS F 224 11.01 -4.11 29.10
CA LYS F 224 9.80 -4.92 29.25
C LYS F 224 8.58 -4.20 28.71
N LEU F 225 8.46 -2.90 29.01
CA LEU F 225 7.32 -2.15 28.49
C LEU F 225 7.37 -2.06 26.96
N MET F 226 8.57 -1.93 26.39
CA MET F 226 8.68 -1.92 24.93
C MET F 226 8.25 -3.25 24.32
N LEU F 227 8.68 -4.37 24.91
CA LEU F 227 8.21 -5.64 24.38
C LEU F 227 6.72 -5.84 24.60
N GLU F 228 6.12 -5.14 25.56
CA GLU F 228 4.68 -5.17 25.69
C GLU F 228 3.98 -4.30 24.63
N ASN F 229 4.57 -3.17 24.28
CA ASN F 229 3.96 -2.18 23.40
C ASN F 229 4.70 -2.04 22.07
N ARG F 230 5.17 -3.18 21.57
CA ARG F 230 5.69 -3.35 20.21
C ARG F 230 4.94 -2.53 19.15
N ALA F 231 3.61 -2.51 19.21
CA ALA F 231 2.83 -1.81 18.20
C ALA F 231 3.10 -0.31 18.23
N MET F 232 3.13 0.28 19.42
CA MET F 232 3.45 1.70 19.52
C MET F 232 4.90 1.97 19.15
N VAL F 233 5.80 1.03 19.45
CA VAL F 233 7.18 1.16 19.00
C VAL F 233 7.23 1.27 17.47
N ARG F 234 6.54 0.35 16.79
CA ARG F 234 6.52 0.37 15.33
C ARG F 234 5.88 1.63 14.78
N ARG F 235 4.75 2.05 15.37
CA ARG F 235 4.02 3.20 14.84
C ARG F 235 4.71 4.52 15.15
N LYS F 236 5.61 4.56 16.12
CA LYS F 236 6.38 5.77 16.37
C LYS F 236 7.77 5.74 15.74
N GLY F 237 8.19 4.59 15.21
CA GLY F 237 9.39 4.53 14.38
C GLY F 237 9.07 4.79 12.92
N PHE F 238 10.09 4.61 12.08
CA PHE F 238 9.95 4.77 10.64
C PHE F 238 11.20 4.23 9.97
N GLY F 239 11.15 4.17 8.64
CA GLY F 239 12.29 3.72 7.87
C GLY F 239 12.52 4.60 6.67
N ILE F 240 13.79 4.76 6.30
CA ILE F 240 14.18 5.59 5.17
C ILE F 240 15.03 4.77 4.22
N LEU F 241 14.96 5.11 2.94
CA LEU F 241 15.73 4.43 1.90
C LEU F 241 17.06 5.13 1.71
N ILE F 242 18.14 4.35 1.65
CA ILE F 242 19.48 4.88 1.56
C ILE F 242 20.03 4.79 0.14
N GLY F 243 19.93 3.65 -0.50
CA GLY F 243 20.47 3.52 -1.84
C GLY F 243 20.17 2.16 -2.44
N VAL F 244 20.59 2.01 -3.69
CA VAL F 244 20.44 0.78 -4.45
C VAL F 244 21.81 0.40 -5.00
N TYR F 245 22.24 -0.83 -4.74
CA TYR F 245 23.52 -1.34 -5.24
C TYR F 245 23.27 -2.66 -5.92
N GLY F 246 23.44 -2.69 -7.24
CA GLY F 246 23.18 -3.92 -7.98
C GLY F 246 21.73 -4.30 -7.88
N SER F 247 21.48 -5.52 -7.38
CA SER F 247 20.13 -6.03 -7.16
C SER F 247 19.74 -5.99 -5.69
N SER F 248 20.16 -4.96 -4.96
CA SER F 248 19.96 -4.88 -3.53
C SER F 248 19.37 -3.52 -3.17
N VAL F 249 18.59 -3.50 -2.09
CA VAL F 249 18.03 -2.27 -1.52
C VAL F 249 18.61 -2.10 -0.13
N ILE F 250 19.06 -0.89 0.17
CA ILE F 250 19.71 -0.57 1.43
C ILE F 250 18.87 0.50 2.11
N TYR F 251 18.44 0.22 3.34
CA TYR F 251 17.57 1.16 4.05
C TYR F 251 17.90 1.12 5.53
N MET F 252 17.52 2.18 6.21
CA MET F 252 17.72 2.33 7.65
C MET F 252 16.37 2.34 8.35
N VAL F 253 16.27 1.61 9.45
CA VAL F 253 15.07 1.59 10.28
C VAL F 253 15.40 2.30 11.58
N GLN F 254 14.59 3.29 11.93
CA GLN F 254 14.84 4.16 13.08
C GLN F 254 13.79 3.87 14.15
N LEU F 255 14.23 3.32 15.29
CA LEU F 255 13.39 2.87 16.40
C LEU F 255 13.36 3.92 17.51
N PRO F 256 12.22 4.06 18.20
CA PRO F 256 12.17 4.99 19.32
C PRO F 256 12.62 4.35 20.62
N ILE F 257 13.30 5.14 21.44
CA ILE F 257 13.80 4.71 22.74
C ILE F 257 12.99 5.43 23.81
N PHE F 258 12.16 4.68 24.53
CA PHE F 258 11.32 5.20 25.61
C PHE F 258 12.07 5.00 26.92
N GLY F 259 12.65 6.08 27.43
CA GLY F 259 13.45 6.01 28.65
C GLY F 259 12.70 6.41 29.90
N VAL F 260 11.56 7.06 29.75
CA VAL F 260 10.73 7.50 30.87
C VAL F 260 9.40 6.74 30.81
N ILE F 261 9.07 6.07 31.90
CA ILE F 261 7.86 5.26 31.96
C ILE F 261 7.19 5.41 33.32
N ASP F 262 5.87 5.25 33.33
CA ASP F 262 5.08 5.09 34.55
C ASP F 262 5.16 6.29 35.47
N THR F 263 4.87 7.47 34.95
CA THR F 263 4.70 8.67 35.75
C THR F 263 3.29 9.22 35.57
N PRO F 264 2.77 9.97 36.55
CA PRO F 264 1.39 10.46 36.45
C PRO F 264 1.18 11.36 35.24
N CYS F 265 0.02 11.18 34.59
CA CYS F 265 -0.40 12.01 33.48
C CYS F 265 -1.89 12.31 33.62
N TRP F 266 -2.28 13.52 33.25
CA TRP F 266 -3.66 13.94 33.36
C TRP F 266 -4.01 14.85 32.20
N ILE F 267 -5.30 14.83 31.83
CA ILE F 267 -5.81 15.60 30.70
C ILE F 267 -6.87 16.56 31.20
N ILE F 268 -6.87 17.78 30.66
CA ILE F 268 -7.74 18.85 31.10
C ILE F 268 -8.60 19.31 29.92
N LYS F 269 -9.90 19.39 30.13
CA LYS F 269 -10.84 19.92 29.14
C LYS F 269 -11.73 20.95 29.80
N ALA F 270 -12.13 21.96 29.04
CA ALA F 270 -12.88 23.08 29.59
C ALA F 270 -14.03 23.46 28.67
N ALA F 271 -14.93 24.26 29.22
CA ALA F 271 -16.07 24.82 28.51
C ALA F 271 -16.26 26.25 29.01
N PRO F 272 -16.89 27.10 28.21
CA PRO F 272 -17.10 28.49 28.66
C PRO F 272 -17.96 28.54 29.92
N SER F 273 -17.62 29.46 30.81
CA SER F 273 -18.31 29.64 32.08
C SER F 273 -18.82 31.07 32.14
N CYS F 274 -20.10 31.25 31.80
CA CYS F 274 -20.70 32.57 31.66
C CYS F 274 -21.61 32.87 32.84
N SER F 275 -21.53 34.11 33.32
CA SER F 275 -22.40 34.59 34.39
C SER F 275 -23.12 35.84 33.91
N GLU F 276 -24.35 36.03 34.37
CA GLU F 276 -25.21 37.10 33.91
C GLU F 276 -25.41 38.15 34.99
N LYS F 277 -25.35 39.43 34.59
CA LYS F 277 -25.61 40.55 35.49
C LYS F 277 -26.37 41.60 34.71
N ASP F 278 -27.69 41.68 34.94
CA ASP F 278 -28.56 42.63 34.25
C ASP F 278 -28.49 42.45 32.74
N GLY F 279 -28.27 41.22 32.29
CA GLY F 279 -28.16 40.93 30.88
C GLY F 279 -26.76 41.06 30.30
N ASN F 280 -25.79 41.57 31.07
CA ASN F 280 -24.42 41.68 30.63
C ASN F 280 -23.65 40.45 31.07
N TYR F 281 -23.03 39.76 30.11
CA TYR F 281 -22.41 38.48 30.35
C TYR F 281 -20.94 38.65 30.74
N ALA F 282 -20.39 37.62 31.37
CA ALA F 282 -18.97 37.56 31.72
C ALA F 282 -18.54 36.11 31.63
N CYS F 283 -17.90 35.74 30.52
CA CYS F 283 -17.53 34.36 30.24
C CYS F 283 -16.03 34.15 30.45
N LEU F 284 -15.69 32.98 30.99
CA LEU F 284 -14.30 32.61 31.23
C LEU F 284 -14.04 31.24 30.60
N LEU F 285 -12.88 31.11 29.96
CA LEU F 285 -12.49 29.84 29.35
C LEU F 285 -11.05 29.55 29.69
N ARG F 286 -10.76 28.31 30.07
CA ARG F 286 -9.40 27.90 30.36
C ARG F 286 -8.66 27.56 29.08
N GLU F 287 -7.41 27.98 29.00
CA GLU F 287 -6.55 27.67 27.85
C GLU F 287 -5.45 26.68 28.20
N ASP F 288 -5.48 26.10 29.39
CA ASP F 288 -4.55 25.04 29.79
C ASP F 288 -4.95 23.68 29.25
N GLN F 289 -5.81 23.63 28.24
CA GLN F 289 -6.36 22.38 27.77
C GLN F 289 -5.29 21.53 27.11
N GLY F 290 -5.37 20.23 27.32
CA GLY F 290 -4.48 19.29 26.66
C GLY F 290 -3.94 18.28 27.65
N TRP F 291 -2.83 17.66 27.26
CA TRP F 291 -2.19 16.60 28.01
C TRP F 291 -1.09 17.14 28.90
N TYR F 292 -0.90 16.49 30.04
CA TYR F 292 0.21 16.77 30.95
C TYR F 292 0.81 15.44 31.39
N CYS F 293 2.13 15.37 31.46
CA CYS F 293 2.83 14.21 31.99
C CYS F 293 3.96 14.67 32.88
N LYS F 294 4.14 14.00 34.02
CA LYS F 294 5.13 14.39 35.01
C LYS F 294 6.50 13.85 34.61
N ASN F 295 7.52 14.70 34.67
CA ASN F 295 8.88 14.34 34.32
C ASN F 295 9.83 14.89 35.36
N ALA F 296 11.12 14.62 35.17
CA ALA F 296 12.16 15.07 36.09
C ALA F 296 12.54 16.51 35.78
N GLY F 297 12.42 17.38 36.77
CA GLY F 297 12.78 18.78 36.62
C GLY F 297 11.67 19.69 36.14
N SER F 298 10.60 19.14 35.55
CA SER F 298 9.51 19.94 35.01
C SER F 298 8.39 19.00 34.58
N THR F 299 7.30 19.60 34.13
CA THR F 299 6.15 18.89 33.57
C THR F 299 6.04 19.22 32.09
N VAL F 300 5.73 18.22 31.28
CA VAL F 300 5.59 18.40 29.84
C VAL F 300 4.12 18.63 29.52
N TYR F 301 3.83 19.67 28.75
CA TYR F 301 2.47 20.06 28.40
C TYR F 301 2.28 19.94 26.90
N TYR F 302 1.20 19.30 26.49
CA TYR F 302 0.87 19.10 25.07
C TYR F 302 -0.46 19.77 24.77
N PRO F 303 -0.46 20.91 24.09
CA PRO F 303 -1.73 21.67 23.92
C PRO F 303 -2.80 20.95 23.13
N ASN F 304 -2.43 20.06 22.21
CA ASN F 304 -3.41 19.35 21.40
C ASN F 304 -3.67 17.96 21.97
N GLU F 305 -4.94 17.53 21.91
CA GLU F 305 -5.29 16.23 22.45
C GLU F 305 -4.59 15.10 21.71
N LYS F 306 -4.53 15.19 20.38
CA LYS F 306 -3.92 14.13 19.58
C LYS F 306 -2.40 14.16 19.62
N ASP F 307 -1.80 15.01 20.44
CA ASP F 307 -0.35 14.98 20.61
C ASP F 307 0.10 13.74 21.36
N CYS F 308 -0.76 13.19 22.22
CA CYS F 308 -0.47 11.97 22.95
C CYS F 308 -1.52 10.93 22.61
N GLU F 309 -1.08 9.70 22.39
CA GLU F 309 -1.94 8.60 21.98
C GLU F 309 -2.14 7.64 23.15
N THR F 310 -3.40 7.29 23.42
CA THR F 310 -3.77 6.49 24.57
C THR F 310 -3.85 5.02 24.17
N ARG F 311 -3.18 4.16 24.95
CA ARG F 311 -3.27 2.72 24.77
C ARG F 311 -3.37 2.10 26.16
N GLY F 312 -4.54 1.53 26.47
CA GLY F 312 -4.78 1.08 27.83
C GLY F 312 -4.75 2.25 28.78
N ASP F 313 -3.93 2.15 29.82
CA ASP F 313 -3.70 3.24 30.75
C ASP F 313 -2.42 4.00 30.46
N HIS F 314 -1.69 3.63 29.42
CA HIS F 314 -0.44 4.28 29.05
C HIS F 314 -0.67 5.30 27.95
N VAL F 315 -0.07 6.48 28.10
CA VAL F 315 -0.18 7.55 27.11
C VAL F 315 1.19 7.76 26.48
N PHE F 316 1.26 7.62 25.16
CA PHE F 316 2.50 7.82 24.41
C PHE F 316 2.45 9.20 23.78
N CYS F 317 3.36 10.07 24.22
CA CYS F 317 3.35 11.48 23.84
C CYS F 317 4.45 11.76 22.82
N ASP F 318 4.26 12.83 22.05
CA ASP F 318 5.22 13.21 21.02
C ASP F 318 6.21 14.23 21.57
N THR F 319 7.50 13.95 21.38
CA THR F 319 8.53 14.85 21.89
C THR F 319 8.50 16.19 21.18
N ALA F 320 8.23 16.20 19.87
CA ALA F 320 8.28 17.44 19.10
C ALA F 320 7.21 18.43 19.57
N ALA F 321 6.05 17.93 19.97
CA ALA F 321 4.94 18.78 20.38
C ALA F 321 4.98 19.18 21.85
N GLY F 322 5.89 18.61 22.63
CA GLY F 322 5.88 18.87 24.05
C GLY F 322 6.41 20.25 24.40
N ILE F 323 5.89 20.81 25.48
CA ILE F 323 6.33 22.09 26.02
C ILE F 323 6.61 21.89 27.50
N ASN F 324 7.86 22.12 27.91
CA ASN F 324 8.23 21.97 29.31
C ASN F 324 7.70 23.14 30.12
N VAL F 325 6.98 22.84 31.19
CA VAL F 325 6.35 23.85 32.03
C VAL F 325 6.63 23.51 33.49
N ALA F 326 6.48 24.51 34.35
CA ALA F 326 6.81 24.35 35.75
C ALA F 326 5.88 23.33 36.42
N GLU F 327 6.40 22.67 37.45
CA GLU F 327 5.61 21.70 38.19
C GLU F 327 4.43 22.34 38.89
N GLN F 328 4.51 23.62 39.21
CA GLN F 328 3.47 24.40 39.88
C GLN F 328 2.27 24.68 39.00
N SER F 329 2.20 24.10 37.80
CA SER F 329 1.03 24.30 36.95
C SER F 329 -0.19 23.54 37.43
N ARG F 330 0.00 22.56 38.33
CA ARG F 330 -1.13 21.75 38.79
C ARG F 330 -2.05 22.48 39.73
N GLU F 331 -1.63 23.62 40.28
CA GLU F 331 -2.50 24.39 41.16
C GLU F 331 -3.64 25.07 40.43
N CYS F 332 -3.64 25.06 39.09
CA CYS F 332 -4.77 25.57 38.34
C CYS F 332 -5.99 24.66 38.48
N ASN F 333 -5.80 23.41 38.91
CA ASN F 333 -6.89 22.46 39.09
C ASN F 333 -7.52 22.53 40.48
N ILE F 334 -7.08 23.45 41.33
CA ILE F 334 -7.61 23.63 42.67
C ILE F 334 -8.24 25.00 42.85
N ASN F 335 -7.55 26.05 42.42
CA ASN F 335 -8.04 27.42 42.53
C ASN F 335 -7.39 28.20 41.39
N ILE F 336 -8.20 28.58 40.39
CA ILE F 336 -7.66 29.29 39.24
C ILE F 336 -7.09 30.65 39.66
N SER F 337 -7.64 31.24 40.72
CA SER F 337 -7.27 32.58 41.15
C SER F 337 -6.07 32.59 42.09
N THR F 338 -5.25 31.54 42.09
CA THR F 338 -4.05 31.54 42.93
C THR F 338 -3.03 32.53 42.40
N THR F 339 -2.42 33.28 43.33
CA THR F 339 -1.32 34.17 42.99
C THR F 339 0.00 33.44 42.84
N ASN F 340 0.04 32.14 43.12
CA ASN F 340 1.26 31.36 42.98
C ASN F 340 1.50 30.90 41.54
N TYR F 341 0.55 31.10 40.64
CA TYR F 341 0.72 30.70 39.26
C TYR F 341 -0.22 31.46 38.35
N PRO F 342 0.28 32.06 37.26
CA PRO F 342 -0.59 32.71 36.27
C PRO F 342 -1.30 31.69 35.37
N CYS F 343 -2.43 31.20 35.84
CA CYS F 343 -3.23 30.26 35.05
C CYS F 343 -3.71 30.94 33.78
N LYS F 344 -3.69 30.18 32.68
CA LYS F 344 -4.01 30.73 31.36
C LYS F 344 -5.51 30.67 31.13
N VAL F 345 -6.18 31.82 31.33
CA VAL F 345 -7.61 31.94 31.09
C VAL F 345 -7.85 33.12 30.16
N SER F 346 -8.89 33.01 29.34
CA SER F 346 -9.30 34.06 28.42
C SER F 346 -10.70 34.54 28.78
N THR F 347 -10.87 35.85 28.87
CA THR F 347 -12.15 36.44 29.22
C THR F 347 -12.94 36.77 27.96
N GLY F 348 -14.25 36.91 28.14
CA GLY F 348 -15.14 37.22 27.03
C GLY F 348 -16.28 38.11 27.48
N ARG F 349 -17.13 38.44 26.51
CA ARG F 349 -18.30 39.27 26.78
C ARG F 349 -19.58 38.73 26.14
N HIS F 350 -19.49 37.93 25.08
CA HIS F 350 -20.66 37.39 24.41
C HIS F 350 -20.76 35.89 24.67
N PRO F 351 -21.95 35.36 24.89
CA PRO F 351 -22.09 33.96 25.30
C PRO F 351 -21.76 32.99 24.17
N ILE F 352 -21.28 31.81 24.55
CA ILE F 352 -20.96 30.74 23.63
C ILE F 352 -21.57 29.46 24.17
N SER F 353 -22.28 28.72 23.32
CA SER F 353 -22.93 27.47 23.69
C SER F 353 -22.28 26.33 22.93
N MET F 354 -21.86 25.30 23.65
CA MET F 354 -21.16 24.18 23.04
C MET F 354 -21.23 22.99 23.99
N VAL F 355 -20.75 21.85 23.49
CA VAL F 355 -20.57 20.65 24.30
C VAL F 355 -19.13 20.17 24.12
N ALA F 356 -18.40 20.11 25.23
CA ALA F 356 -17.02 19.64 25.23
C ALA F 356 -16.99 18.19 25.67
N LEU F 357 -16.51 17.31 24.80
CA LEU F 357 -16.53 15.87 25.06
C LEU F 357 -15.34 15.49 25.94
N SER F 358 -15.63 14.87 27.07
CA SER F 358 -14.65 14.40 28.04
C SER F 358 -14.36 12.91 27.82
N PRO F 359 -13.27 12.39 28.38
CA PRO F 359 -13.00 10.96 28.23
C PRO F 359 -14.08 10.05 28.81
N LEU F 360 -14.74 10.47 29.89
CA LEU F 360 -15.77 9.67 30.53
C LEU F 360 -17.09 10.42 30.67
N GLY F 361 -17.31 11.44 29.84
CA GLY F 361 -18.53 12.22 29.93
C GLY F 361 -18.59 13.36 28.93
N ALA F 362 -19.10 14.51 29.37
CA ALA F 362 -19.20 15.68 28.52
C ALA F 362 -19.50 16.90 29.37
N LEU F 363 -19.09 18.07 28.88
CA LEU F 363 -19.43 19.35 29.46
C LEU F 363 -20.31 20.10 28.47
N VAL F 364 -21.50 20.50 28.90
CA VAL F 364 -22.45 21.22 28.05
C VAL F 364 -22.76 22.56 28.69
N ALA F 365 -22.66 23.62 27.90
CA ALA F 365 -22.95 24.97 28.33
C ALA F 365 -24.19 25.46 27.59
N CYS F 366 -25.16 25.98 28.34
CA CYS F 366 -26.45 26.43 27.78
C CYS F 366 -26.71 27.84 28.28
N TYR F 367 -26.83 28.79 27.34
CA TYR F 367 -26.94 30.20 27.69
C TYR F 367 -27.87 30.91 26.72
N LYS F 368 -28.41 32.03 27.18
CA LYS F 368 -29.13 33.03 26.36
C LYS F 368 -30.31 32.32 25.66
N GLY F 369 -30.49 32.56 24.37
CA GLY F 369 -31.60 31.97 23.64
C GLY F 369 -31.26 30.67 22.93
N VAL F 370 -30.88 29.65 23.71
CA VAL F 370 -30.63 28.32 23.19
C VAL F 370 -31.23 27.31 24.15
N SER F 371 -31.56 26.13 23.63
CA SER F 371 -32.25 25.09 24.39
C SER F 371 -31.45 23.80 24.29
N CYS F 372 -30.88 23.37 25.42
CA CYS F 372 -30.08 22.16 25.50
C CYS F 372 -30.77 21.15 26.41
N SER F 373 -30.57 19.87 26.11
CA SER F 373 -31.18 18.79 26.88
C SER F 373 -30.54 17.47 26.49
N ILE F 374 -30.44 16.57 27.47
CA ILE F 374 -29.89 15.24 27.26
C ILE F 374 -31.02 14.28 26.93
N GLY F 375 -30.71 13.24 26.14
CA GLY F 375 -31.69 12.27 25.74
C GLY F 375 -31.10 10.96 25.30
N SER F 376 -31.85 10.19 24.50
CA SER F 376 -31.38 8.93 23.95
C SER F 376 -31.54 8.92 22.44
N ASN F 377 -31.27 7.78 21.80
CA ASN F 377 -31.40 7.65 20.36
C ASN F 377 -32.70 6.98 19.91
N ARG F 378 -33.37 6.24 20.79
CA ARG F 378 -34.66 5.62 20.50
C ARG F 378 -35.82 6.41 21.06
N VAL F 379 -35.61 7.11 22.18
CA VAL F 379 -36.67 7.90 22.81
C VAL F 379 -36.16 9.33 22.91
N GLY F 380 -37.08 10.29 22.98
CA GLY F 380 -36.71 11.68 22.99
C GLY F 380 -36.14 12.17 24.31
N ILE F 381 -36.70 13.26 24.82
CA ILE F 381 -36.27 13.92 26.05
C ILE F 381 -36.12 12.91 27.18
N ILE F 382 -34.95 12.88 27.81
CA ILE F 382 -34.82 12.28 29.13
C ILE F 382 -34.92 13.37 30.19
N LYS F 383 -34.26 14.50 29.97
CA LYS F 383 -34.21 15.59 30.92
C LYS F 383 -33.85 16.87 30.18
N GLN F 384 -34.40 17.99 30.64
CA GLN F 384 -34.06 19.30 30.10
C GLN F 384 -32.95 19.92 30.92
N LEU F 385 -31.93 20.45 30.24
CA LEU F 385 -30.84 20.91 31.08
C LEU F 385 -31.01 22.39 31.44
N PRO F 386 -30.54 22.79 32.62
CA PRO F 386 -30.63 24.20 33.02
C PRO F 386 -29.64 25.05 32.24
N LYS F 387 -29.59 26.32 32.64
CA LYS F 387 -28.67 27.26 32.00
C LYS F 387 -27.34 27.30 32.75
N GLY F 388 -26.25 27.13 32.02
CA GLY F 388 -24.92 27.11 32.57
C GLY F 388 -24.19 25.87 32.13
N CYS F 389 -23.20 25.47 32.93
CA CYS F 389 -22.49 24.21 32.74
C CYS F 389 -23.12 23.13 33.61
N SER F 390 -23.39 21.99 33.00
CA SER F 390 -23.75 20.77 33.69
C SER F 390 -22.85 19.66 33.16
N TYR F 391 -22.41 18.79 34.06
CA TYR F 391 -21.52 17.69 33.71
C TYR F 391 -22.33 16.40 33.68
N ILE F 392 -22.31 15.72 32.53
CA ILE F 392 -23.07 14.50 32.32
C ILE F 392 -22.09 13.39 31.97
N THR F 393 -22.15 12.30 32.72
CA THR F 393 -21.31 11.15 32.44
C THR F 393 -21.88 10.34 31.28
N ASN F 394 -21.02 9.50 30.69
CA ASN F 394 -21.44 8.71 29.54
C ASN F 394 -22.44 7.61 29.92
N GLN F 395 -22.66 7.38 31.21
CA GLN F 395 -23.68 6.44 31.66
C GLN F 395 -25.04 7.09 31.91
N ASP F 396 -25.06 8.40 32.18
CA ASP F 396 -26.33 9.07 32.46
C ASP F 396 -27.26 9.06 31.25
N ALA F 397 -26.72 9.32 30.06
CA ALA F 397 -27.53 9.44 28.86
C ALA F 397 -26.72 8.93 27.67
N ASP F 398 -27.19 9.25 26.46
CA ASP F 398 -26.51 8.80 25.26
C ASP F 398 -26.19 9.94 24.32
N THR F 399 -27.07 10.94 24.24
CA THR F 399 -26.88 12.06 23.34
C THR F 399 -27.12 13.37 24.07
N VAL F 400 -26.61 14.45 23.49
CA VAL F 400 -26.88 15.80 23.95
C VAL F 400 -27.43 16.59 22.77
N THR F 401 -28.53 17.30 22.99
CA THR F 401 -29.17 18.10 21.96
C THR F 401 -29.06 19.57 22.31
N ILE F 402 -28.50 20.36 21.39
CA ILE F 402 -28.45 21.81 21.51
C ILE F 402 -29.26 22.39 20.34
N ASP F 403 -30.33 23.12 20.66
CA ASP F 403 -31.28 23.57 19.65
C ASP F 403 -31.76 22.40 18.81
N ASN F 404 -31.26 22.31 17.58
CA ASN F 404 -31.55 21.18 16.71
C ASN F 404 -30.35 20.25 16.53
N THR F 405 -29.18 20.64 17.04
CA THR F 405 -27.98 19.85 16.90
C THR F 405 -27.92 18.77 17.97
N VAL F 406 -27.66 17.53 17.56
CA VAL F 406 -27.62 16.39 18.45
C VAL F 406 -26.20 15.83 18.46
N TYR F 407 -25.57 15.84 19.63
CA TYR F 407 -24.21 15.33 19.79
C TYR F 407 -24.24 14.00 20.52
N GLN F 408 -23.47 13.04 20.02
CA GLN F 408 -23.35 11.73 20.65
C GLN F 408 -22.34 11.78 21.79
N LEU F 409 -22.61 11.02 22.85
CA LEU F 409 -21.69 10.94 23.98
C LEU F 409 -20.68 9.82 23.80
N SER F 410 -21.09 8.70 23.22
CA SER F 410 -20.23 7.55 23.03
C SER F 410 -20.35 7.07 21.59
N LYS F 411 -19.46 6.15 21.22
CA LYS F 411 -19.53 5.55 19.89
C LYS F 411 -20.83 4.76 19.74
N VAL F 412 -21.49 4.92 18.60
CA VAL F 412 -22.75 4.24 18.32
C VAL F 412 -22.39 2.91 17.69
N GLU F 413 -22.43 1.84 18.49
CA GLU F 413 -22.04 0.52 18.01
C GLU F 413 -23.13 -0.04 17.11
N GLY F 414 -22.78 -0.28 15.85
CA GLY F 414 -23.76 -0.73 14.88
C GLY F 414 -23.70 -2.22 14.60
N GLU F 415 -23.77 -2.58 13.33
CA GLU F 415 -23.81 -3.98 12.93
C GLU F 415 -22.46 -4.66 13.16
N GLN F 416 -22.48 -5.97 13.12
CA GLN F 416 -21.27 -6.80 13.12
C GLN F 416 -21.38 -7.79 11.98
N HIS F 417 -20.31 -7.88 11.19
CA HIS F 417 -20.29 -8.70 9.98
C HIS F 417 -19.30 -9.84 10.14
N VAL F 418 -19.63 -10.98 9.53
CA VAL F 418 -18.76 -12.15 9.47
C VAL F 418 -18.77 -12.62 8.03
N ILE F 419 -17.67 -12.39 7.31
CA ILE F 419 -17.56 -12.71 5.90
C ILE F 419 -16.42 -13.71 5.74
N LYS F 420 -16.70 -14.80 5.02
CA LYS F 420 -15.71 -15.82 4.73
C LYS F 420 -15.52 -15.92 3.23
N GLY F 421 -14.27 -16.07 2.81
CA GLY F 421 -13.97 -16.17 1.39
C GLY F 421 -14.45 -17.48 0.81
N ARG F 422 -14.49 -17.52 -0.52
CA ARG F 422 -14.91 -18.72 -1.22
C ARG F 422 -13.88 -19.83 -1.05
N PRO F 423 -14.30 -21.09 -1.11
CA PRO F 423 -13.35 -22.20 -0.96
C PRO F 423 -12.52 -22.40 -2.22
N VAL F 424 -11.40 -23.08 -2.03
CA VAL F 424 -10.47 -23.43 -3.11
C VAL F 424 -10.37 -24.95 -3.16
N SER F 425 -10.55 -25.52 -4.36
CA SER F 425 -10.60 -26.96 -4.53
C SER F 425 -9.57 -27.42 -5.55
N SER F 426 -9.17 -28.68 -5.42
CA SER F 426 -8.22 -29.30 -6.34
C SER F 426 -8.93 -29.85 -7.55
N SER F 427 -8.29 -29.76 -8.71
CA SER F 427 -8.81 -30.29 -9.96
C SER F 427 -7.87 -31.35 -10.55
N PHE F 428 -7.30 -32.17 -9.69
CA PHE F 428 -6.35 -33.20 -10.13
C PHE F 428 -7.12 -34.48 -10.46
N ASP F 429 -7.04 -34.91 -11.72
CA ASP F 429 -7.72 -36.11 -12.20
C ASP F 429 -6.71 -36.96 -12.95
N PRO F 430 -5.96 -37.81 -12.23
CA PRO F 430 -4.92 -38.61 -12.90
C PRO F 430 -5.50 -39.57 -13.92
N ILE F 431 -4.71 -39.85 -14.95
CA ILE F 431 -5.11 -40.73 -16.04
C ILE F 431 -4.51 -42.11 -15.82
N ARG F 432 -5.17 -43.12 -16.38
CA ARG F 432 -4.73 -44.50 -16.18
C ARG F 432 -5.08 -45.31 -17.42
N PHE F 433 -4.31 -46.39 -17.63
CA PHE F 433 -4.44 -47.24 -18.80
C PHE F 433 -4.94 -48.63 -18.41
N PRO F 434 -5.76 -49.27 -19.26
CA PRO F 434 -6.14 -50.67 -19.01
C PRO F 434 -5.02 -51.63 -19.36
N GLU F 435 -4.09 -51.83 -18.42
CA GLU F 435 -2.89 -52.62 -18.69
C GLU F 435 -3.19 -54.11 -18.78
N ASP F 436 -4.14 -54.60 -17.96
CA ASP F 436 -4.35 -56.04 -17.84
C ASP F 436 -4.86 -56.64 -19.15
N GLN F 437 -5.85 -55.99 -19.77
CA GLN F 437 -6.41 -56.53 -21.01
C GLN F 437 -5.36 -56.56 -22.12
N PHE F 438 -4.57 -55.49 -22.25
CA PHE F 438 -3.53 -55.45 -23.27
C PHE F 438 -2.47 -56.51 -23.03
N ASN F 439 -2.07 -56.71 -21.78
CA ASN F 439 -1.08 -57.74 -21.47
C ASN F 439 -1.63 -59.13 -21.78
N VAL F 440 -2.89 -59.38 -21.44
CA VAL F 440 -3.50 -60.67 -21.75
C VAL F 440 -3.54 -60.90 -23.26
N ALA F 441 -3.92 -59.86 -24.01
CA ALA F 441 -3.96 -60.00 -25.47
C ALA F 441 -2.57 -60.27 -26.05
N LEU F 442 -1.55 -59.59 -25.53
CA LEU F 442 -0.19 -59.81 -26.03
C LEU F 442 0.30 -61.22 -25.70
N ASP F 443 0.01 -61.69 -24.49
CA ASP F 443 0.38 -63.06 -24.15
C ASP F 443 -0.34 -64.07 -25.03
N GLN F 444 -1.62 -63.80 -25.34
CA GLN F 444 -2.35 -64.67 -26.25
C GLN F 444 -1.73 -64.66 -27.64
N VAL F 445 -1.30 -63.49 -28.11
CA VAL F 445 -0.64 -63.40 -29.42
C VAL F 445 0.62 -64.26 -29.43
N PHE F 446 1.45 -64.11 -28.39
CA PHE F 446 2.70 -64.86 -28.35
C PHE F 446 2.45 -66.36 -28.27
N GLU F 447 1.50 -66.78 -27.42
CA GLU F 447 1.22 -68.21 -27.32
C GLU F 447 0.62 -68.76 -28.61
N SER F 448 -0.19 -67.98 -29.31
CA SER F 448 -0.78 -68.46 -30.57
C SER F 448 0.28 -68.59 -31.66
N ILE F 449 1.19 -67.61 -31.77
CA ILE F 449 2.23 -67.73 -32.79
C ILE F 449 3.18 -68.88 -32.46
N GLU F 450 3.49 -69.08 -31.18
CA GLU F 450 4.33 -70.22 -30.80
C GLU F 450 3.64 -71.54 -31.11
N ASN F 451 2.34 -71.64 -30.83
CA ASN F 451 1.59 -72.85 -31.15
C ASN F 451 1.56 -73.10 -32.64
N SER F 452 1.36 -72.05 -33.45
CA SER F 452 1.36 -72.21 -34.90
C SER F 452 2.72 -72.69 -35.39
N GLN F 453 3.81 -72.11 -34.87
CA GLN F 453 5.13 -72.55 -35.27
C GLN F 453 5.37 -74.01 -34.90
N ALA F 454 5.00 -74.39 -33.68
CA ALA F 454 5.20 -75.77 -33.24
C ALA F 454 4.40 -76.75 -34.09
N LEU F 455 3.15 -76.40 -34.42
CA LEU F 455 2.31 -77.33 -35.16
C LEU F 455 2.73 -77.40 -36.63
N VAL F 456 3.23 -76.29 -37.18
CA VAL F 456 3.76 -76.37 -38.55
C VAL F 456 5.06 -77.17 -38.57
N ASP F 457 5.84 -77.12 -37.49
CA ASP F 457 7.00 -78.00 -37.36
C ASP F 457 6.56 -79.46 -37.30
N GLN F 458 5.47 -79.73 -36.57
CA GLN F 458 4.93 -81.09 -36.53
C GLN F 458 4.49 -81.55 -37.92
N SER F 459 3.84 -80.67 -38.67
CA SER F 459 3.42 -81.02 -40.03
C SER F 459 4.62 -81.31 -40.92
N ASN F 460 5.65 -80.47 -40.84
CA ASN F 460 6.85 -80.68 -41.63
C ASN F 460 7.53 -82.00 -41.29
N LYS F 461 7.57 -82.33 -39.99
CA LYS F 461 8.15 -83.60 -39.58
C LYS F 461 7.29 -84.77 -40.04
N ILE F 462 5.96 -84.60 -40.06
CA ILE F 462 5.07 -85.66 -40.51
C ILE F 462 5.21 -85.89 -42.00
N LEU F 463 5.57 -84.85 -42.76
CA LEU F 463 5.72 -85.00 -44.21
C LEU F 463 6.99 -85.76 -44.57
N ASN F 464 7.08 -87.02 -44.16
CA ASN F 464 8.21 -87.86 -44.49
C ASN F 464 7.87 -89.33 -44.32
N GLN G 1 -19.94 -23.11 14.82
CA GLN G 1 -20.96 -22.59 15.72
C GLN G 1 -20.35 -22.27 17.08
N VAL G 2 -20.92 -21.26 17.75
CA VAL G 2 -20.39 -20.78 19.02
C VAL G 2 -21.19 -21.38 20.16
N GLN G 3 -20.50 -21.93 21.15
CA GLN G 3 -21.13 -22.46 22.35
C GLN G 3 -20.46 -21.88 23.58
N LEU G 4 -21.22 -21.78 24.67
CA LEU G 4 -20.79 -21.10 25.88
C LEU G 4 -20.98 -21.99 27.09
N GLN G 5 -20.19 -21.73 28.13
CA GLN G 5 -20.25 -22.45 29.39
C GLN G 5 -19.95 -21.50 30.53
N GLU G 6 -20.60 -21.72 31.67
CA GLU G 6 -20.43 -20.89 32.85
C GLU G 6 -19.75 -21.69 33.95
N SER G 7 -18.88 -21.02 34.71
CA SER G 7 -18.21 -21.61 35.86
C SER G 7 -18.13 -20.59 36.97
N GLY G 8 -18.21 -21.06 38.21
CA GLY G 8 -18.18 -20.19 39.35
C GLY G 8 -18.11 -20.93 40.67
N PRO G 9 -18.13 -20.20 41.78
CA PRO G 9 -18.01 -20.86 43.09
C PRO G 9 -19.22 -21.69 43.46
N GLY G 10 -20.43 -21.18 43.22
CA GLY G 10 -21.66 -21.85 43.61
C GLY G 10 -22.19 -21.45 44.96
N LEU G 11 -21.31 -21.25 45.93
CA LEU G 11 -21.69 -20.81 47.26
C LEU G 11 -20.87 -19.56 47.59
N VAL G 12 -21.57 -18.45 47.87
CA VAL G 12 -20.93 -17.18 48.19
C VAL G 12 -21.51 -16.68 49.50
N LYS G 13 -20.62 -16.23 50.38
CA LYS G 13 -21.05 -15.67 51.66
C LYS G 13 -21.59 -14.26 51.47
N PRO G 14 -22.38 -13.75 52.42
CA PRO G 14 -22.93 -12.40 52.27
C PRO G 14 -21.83 -11.35 52.26
N SER G 15 -22.09 -10.26 51.53
CA SER G 15 -21.22 -9.10 51.40
C SER G 15 -19.88 -9.43 50.75
N GLU G 16 -19.80 -10.51 49.97
CA GLU G 16 -18.58 -10.86 49.25
C GLU G 16 -18.60 -10.28 47.84
N THR G 17 -17.72 -10.77 46.97
CA THR G 17 -17.43 -10.16 45.68
C THR G 17 -17.61 -11.21 44.57
N LEU G 18 -18.80 -11.81 44.54
CA LEU G 18 -19.17 -12.84 43.58
C LEU G 18 -18.56 -12.60 42.20
N SER G 19 -17.93 -13.64 41.66
CA SER G 19 -17.28 -13.59 40.37
C SER G 19 -17.71 -14.79 39.54
N LEU G 20 -18.01 -14.56 38.27
CA LEU G 20 -18.40 -15.62 37.34
C LEU G 20 -17.66 -15.43 36.03
N THR G 21 -17.55 -16.52 35.27
CA THR G 21 -16.83 -16.53 34.01
C THR G 21 -17.62 -17.32 32.97
N CYS G 22 -17.72 -16.77 31.77
CA CYS G 22 -18.31 -17.46 30.63
C CYS G 22 -17.22 -17.69 29.60
N THR G 23 -17.03 -18.94 29.18
CA THR G 23 -15.94 -19.31 28.29
C THR G 23 -16.51 -19.59 26.90
N VAL G 24 -16.04 -18.83 25.92
CA VAL G 24 -16.54 -18.88 24.55
C VAL G 24 -15.62 -19.76 23.73
N SER G 25 -16.20 -20.73 23.03
CA SER G 25 -15.47 -21.59 22.12
C SER G 25 -16.23 -21.68 20.81
N GLY G 26 -15.50 -21.93 19.73
CA GLY G 26 -16.06 -21.91 18.39
C GLY G 26 -16.03 -20.56 17.71
N GLY G 27 -15.63 -19.51 18.42
CA GLY G 27 -15.52 -18.19 17.84
C GLY G 27 -14.65 -17.32 18.71
N SER G 28 -14.61 -16.04 18.37
CA SER G 28 -13.83 -15.07 19.11
C SER G 28 -14.76 -14.10 19.83
N ILE G 29 -14.37 -13.70 21.05
CA ILE G 29 -15.18 -12.78 21.83
C ILE G 29 -15.18 -11.37 21.26
N SER G 30 -14.30 -11.07 20.30
CA SER G 30 -14.28 -9.77 19.66
C SER G 30 -15.22 -9.66 18.47
N SER G 31 -15.73 -10.78 17.97
CA SER G 31 -16.59 -10.78 16.80
C SER G 31 -18.04 -10.44 17.10
N TYR G 32 -18.46 -10.47 18.36
CA TYR G 32 -19.85 -10.22 18.71
C TYR G 32 -19.91 -9.47 20.03
N TYR G 33 -21.13 -9.31 20.56
CA TYR G 33 -21.40 -8.73 21.85
C TYR G 33 -21.94 -9.80 22.78
N TRP G 34 -21.90 -9.53 24.09
CA TRP G 34 -22.19 -10.57 25.08
C TRP G 34 -23.06 -9.99 26.20
N SER G 35 -23.88 -10.85 26.79
CA SER G 35 -24.86 -10.42 27.79
C SER G 35 -24.89 -11.39 28.95
N TRP G 36 -25.36 -10.89 30.11
CA TRP G 36 -25.61 -11.70 31.29
C TRP G 36 -27.07 -11.55 31.70
N ILE G 37 -27.73 -12.69 31.96
CA ILE G 37 -29.12 -12.72 32.40
C ILE G 37 -29.25 -13.68 33.57
N ARG G 38 -29.92 -13.24 34.63
CA ARG G 38 -30.13 -14.06 35.82
C ARG G 38 -31.63 -14.25 36.05
N GLN G 39 -31.98 -15.41 36.58
CA GLN G 39 -33.38 -15.81 36.76
C GLN G 39 -33.56 -16.46 38.13
N PRO G 40 -34.13 -15.73 39.09
CA PRO G 40 -34.35 -16.31 40.43
C PRO G 40 -35.32 -17.49 40.38
N ALA G 41 -35.28 -18.29 41.43
CA ALA G 41 -36.14 -19.47 41.51
C ALA G 41 -37.60 -19.06 41.53
N GLY G 42 -38.37 -19.59 40.58
CA GLY G 42 -39.78 -19.28 40.51
C GLY G 42 -40.11 -17.91 39.98
N LYS G 43 -39.14 -17.16 39.48
CA LYS G 43 -39.34 -15.80 39.00
C LYS G 43 -38.94 -15.73 37.52
N GLY G 44 -38.96 -14.51 36.99
CA GLY G 44 -38.66 -14.27 35.59
C GLY G 44 -37.21 -13.93 35.34
N LEU G 45 -36.93 -13.58 34.09
CA LEU G 45 -35.59 -13.24 33.65
C LEU G 45 -35.31 -11.75 33.86
N GLU G 46 -34.11 -11.43 34.33
CA GLU G 46 -33.67 -10.06 34.49
C GLU G 46 -32.39 -9.86 33.70
N TRP G 47 -32.42 -8.91 32.76
CA TRP G 47 -31.22 -8.55 32.01
C TRP G 47 -30.28 -7.74 32.89
N ILE G 48 -28.99 -8.09 32.85
CA ILE G 48 -27.99 -7.48 33.72
C ILE G 48 -27.16 -6.44 32.97
N GLY G 49 -26.58 -6.81 31.84
CA GLY G 49 -25.76 -5.86 31.10
C GLY G 49 -25.23 -6.48 29.83
N ARG G 50 -24.60 -5.63 29.01
CA ARG G 50 -24.03 -6.03 27.73
C ARG G 50 -22.67 -5.37 27.56
N ILE G 51 -21.77 -6.08 26.88
CA ILE G 51 -20.43 -5.59 26.61
C ILE G 51 -20.15 -5.72 25.12
N TYR G 52 -19.43 -4.75 24.56
CA TYR G 52 -19.18 -4.67 23.13
C TYR G 52 -17.75 -5.12 22.81
N THR G 53 -17.42 -5.08 21.52
CA THR G 53 -16.06 -5.42 21.09
C THR G 53 -15.04 -4.43 21.61
N SER G 54 -15.37 -3.14 21.59
CA SER G 54 -14.44 -2.10 22.03
C SER G 54 -14.22 -2.10 23.53
N GLY G 55 -15.00 -2.85 24.30
CA GLY G 55 -14.89 -2.86 25.74
C GLY G 55 -15.84 -1.93 26.46
N ASN G 56 -16.72 -1.23 25.75
CA ASN G 56 -17.73 -0.41 26.38
C ASN G 56 -18.81 -1.30 27.01
N THR G 57 -19.54 -0.71 27.96
CA THR G 57 -20.53 -1.46 28.72
C THR G 57 -21.78 -0.62 28.91
N ASN G 58 -22.91 -1.32 29.03
CA ASN G 58 -24.17 -0.73 29.48
C ASN G 58 -24.80 -1.67 30.48
N TYR G 59 -25.09 -1.16 31.67
CA TYR G 59 -25.53 -1.96 32.79
C TYR G 59 -26.99 -1.66 33.13
N ASN G 60 -27.64 -2.63 33.76
CA ASN G 60 -28.99 -2.42 34.26
C ASN G 60 -28.96 -1.37 35.37
N PRO G 61 -29.81 -0.34 35.30
CA PRO G 61 -29.79 0.71 36.34
C PRO G 61 -30.09 0.21 37.74
N SER G 62 -30.58 -1.02 37.89
CA SER G 62 -30.75 -1.63 39.21
C SER G 62 -29.51 -2.37 39.66
N LEU G 63 -28.49 -2.51 38.81
CA LEU G 63 -27.26 -3.18 39.19
C LEU G 63 -26.01 -2.48 38.66
N LYS G 64 -26.10 -1.21 38.25
CA LYS G 64 -24.95 -0.56 37.63
C LYS G 64 -23.87 -0.19 38.64
N SER G 65 -24.26 0.01 39.90
CA SER G 65 -23.30 0.40 40.92
C SER G 65 -22.57 -0.79 41.53
N ARG G 66 -22.89 -2.01 41.11
CA ARG G 66 -22.31 -3.21 41.72
C ARG G 66 -21.87 -4.25 40.71
N VAL G 67 -21.89 -3.95 39.41
CA VAL G 67 -21.60 -4.94 38.37
C VAL G 67 -20.46 -4.42 37.51
N THR G 68 -19.47 -5.28 37.27
CA THR G 68 -18.36 -4.99 36.38
C THR G 68 -18.21 -6.14 35.40
N MET G 69 -18.10 -5.82 34.11
CA MET G 69 -17.92 -6.81 33.06
C MET G 69 -16.64 -6.51 32.29
N SER G 70 -16.01 -7.55 31.78
CA SER G 70 -14.75 -7.38 31.08
C SER G 70 -14.54 -8.52 30.10
N LEU G 71 -13.65 -8.30 29.14
CA LEU G 71 -13.26 -9.30 28.17
C LEU G 71 -11.78 -9.62 28.35
N ASP G 72 -11.43 -10.88 28.13
CA ASP G 72 -10.05 -11.35 28.21
C ASP G 72 -9.79 -12.22 26.98
N THR G 73 -9.13 -11.65 25.97
CA THR G 73 -9.03 -12.32 24.68
C THR G 73 -8.03 -13.46 24.70
N SER G 74 -7.08 -13.44 25.65
CA SER G 74 -6.09 -14.51 25.70
C SER G 74 -6.73 -15.86 26.05
N LYS G 75 -7.68 -15.87 26.99
CA LYS G 75 -8.38 -17.08 27.37
C LYS G 75 -9.77 -17.19 26.75
N ASN G 76 -10.23 -16.16 26.05
CA ASN G 76 -11.55 -16.12 25.39
C ASN G 76 -12.67 -16.28 26.42
N GLN G 77 -12.68 -15.37 27.39
CA GLN G 77 -13.64 -15.42 28.49
C GLN G 77 -14.31 -14.06 28.67
N VAL G 78 -15.52 -14.10 29.20
CA VAL G 78 -16.26 -12.91 29.60
C VAL G 78 -16.47 -12.99 31.10
N SER G 79 -16.08 -11.94 31.82
CA SER G 79 -16.09 -11.94 33.28
C SER G 79 -17.22 -11.07 33.80
N LEU G 80 -17.84 -11.52 34.89
CA LEU G 80 -18.85 -10.75 35.61
C LEU G 80 -18.52 -10.74 37.08
N LYS G 81 -18.65 -9.57 37.70
CA LYS G 81 -18.33 -9.40 39.12
C LYS G 81 -19.45 -8.59 39.78
N LEU G 82 -20.10 -9.19 40.78
CA LEU G 82 -21.18 -8.55 41.52
C LEU G 82 -20.75 -8.43 42.98
N SER G 83 -20.55 -7.20 43.44
CA SER G 83 -20.03 -6.95 44.77
C SER G 83 -21.15 -6.74 45.78
N SER G 84 -20.84 -7.03 47.04
CA SER G 84 -21.78 -6.85 48.16
C SER G 84 -23.06 -7.66 47.94
N VAL G 85 -22.88 -8.97 47.71
CA VAL G 85 -24.02 -9.83 47.45
C VAL G 85 -24.78 -10.11 48.74
N THR G 86 -26.11 -10.09 48.66
CA THR G 86 -26.99 -10.46 49.75
C THR G 86 -27.81 -11.68 49.33
N ALA G 87 -28.76 -12.07 50.18
CA ALA G 87 -29.61 -13.21 49.86
C ALA G 87 -30.54 -12.94 48.69
N ALA G 88 -30.84 -11.68 48.41
CA ALA G 88 -31.67 -11.33 47.27
C ALA G 88 -30.97 -11.56 45.93
N ASP G 89 -29.67 -11.81 45.94
CA ASP G 89 -28.89 -12.01 44.72
C ASP G 89 -28.77 -13.47 44.31
N THR G 90 -29.49 -14.37 45.00
CA THR G 90 -29.45 -15.78 44.67
C THR G 90 -30.30 -16.04 43.43
N ALA G 91 -29.71 -16.67 42.42
CA ALA G 91 -30.40 -16.93 41.15
C ALA G 91 -29.54 -17.87 40.31
N VAL G 92 -30.05 -18.19 39.13
CA VAL G 92 -29.29 -18.91 38.12
C VAL G 92 -28.81 -17.91 37.07
N TYR G 93 -27.52 -17.95 36.77
CA TYR G 93 -26.88 -16.93 35.94
C TYR G 93 -26.55 -17.50 34.57
N TYR G 94 -26.94 -16.78 33.52
CA TYR G 94 -26.70 -17.20 32.15
C TYR G 94 -25.87 -16.16 31.42
N CYS G 95 -25.02 -16.65 30.51
CA CYS G 95 -24.32 -15.80 29.54
C CYS G 95 -24.86 -16.11 28.15
N ALA G 96 -24.95 -15.08 27.31
CA ALA G 96 -25.52 -15.23 25.98
C ALA G 96 -24.87 -14.25 25.03
N ARG G 97 -25.02 -14.54 23.73
CA ARG G 97 -24.49 -13.68 22.67
C ARG G 97 -25.54 -12.66 22.24
N SER G 98 -25.10 -11.44 21.99
CA SER G 98 -25.94 -10.41 21.42
C SER G 98 -25.68 -10.34 19.91
N ARG G 99 -26.67 -10.72 19.12
CA ARG G 99 -26.55 -10.75 17.67
C ARG G 99 -27.23 -9.51 17.08
N VAL G 100 -26.45 -8.70 16.36
CA VAL G 100 -26.95 -7.50 15.71
C VAL G 100 -26.73 -7.66 14.21
N ALA G 101 -27.82 -7.75 13.45
CA ALA G 101 -27.74 -8.06 12.04
C ALA G 101 -28.90 -7.40 11.31
N THR G 102 -28.84 -7.43 9.98
CA THR G 102 -29.86 -6.82 9.15
C THR G 102 -31.07 -7.73 9.02
N THR G 103 -32.25 -7.15 9.23
CA THR G 103 -33.53 -7.82 9.15
C THR G 103 -34.39 -7.10 8.12
N PRO G 104 -35.43 -7.77 7.60
CA PRO G 104 -36.30 -7.10 6.61
C PRO G 104 -36.96 -5.83 7.11
N VAL G 105 -36.81 -5.47 8.38
CA VAL G 105 -37.35 -4.22 8.92
C VAL G 105 -36.27 -3.25 9.36
N GLY G 106 -35.01 -3.68 9.42
CA GLY G 106 -33.92 -2.80 9.77
C GLY G 106 -32.90 -3.52 10.64
N LEU G 107 -32.28 -2.75 11.54
CA LEU G 107 -31.30 -3.29 12.47
C LEU G 107 -32.00 -3.79 13.73
N ARG G 108 -31.94 -5.10 13.98
CA ARG G 108 -32.56 -5.71 15.14
C ARG G 108 -31.54 -6.57 15.87
N ASP G 109 -31.69 -6.65 17.19
CA ASP G 109 -30.78 -7.39 18.04
C ASP G 109 -31.54 -8.34 18.94
N TRP G 110 -31.00 -9.55 19.09
CA TRP G 110 -31.60 -10.58 19.92
C TRP G 110 -30.49 -11.25 20.74
N LEU G 111 -30.88 -12.22 21.56
CA LEU G 111 -29.95 -12.99 22.38
C LEU G 111 -29.97 -14.44 21.92
N ASP G 112 -28.89 -14.86 21.26
CA ASP G 112 -28.77 -16.23 20.77
C ASP G 112 -27.32 -16.54 20.41
N PRO G 113 -26.77 -17.65 20.89
CA PRO G 113 -27.37 -18.65 21.78
C PRO G 113 -27.18 -18.32 23.25
N TRP G 114 -27.59 -19.22 24.14
CA TRP G 114 -27.47 -19.06 25.57
C TRP G 114 -26.53 -20.11 26.16
N GLY G 115 -26.06 -19.84 27.36
CA GLY G 115 -25.32 -20.83 28.12
C GLY G 115 -26.23 -21.67 28.99
N GLN G 116 -25.72 -22.83 29.40
CA GLN G 116 -26.51 -23.74 30.21
C GLN G 116 -26.82 -23.15 31.58
N GLY G 117 -26.03 -22.18 32.03
CA GLY G 117 -26.27 -21.52 33.30
C GLY G 117 -25.62 -22.24 34.46
N THR G 118 -25.58 -21.55 35.60
CA THR G 118 -25.02 -22.09 36.82
C THR G 118 -25.70 -21.44 38.02
N LEU G 119 -25.92 -22.22 39.07
CA LEU G 119 -26.60 -21.76 40.26
C LEU G 119 -25.61 -21.11 41.22
N VAL G 120 -25.98 -19.93 41.73
CA VAL G 120 -25.21 -19.25 42.77
C VAL G 120 -26.11 -19.07 43.98
N THR G 121 -25.63 -19.52 45.14
CA THR G 121 -26.38 -19.47 46.38
C THR G 121 -25.65 -18.56 47.37
N VAL G 122 -26.39 -17.66 48.00
CA VAL G 122 -25.85 -16.74 49.00
C VAL G 122 -26.46 -17.12 50.36
N SER G 123 -25.61 -17.47 51.31
CA SER G 123 -26.05 -17.86 52.64
C SER G 123 -24.89 -17.69 53.61
N SER G 124 -25.23 -17.69 54.90
CA SER G 124 -24.23 -17.55 55.95
C SER G 124 -23.72 -18.91 56.40
N THR H 1 -47.11 -16.47 37.54
CA THR H 1 -47.30 -16.02 36.17
C THR H 1 -48.62 -16.55 35.61
N PRO H 2 -49.26 -15.76 34.75
CA PRO H 2 -50.51 -16.22 34.11
C PRO H 2 -50.30 -17.53 33.36
N SER H 3 -51.26 -18.42 33.49
CA SER H 3 -51.17 -19.75 32.91
C SER H 3 -52.24 -19.97 31.87
N LEU H 4 -52.03 -20.99 31.04
CA LEU H 4 -52.95 -21.36 29.98
C LEU H 4 -52.99 -22.88 29.88
N SER H 5 -54.20 -23.43 29.73
CA SER H 5 -54.41 -24.87 29.61
C SER H 5 -55.02 -25.16 28.25
N ALA H 6 -54.43 -26.10 27.51
CA ALA H 6 -54.92 -26.47 26.20
C ALA H 6 -54.58 -27.91 25.91
N SER H 7 -55.27 -28.48 24.92
CA SER H 7 -55.12 -29.88 24.55
C SER H 7 -54.23 -30.01 23.32
N VAL H 8 -53.88 -31.25 23.01
CA VAL H 8 -53.04 -31.54 21.85
C VAL H 8 -53.80 -31.19 20.57
N GLY H 9 -53.13 -30.51 19.65
CA GLY H 9 -53.72 -30.10 18.40
C GLY H 9 -54.55 -28.82 18.47
N ASP H 10 -54.62 -28.17 19.62
CA ASP H 10 -55.42 -26.96 19.76
C ASP H 10 -54.61 -25.73 19.42
N ARG H 11 -55.32 -24.69 18.97
CA ARG H 11 -54.69 -23.43 18.59
C ARG H 11 -54.59 -22.53 19.83
N VAL H 12 -53.38 -22.11 20.16
CA VAL H 12 -53.10 -21.29 21.33
C VAL H 12 -52.57 -19.94 20.87
N THR H 13 -53.11 -18.87 21.46
CA THR H 13 -52.69 -17.51 21.14
C THR H 13 -52.25 -16.83 22.43
N ILE H 14 -50.97 -16.44 22.48
CA ILE H 14 -50.41 -15.70 23.61
C ILE H 14 -50.27 -14.25 23.18
N THR H 15 -50.74 -13.34 24.02
CA THR H 15 -50.71 -11.92 23.74
C THR H 15 -50.02 -11.18 24.88
N CYS H 16 -49.10 -10.30 24.53
CA CYS H 16 -48.51 -9.39 25.50
C CYS H 16 -48.41 -8.01 24.85
N ARG H 17 -48.50 -6.97 25.68
CA ARG H 17 -48.67 -5.60 25.22
C ARG H 17 -47.63 -4.70 25.87
N ALA H 18 -47.02 -3.84 25.05
CA ALA H 18 -45.98 -2.93 25.51
C ALA H 18 -46.58 -1.65 26.07
N SER H 19 -45.79 -0.95 26.89
CA SER H 19 -46.23 0.33 27.43
C SER H 19 -46.43 1.35 26.31
N GLN H 20 -45.48 1.43 25.38
CA GLN H 20 -45.55 2.35 24.25
C GLN H 20 -45.22 1.60 22.97
N SER H 21 -45.48 2.26 21.84
CA SER H 21 -45.19 1.67 20.55
C SER H 21 -43.70 1.39 20.40
N ILE H 22 -43.36 0.18 19.99
CA ILE H 22 -41.96 -0.22 19.82
C ILE H 22 -41.76 -0.83 18.44
N SER H 23 -42.67 -0.55 17.51
CA SER H 23 -42.60 -1.03 16.14
C SER H 23 -42.49 -2.56 16.11
N SER H 24 -41.38 -3.07 15.59
CA SER H 24 -41.11 -4.50 15.54
C SER H 24 -39.83 -4.85 16.31
N TYR H 25 -39.65 -4.20 17.45
CA TYR H 25 -38.52 -4.47 18.35
C TYR H 25 -38.96 -5.40 19.47
N LEU H 26 -39.33 -6.63 19.09
CA LEU H 26 -39.84 -7.58 20.07
C LEU H 26 -39.37 -8.99 19.73
N ASN H 27 -39.14 -9.80 20.77
CA ASN H 27 -38.67 -11.16 20.63
C ASN H 27 -39.54 -12.10 21.45
N TRP H 28 -39.53 -13.38 21.08
CA TRP H 28 -40.23 -14.44 21.81
C TRP H 28 -39.23 -15.52 22.21
N TYR H 29 -39.38 -16.03 23.43
CA TYR H 29 -38.50 -17.08 23.96
C TYR H 29 -39.33 -18.24 24.46
N GLN H 30 -38.76 -19.45 24.34
CA GLN H 30 -39.35 -20.67 24.86
C GLN H 30 -38.37 -21.31 25.84
N GLN H 31 -38.75 -21.35 27.12
CA GLN H 31 -37.91 -21.92 28.17
C GLN H 31 -38.60 -23.15 28.77
N LYS H 32 -37.89 -24.25 28.78
CA LYS H 32 -38.34 -25.48 29.40
C LYS H 32 -37.75 -25.63 30.79
N PRO H 33 -38.42 -26.34 31.69
CA PRO H 33 -37.92 -26.47 33.06
C PRO H 33 -36.52 -27.11 33.09
N GLY H 34 -35.64 -26.53 33.90
CA GLY H 34 -34.29 -27.03 34.05
C GLY H 34 -33.35 -26.69 32.92
N LYS H 35 -33.79 -25.92 31.93
CA LYS H 35 -32.99 -25.57 30.77
C LYS H 35 -32.79 -24.07 30.71
N ALA H 36 -32.20 -23.60 29.62
CA ALA H 36 -31.97 -22.20 29.31
C ALA H 36 -32.95 -21.73 28.24
N PRO H 37 -33.34 -20.46 28.25
CA PRO H 37 -34.27 -19.96 27.24
C PRO H 37 -33.69 -20.10 25.84
N LYS H 38 -34.56 -20.41 24.88
CA LYS H 38 -34.19 -20.57 23.49
C LYS H 38 -34.99 -19.61 22.64
N LEU H 39 -34.31 -18.78 21.87
CA LEU H 39 -34.99 -17.78 21.06
C LEU H 39 -35.89 -18.45 20.02
N LEU H 40 -37.11 -17.93 19.88
CA LEU H 40 -38.09 -18.45 18.95
C LEU H 40 -38.42 -17.45 17.84
N ILE H 41 -38.68 -16.20 18.20
CA ILE H 41 -39.06 -15.15 17.26
C ILE H 41 -38.21 -13.92 17.56
N TYR H 42 -37.67 -13.30 16.51
CA TYR H 42 -37.00 -12.02 16.63
C TYR H 42 -37.61 -11.04 15.64
N ALA H 43 -37.55 -9.75 15.98
CA ALA H 43 -38.18 -8.67 15.22
C ALA H 43 -39.69 -8.87 15.06
N ALA H 44 -40.29 -9.64 15.97
CA ALA H 44 -41.74 -9.78 16.11
C ALA H 44 -42.40 -10.51 14.95
N SER H 45 -41.66 -10.80 13.88
CA SER H 45 -42.22 -11.57 12.78
C SER H 45 -41.26 -12.58 12.16
N SER H 46 -40.01 -12.65 12.61
CA SER H 46 -39.01 -13.50 11.99
C SER H 46 -38.84 -14.78 12.81
N LEU H 47 -38.96 -15.92 12.14
CA LEU H 47 -38.87 -17.21 12.80
C LEU H 47 -37.41 -17.66 12.84
N GLN H 48 -36.91 -17.91 14.05
CA GLN H 48 -35.52 -18.32 14.22
C GLN H 48 -35.27 -19.66 13.55
N SER H 49 -34.10 -19.80 12.94
CA SER H 49 -33.75 -21.04 12.25
C SER H 49 -33.71 -22.20 13.24
N GLY H 50 -34.32 -23.32 12.87
CA GLY H 50 -34.45 -24.47 13.73
C GLY H 50 -35.77 -24.58 14.44
N VAL H 51 -36.55 -23.51 14.49
CA VAL H 51 -37.85 -23.50 15.15
C VAL H 51 -38.89 -24.12 14.20
N PRO H 52 -39.77 -24.99 14.69
CA PRO H 52 -40.85 -25.49 13.84
C PRO H 52 -41.76 -24.36 13.37
N SER H 53 -42.27 -24.51 12.14
CA SER H 53 -43.05 -23.45 11.50
C SER H 53 -44.39 -23.20 12.17
N ARG H 54 -44.84 -24.07 13.06
CA ARG H 54 -46.14 -23.88 13.71
C ARG H 54 -46.19 -22.63 14.57
N PHE H 55 -45.05 -22.09 14.97
CA PHE H 55 -44.99 -20.86 15.74
C PHE H 55 -44.95 -19.67 14.79
N SER H 56 -45.74 -18.64 15.09
CA SER H 56 -45.83 -17.48 14.24
C SER H 56 -45.80 -16.21 15.08
N GLY H 57 -45.27 -15.15 14.49
CA GLY H 57 -45.24 -13.85 15.12
C GLY H 57 -46.02 -12.84 14.30
N SER H 58 -46.62 -11.87 14.99
CA SER H 58 -47.42 -10.87 14.32
C SER H 58 -47.53 -9.65 15.23
N GLY H 59 -47.89 -8.52 14.63
CA GLY H 59 -48.11 -7.31 15.38
C GLY H 59 -47.00 -6.30 15.17
N SER H 60 -47.34 -5.03 15.40
CA SER H 60 -46.41 -3.93 15.30
C SER H 60 -46.95 -2.78 16.13
N GLY H 61 -46.05 -2.00 16.70
CA GLY H 61 -46.47 -0.93 17.57
C GLY H 61 -46.58 -1.37 19.02
N THR H 62 -47.80 -1.71 19.46
CA THR H 62 -48.06 -2.01 20.85
C THR H 62 -48.59 -3.42 21.11
N ASP H 63 -49.24 -4.05 20.14
CA ASP H 63 -49.87 -5.36 20.33
C ASP H 63 -49.13 -6.41 19.51
N PHE H 64 -48.67 -7.46 20.18
CA PHE H 64 -47.95 -8.55 19.56
C PHE H 64 -48.55 -9.88 19.98
N THR H 65 -48.45 -10.87 19.10
CA THR H 65 -49.14 -12.14 19.30
C THR H 65 -48.27 -13.31 18.87
N LEU H 66 -48.14 -14.31 19.74
CA LEU H 66 -47.54 -15.59 19.42
C LEU H 66 -48.64 -16.62 19.27
N THR H 67 -48.62 -17.36 18.16
CA THR H 67 -49.68 -18.31 17.83
C THR H 67 -49.07 -19.65 17.49
N ILE H 68 -49.66 -20.73 18.02
CA ILE H 68 -49.27 -22.10 17.72
C ILE H 68 -50.47 -22.79 17.08
N SER H 69 -50.26 -23.32 15.87
CA SER H 69 -51.39 -23.85 15.11
C SER H 69 -51.79 -25.24 15.56
N SER H 70 -50.83 -26.17 15.64
CA SER H 70 -51.09 -27.56 15.99
C SER H 70 -50.22 -27.92 17.19
N LEU H 71 -50.83 -27.95 18.37
CA LEU H 71 -50.06 -28.14 19.59
C LEU H 71 -49.47 -29.55 19.65
N GLN H 72 -48.33 -29.67 20.32
CA GLN H 72 -47.61 -30.92 20.51
C GLN H 72 -47.25 -31.08 21.98
N PRO H 73 -47.00 -32.31 22.44
CA PRO H 73 -46.65 -32.50 23.86
C PRO H 73 -45.33 -31.85 24.24
N GLU H 74 -44.45 -31.55 23.28
CA GLU H 74 -43.20 -30.87 23.60
C GLU H 74 -43.36 -29.36 23.70
N ASP H 75 -44.49 -28.81 23.26
CA ASP H 75 -44.71 -27.37 23.26
C ASP H 75 -44.93 -26.79 24.65
N PHE H 76 -45.19 -27.63 25.65
CA PHE H 76 -45.53 -27.15 26.98
C PHE H 76 -44.28 -26.57 27.66
N ALA H 77 -44.25 -25.25 27.78
CA ALA H 77 -43.13 -24.55 28.40
C ALA H 77 -43.61 -23.18 28.86
N THR H 78 -42.67 -22.29 29.18
CA THR H 78 -42.97 -20.92 29.55
C THR H 78 -42.42 -19.99 28.47
N TYR H 79 -43.22 -19.00 28.10
CA TYR H 79 -42.89 -18.10 27.00
C TYR H 79 -42.83 -16.66 27.51
N TYR H 80 -41.81 -15.93 27.09
CA TYR H 80 -41.60 -14.54 27.49
C TYR H 80 -41.42 -13.69 26.25
N CYS H 81 -41.85 -12.44 26.31
CA CYS H 81 -41.60 -11.47 25.25
C CYS H 81 -40.67 -10.39 25.79
N GLN H 82 -39.63 -10.08 25.00
CA GLN H 82 -38.61 -9.12 25.37
C GLN H 82 -38.54 -8.05 24.30
N GLN H 83 -38.50 -6.79 24.73
CA GLN H 83 -38.43 -5.65 23.81
C GLN H 83 -36.98 -5.24 23.59
N SER H 84 -36.60 -5.09 22.33
CA SER H 84 -35.26 -4.62 21.96
C SER H 84 -35.25 -3.16 21.55
N TYR H 85 -36.34 -2.43 21.79
CA TYR H 85 -36.36 -1.00 21.44
C TYR H 85 -35.29 -0.22 22.17
N SER H 86 -35.24 -0.33 23.49
CA SER H 86 -34.29 0.47 24.25
C SER H 86 -33.81 -0.33 25.45
N THR H 87 -32.59 -0.06 25.85
CA THR H 87 -32.06 -0.61 27.09
C THR H 87 -32.59 0.21 28.26
N PRO H 88 -32.86 -0.40 29.42
CA PRO H 88 -32.61 -1.80 29.81
C PRO H 88 -33.52 -2.79 29.10
N LEU H 89 -33.01 -3.95 28.72
CA LEU H 89 -33.85 -4.99 28.15
C LEU H 89 -34.82 -5.49 29.21
N PHE H 90 -36.08 -5.62 28.82
CA PHE H 90 -37.15 -6.05 29.72
C PHE H 90 -37.81 -7.28 29.16
N PHE H 91 -38.08 -8.25 30.03
CA PHE H 91 -38.69 -9.52 29.65
C PHE H 91 -40.13 -9.56 30.15
N GLY H 92 -41.01 -10.19 29.38
CA GLY H 92 -42.38 -10.36 29.81
C GLY H 92 -42.47 -11.24 31.05
N GLN H 93 -43.59 -11.09 31.76
CA GLN H 93 -43.79 -11.82 33.00
C GLN H 93 -43.79 -13.32 32.77
N GLY H 94 -44.16 -13.76 31.58
CA GLY H 94 -44.15 -15.17 31.27
C GLY H 94 -45.54 -15.79 31.29
N THR H 95 -45.83 -16.63 30.31
CA THR H 95 -47.08 -17.38 30.25
C THR H 95 -46.75 -18.87 30.26
N LYS H 96 -47.11 -19.54 31.35
CA LYS H 96 -46.82 -20.96 31.51
C LYS H 96 -47.92 -21.78 30.85
N LEU H 97 -47.53 -22.60 29.87
CA LEU H 97 -48.46 -23.53 29.24
C LEU H 97 -48.54 -24.81 30.04
N GLU H 98 -49.76 -25.25 30.33
CA GLU H 98 -50.00 -26.46 31.10
C GLU H 98 -50.97 -27.35 30.34
N ILE H 99 -50.89 -28.65 30.59
CA ILE H 99 -51.66 -29.63 29.83
C ILE H 99 -53.03 -29.78 30.48
N LYS H 100 -54.04 -30.09 29.66
CA LYS H 100 -55.39 -30.29 30.13
C LYS H 100 -55.67 -31.77 30.40
N GLN I 1 -11.16 6.76 -31.53
CA GLN I 1 -11.08 8.18 -31.88
C GLN I 1 -12.24 8.94 -31.26
N VAL I 2 -12.03 10.24 -31.03
CA VAL I 2 -13.02 11.10 -30.39
C VAL I 2 -13.73 11.91 -31.45
N GLN I 3 -15.06 11.95 -31.38
CA GLN I 3 -15.88 12.75 -32.28
C GLN I 3 -16.84 13.60 -31.46
N LEU I 4 -17.19 14.76 -32.01
CA LEU I 4 -17.97 15.76 -31.29
C LEU I 4 -19.21 16.12 -32.10
N GLN I 5 -20.22 16.65 -31.40
CA GLN I 5 -21.49 17.01 -32.02
C GLN I 5 -22.18 18.07 -31.18
N GLU I 6 -22.66 19.12 -31.83
CA GLU I 6 -23.28 20.25 -31.15
C GLU I 6 -24.78 20.32 -31.47
N SER I 7 -25.56 20.71 -30.47
CA SER I 7 -27.00 20.87 -30.62
C SER I 7 -27.43 22.13 -29.87
N GLY I 8 -28.44 22.81 -30.41
CA GLY I 8 -28.91 24.04 -29.82
C GLY I 8 -30.27 24.46 -30.33
N PRO I 9 -30.83 25.52 -29.75
CA PRO I 9 -32.17 25.97 -30.15
C PRO I 9 -32.27 26.40 -31.60
N GLY I 10 -31.23 27.01 -32.15
CA GLY I 10 -31.22 27.49 -33.52
C GLY I 10 -31.76 28.90 -33.69
N LEU I 11 -32.84 29.24 -33.00
CA LEU I 11 -33.42 30.58 -33.04
C LEU I 11 -33.54 31.10 -31.63
N VAL I 12 -32.90 32.24 -31.36
CA VAL I 12 -32.90 32.86 -30.05
C VAL I 12 -33.36 34.31 -30.19
N LYS I 13 -34.25 34.73 -29.30
CA LYS I 13 -34.72 36.10 -29.28
C LYS I 13 -33.66 37.02 -28.68
N PRO I 14 -33.74 38.32 -28.96
CA PRO I 14 -32.75 39.25 -28.39
C PRO I 14 -32.84 39.29 -26.87
N SER I 15 -31.68 39.54 -26.25
CA SER I 15 -31.51 39.68 -24.81
C SER I 15 -31.84 38.40 -24.05
N GLU I 16 -31.77 37.24 -24.68
CA GLU I 16 -32.02 35.96 -24.02
C GLU I 16 -30.69 35.37 -23.54
N THR I 17 -30.71 34.08 -23.20
CA THR I 17 -29.63 33.40 -22.48
C THR I 17 -29.17 32.18 -23.28
N LEU I 18 -28.82 32.41 -24.54
CA LEU I 18 -28.38 31.37 -25.48
C LEU I 18 -27.55 30.29 -24.80
N SER I 19 -27.93 29.05 -25.04
CA SER I 19 -27.27 27.88 -24.46
C SER I 19 -26.99 26.88 -25.56
N LEU I 20 -25.77 26.31 -25.53
CA LEU I 20 -25.37 25.29 -26.49
C LEU I 20 -24.67 24.15 -25.75
N THR I 21 -24.66 22.98 -26.39
CA THR I 21 -24.08 21.79 -25.80
C THR I 21 -23.29 21.02 -26.85
N CYS I 22 -22.09 20.59 -26.49
CA CYS I 22 -21.26 19.73 -27.34
C CYS I 22 -21.14 18.38 -26.65
N THR I 23 -21.50 17.32 -27.36
CA THR I 23 -21.54 15.97 -26.80
C THR I 23 -20.33 15.18 -27.29
N VAL I 24 -19.50 14.73 -26.36
CA VAL I 24 -18.27 14.03 -26.66
C VAL I 24 -18.52 12.53 -26.58
N SER I 25 -18.13 11.80 -27.62
CA SER I 25 -18.22 10.35 -27.63
C SER I 25 -16.90 9.79 -28.15
N GLY I 26 -16.60 8.56 -27.74
CA GLY I 26 -15.33 7.94 -28.05
C GLY I 26 -14.23 8.25 -27.07
N GLY I 27 -14.48 9.13 -26.10
CA GLY I 27 -13.50 9.44 -25.08
C GLY I 27 -14.20 10.09 -23.90
N SER I 28 -13.40 10.57 -22.96
CA SER I 28 -13.90 11.23 -21.77
C SER I 28 -13.53 12.71 -21.79
N ILE I 29 -14.43 13.55 -21.31
CA ILE I 29 -14.18 14.99 -21.27
C ILE I 29 -13.14 15.37 -20.23
N SER I 30 -12.74 14.45 -19.36
CA SER I 30 -11.72 14.71 -18.36
C SER I 30 -10.32 14.38 -18.85
N SER I 31 -10.19 13.81 -20.05
CA SER I 31 -8.89 13.43 -20.58
C SER I 31 -8.22 14.53 -21.39
N TYR I 32 -8.95 15.55 -21.81
CA TYR I 32 -8.38 16.61 -22.64
C TYR I 32 -9.02 17.94 -22.26
N TYR I 33 -8.71 18.97 -23.04
CA TYR I 33 -9.27 20.31 -22.90
C TYR I 33 -10.18 20.60 -24.10
N TRP I 34 -11.05 21.58 -23.95
CA TRP I 34 -12.10 21.81 -24.94
C TRP I 34 -12.25 23.30 -25.22
N SER I 35 -12.66 23.63 -26.45
CA SER I 35 -12.71 25.01 -26.90
C SER I 35 -14.00 25.26 -27.69
N TRP I 36 -14.41 26.52 -27.75
CA TRP I 36 -15.51 26.99 -28.57
C TRP I 36 -15.01 28.04 -29.55
N ILE I 37 -15.39 27.91 -30.81
CA ILE I 37 -15.04 28.86 -31.86
C ILE I 37 -16.28 29.17 -32.68
N ARG I 38 -16.57 30.46 -32.87
CA ARG I 38 -17.70 30.90 -33.66
C ARG I 38 -17.23 31.69 -34.88
N GLN I 39 -17.96 31.56 -35.98
CA GLN I 39 -17.56 32.14 -37.26
C GLN I 39 -18.78 32.79 -37.92
N PRO I 40 -18.87 34.12 -37.91
CA PRO I 40 -19.99 34.80 -38.55
C PRO I 40 -20.01 34.56 -40.06
N ALA I 41 -21.17 34.81 -40.65
CA ALA I 41 -21.34 34.62 -42.08
C ALA I 41 -20.43 35.56 -42.86
N GLY I 42 -19.58 35.00 -43.71
CA GLY I 42 -18.67 35.79 -44.51
C GLY I 42 -17.50 36.39 -43.76
N LYS I 43 -17.29 36.01 -42.51
CA LYS I 43 -16.22 36.55 -41.68
C LYS I 43 -15.29 35.42 -41.25
N GLY I 44 -14.33 35.77 -40.39
CA GLY I 44 -13.34 34.83 -39.92
C GLY I 44 -13.73 34.15 -38.62
N LEU I 45 -12.79 33.35 -38.11
CA LEU I 45 -12.98 32.59 -36.89
C LEU I 45 -12.63 33.45 -35.67
N GLU I 46 -13.42 33.32 -34.61
CA GLU I 46 -13.15 33.99 -33.35
C GLU I 46 -13.11 32.95 -32.25
N TRP I 47 -11.98 32.86 -31.54
CA TRP I 47 -11.86 31.99 -30.39
C TRP I 47 -12.66 32.57 -29.22
N ILE I 48 -13.39 31.69 -28.52
CA ILE I 48 -14.28 32.09 -27.44
C ILE I 48 -13.69 31.78 -26.07
N GLY I 49 -13.27 30.54 -25.85
CA GLY I 49 -12.72 30.18 -24.56
C GLY I 49 -12.31 28.72 -24.53
N ARG I 50 -11.64 28.36 -23.43
CA ARG I 50 -11.14 27.01 -23.22
C ARG I 50 -11.41 26.59 -21.78
N ILE I 51 -11.65 25.29 -21.59
CA ILE I 51 -11.92 24.73 -20.26
C ILE I 51 -11.03 23.51 -20.06
N TYR I 52 -10.54 23.34 -18.83
CA TYR I 52 -9.58 22.29 -18.50
C TYR I 52 -10.28 21.16 -17.77
N THR I 53 -9.50 20.13 -17.42
CA THR I 53 -10.04 18.99 -16.69
C THR I 53 -10.47 19.38 -15.29
N SER I 54 -9.71 20.25 -14.63
CA SER I 54 -10.03 20.67 -13.27
C SER I 54 -11.22 21.59 -13.20
N GLY I 55 -11.73 22.08 -14.33
CA GLY I 55 -12.84 23.01 -14.34
C GLY I 55 -12.46 24.47 -14.42
N ASN I 56 -11.17 24.78 -14.52
CA ASN I 56 -10.74 26.15 -14.73
C ASN I 56 -11.08 26.61 -16.14
N THR I 57 -11.18 27.93 -16.31
CA THR I 57 -11.59 28.50 -17.57
C THR I 57 -10.74 29.72 -17.91
N ASN I 58 -10.56 29.95 -19.21
CA ASN I 58 -10.01 31.20 -19.72
C ASN I 58 -10.87 31.64 -20.89
N TYR I 59 -11.32 32.90 -20.85
CA TYR I 59 -12.30 33.40 -21.78
C TYR I 59 -11.69 34.50 -22.65
N ASN I 60 -12.26 34.68 -23.83
CA ASN I 60 -11.85 35.77 -24.69
C ASN I 60 -12.20 37.11 -24.02
N PRO I 61 -11.27 38.04 -23.93
CA PRO I 61 -11.56 39.31 -23.23
C PRO I 61 -12.69 40.12 -23.86
N SER I 62 -13.13 39.78 -25.06
CA SER I 62 -14.30 40.41 -25.66
C SER I 62 -15.60 39.69 -25.31
N LEU I 63 -15.53 38.55 -24.63
CA LEU I 63 -16.74 37.83 -24.23
C LEU I 63 -16.65 37.27 -22.81
N LYS I 64 -15.74 37.77 -21.97
CA LYS I 64 -15.54 37.17 -20.65
C LYS I 64 -16.67 37.50 -19.70
N SER I 65 -17.33 38.65 -19.88
CA SER I 65 -18.40 39.05 -18.98
C SER I 65 -19.76 38.49 -19.38
N ARG I 66 -19.81 37.65 -20.42
CA ARG I 66 -21.09 37.16 -20.93
C ARG I 66 -21.06 35.67 -21.29
N VAL I 67 -19.96 34.96 -21.02
CA VAL I 67 -19.80 33.57 -21.44
C VAL I 67 -19.47 32.73 -20.21
N THR I 68 -20.16 31.60 -20.08
CA THR I 68 -19.90 30.63 -19.03
C THR I 68 -19.77 29.25 -19.66
N MET I 69 -18.74 28.52 -19.26
CA MET I 69 -18.50 27.17 -19.74
C MET I 69 -18.43 26.20 -18.57
N SER I 70 -18.84 24.96 -18.81
CA SER I 70 -18.88 23.96 -17.75
C SER I 70 -18.75 22.57 -18.35
N LEU I 71 -18.38 21.63 -17.50
CA LEU I 71 -18.30 20.21 -17.85
C LEU I 71 -19.30 19.43 -17.01
N ASP I 72 -19.94 18.45 -17.63
CA ASP I 72 -20.88 17.56 -16.96
C ASP I 72 -20.48 16.14 -17.32
N THR I 73 -19.78 15.47 -16.40
CA THR I 73 -19.20 14.16 -16.70
C THR I 73 -20.25 13.06 -16.75
N SER I 74 -21.43 13.27 -16.18
CA SER I 74 -22.47 12.25 -16.21
C SER I 74 -22.94 11.97 -17.63
N LYS I 75 -23.13 13.03 -18.44
CA LYS I 75 -23.58 12.88 -19.82
C LYS I 75 -22.47 13.08 -20.84
N ASN I 76 -21.25 13.38 -20.40
CA ASN I 76 -20.11 13.65 -21.29
C ASN I 76 -20.40 14.81 -22.23
N GLN I 77 -20.66 15.97 -21.65
CA GLN I 77 -21.07 17.14 -22.39
C GLN I 77 -20.30 18.37 -21.94
N VAL I 78 -20.09 19.28 -22.88
CA VAL I 78 -19.49 20.59 -22.60
C VAL I 78 -20.53 21.65 -22.93
N SER I 79 -20.78 22.55 -21.99
CA SER I 79 -21.85 23.52 -22.09
C SER I 79 -21.30 24.93 -22.30
N LEU I 80 -21.98 25.71 -23.13
CA LEU I 80 -21.66 27.11 -23.35
C LEU I 80 -22.93 27.93 -23.18
N LYS I 81 -22.81 29.07 -22.50
CA LYS I 81 -23.94 29.95 -22.25
C LYS I 81 -23.53 31.39 -22.53
N LEU I 82 -24.22 32.02 -23.47
CA LEU I 82 -23.96 33.41 -23.84
C LEU I 82 -25.20 34.23 -23.50
N SER I 83 -25.08 35.12 -22.52
CA SER I 83 -26.21 35.90 -22.05
C SER I 83 -26.30 37.24 -22.77
N SER I 84 -27.52 37.78 -22.83
CA SER I 84 -27.80 39.07 -23.45
C SER I 84 -27.36 39.10 -24.90
N VAL I 85 -27.88 38.13 -25.67
CA VAL I 85 -27.51 38.01 -27.07
C VAL I 85 -28.20 39.10 -27.89
N THR I 86 -27.45 39.68 -28.82
CA THR I 86 -27.97 40.65 -29.78
C THR I 86 -27.79 40.11 -31.19
N ALA I 87 -28.12 40.94 -32.18
CA ALA I 87 -28.00 40.52 -33.57
C ALA I 87 -26.55 40.32 -33.98
N ALA I 88 -25.61 40.99 -33.32
CA ALA I 88 -24.19 40.81 -33.62
C ALA I 88 -23.66 39.46 -33.19
N ASP I 89 -24.43 38.68 -32.43
CA ASP I 89 -24.00 37.40 -31.92
C ASP I 89 -24.41 36.24 -32.83
N THR I 90 -24.97 36.54 -34.00
CA THR I 90 -25.38 35.51 -34.95
C THR I 90 -24.14 34.95 -35.66
N ALA I 91 -23.97 33.63 -35.61
CA ALA I 91 -22.80 32.98 -36.20
C ALA I 91 -23.03 31.48 -36.19
N VAL I 92 -22.04 30.76 -36.72
CA VAL I 92 -21.98 29.30 -36.61
C VAL I 92 -21.01 28.94 -35.51
N TYR I 93 -21.42 28.07 -34.60
CA TYR I 93 -20.67 27.78 -33.39
C TYR I 93 -20.05 26.40 -33.46
N TYR I 94 -18.77 26.31 -33.11
CA TYR I 94 -18.01 25.07 -33.17
C TYR I 94 -17.46 24.70 -31.80
N CYS I 95 -17.40 23.41 -31.52
CA CYS I 95 -16.68 22.88 -30.37
C CYS I 95 -15.51 22.04 -30.88
N ALA I 96 -14.38 22.10 -30.17
CA ALA I 96 -13.17 21.41 -30.61
C ALA I 96 -12.35 21.00 -29.39
N ARG I 97 -11.45 20.05 -29.62
CA ARG I 97 -10.54 19.57 -28.60
C ARG I 97 -9.24 20.37 -28.61
N SER I 98 -8.75 20.72 -27.43
CA SER I 98 -7.45 21.35 -27.27
C SER I 98 -6.44 20.26 -26.89
N ARG I 99 -5.56 19.93 -27.83
CA ARG I 99 -4.57 18.88 -27.64
C ARG I 99 -3.23 19.50 -27.25
N VAL I 100 -2.70 19.11 -26.10
CA VAL I 100 -1.42 19.60 -25.59
C VAL I 100 -0.50 18.40 -25.46
N ALA I 101 0.56 18.36 -26.27
CA ALA I 101 1.44 17.22 -26.32
C ALA I 101 2.85 17.69 -26.69
N THR I 102 3.80 16.77 -26.57
CA THR I 102 5.19 17.09 -26.84
C THR I 102 5.45 17.13 -28.34
N THR I 103 6.33 18.05 -28.75
CA THR I 103 6.71 18.27 -30.13
C THR I 103 8.22 18.38 -30.20
N PRO I 104 8.80 18.20 -31.38
CA PRO I 104 10.27 18.37 -31.51
C PRO I 104 10.78 19.74 -31.09
N VAL I 105 9.91 20.71 -30.84
CA VAL I 105 10.31 22.03 -30.37
C VAL I 105 9.87 22.31 -28.95
N GLY I 106 9.01 21.48 -28.37
CA GLY I 106 8.58 21.68 -27.01
C GLY I 106 7.10 21.38 -26.78
N LEU I 107 6.49 22.12 -25.85
CA LEU I 107 5.07 21.95 -25.57
C LEU I 107 4.25 22.86 -26.49
N ARG I 108 3.45 22.27 -27.35
CA ARG I 108 2.63 23.01 -28.30
C ARG I 108 1.19 22.50 -28.24
N ASP I 109 0.24 23.41 -28.47
CA ASP I 109 -1.17 23.09 -28.40
C ASP I 109 -1.88 23.53 -29.68
N TRP I 110 -2.79 22.69 -30.16
CA TRP I 110 -3.57 22.96 -31.35
C TRP I 110 -5.02 22.60 -31.08
N LEU I 111 -5.87 22.78 -32.09
CA LEU I 111 -7.29 22.45 -32.00
C LEU I 111 -7.58 21.32 -32.99
N ASP I 112 -7.83 20.13 -32.48
CA ASP I 112 -8.14 18.98 -33.30
C ASP I 112 -8.73 17.86 -32.46
N PRO I 113 -9.86 17.27 -32.87
CA PRO I 113 -10.66 17.59 -34.05
C PRO I 113 -11.69 18.68 -33.78
N TRP I 114 -12.51 19.00 -34.77
CA TRP I 114 -13.54 20.02 -34.65
C TRP I 114 -14.93 19.38 -34.73
N GLY I 115 -15.93 20.12 -34.27
CA GLY I 115 -17.30 19.72 -34.44
C GLY I 115 -17.89 20.21 -35.74
N GLN I 116 -18.98 19.56 -36.18
CA GLN I 116 -19.61 19.93 -37.44
C GLN I 116 -20.21 21.33 -37.38
N GLY I 117 -20.55 21.81 -36.19
CA GLY I 117 -21.08 23.14 -36.03
C GLY I 117 -22.59 23.20 -36.14
N THR I 118 -23.14 24.33 -35.69
CA THR I 118 -24.57 24.56 -35.75
C THR I 118 -24.83 26.07 -35.84
N LEU I 119 -25.83 26.45 -36.61
CA LEU I 119 -26.17 27.85 -36.84
C LEU I 119 -27.08 28.36 -35.73
N VAL I 120 -26.78 29.55 -35.22
CA VAL I 120 -27.61 30.24 -34.25
C VAL I 120 -27.99 31.60 -34.83
N THR I 121 -29.28 31.89 -34.87
CA THR I 121 -29.79 33.12 -35.44
C THR I 121 -30.50 33.92 -34.35
N VAL I 122 -30.18 35.21 -34.26
CA VAL I 122 -30.80 36.12 -33.30
C VAL I 122 -31.67 37.10 -34.06
N SER I 123 -32.97 37.11 -33.75
CA SER I 123 -33.92 37.98 -34.42
C SER I 123 -35.14 38.14 -33.54
N SER I 124 -35.93 39.17 -33.84
CA SER I 124 -37.15 39.45 -33.09
C SER I 124 -38.35 38.77 -33.73
N THR J 1 -11.61 39.03 -47.54
CA THR J 1 -10.29 38.45 -47.30
C THR J 1 -9.45 38.47 -48.57
N PRO J 2 -8.14 38.64 -48.42
CA PRO J 2 -7.26 38.60 -49.59
C PRO J 2 -7.37 37.28 -50.33
N SER J 3 -7.40 37.36 -51.65
CA SER J 3 -7.62 36.21 -52.51
C SER J 3 -6.38 35.90 -53.33
N LEU J 4 -6.33 34.67 -53.84
CA LEU J 4 -5.23 34.21 -54.67
C LEU J 4 -5.80 33.30 -55.75
N SER J 5 -5.33 33.49 -56.98
CA SER J 5 -5.76 32.71 -58.13
C SER J 5 -4.57 31.93 -58.69
N ALA J 6 -4.76 30.63 -58.89
CA ALA J 6 -3.70 29.78 -59.40
C ALA J 6 -4.32 28.60 -60.15
N SER J 7 -3.48 27.93 -60.94
CA SER J 7 -3.90 26.82 -61.78
C SER J 7 -3.52 25.49 -61.14
N VAL J 8 -3.95 24.41 -61.80
CA VAL J 8 -3.65 23.07 -61.32
C VAL J 8 -2.17 22.76 -61.54
N GLY J 9 -1.52 22.24 -60.51
CA GLY J 9 -0.11 21.90 -60.58
C GLY J 9 0.83 23.05 -60.30
N ASP J 10 0.32 24.24 -59.97
CA ASP J 10 1.17 25.39 -59.72
C ASP J 10 1.63 25.42 -58.26
N ARG J 11 2.68 26.19 -58.01
CA ARG J 11 3.23 26.35 -56.67
C ARG J 11 2.70 27.64 -56.06
N VAL J 12 2.11 27.53 -54.87
CA VAL J 12 1.51 28.66 -54.17
C VAL J 12 2.17 28.78 -52.81
N THR J 13 2.55 30.00 -52.44
CA THR J 13 3.15 30.30 -51.15
C THR J 13 2.28 31.30 -50.42
N ILE J 14 1.58 30.84 -49.38
CA ILE J 14 0.77 31.71 -48.53
C ILE J 14 1.64 32.19 -47.39
N THR J 15 1.60 33.49 -47.12
CA THR J 15 2.44 34.11 -46.10
C THR J 15 1.58 34.96 -45.17
N CYS J 16 1.80 34.80 -43.87
CA CYS J 16 1.20 35.68 -42.88
C CYS J 16 2.26 36.03 -41.84
N ARG J 17 2.11 37.21 -41.23
CA ARG J 17 3.16 37.81 -40.42
C ARG J 17 2.60 38.18 -39.06
N ALA J 18 3.32 37.79 -38.00
CA ALA J 18 2.90 38.06 -36.63
C ALA J 18 3.40 39.43 -36.18
N SER J 19 2.69 40.00 -35.21
CA SER J 19 3.07 41.30 -34.68
C SER J 19 4.44 41.24 -33.99
N GLN J 20 4.68 40.20 -33.21
CA GLN J 20 5.94 39.99 -32.53
C GLN J 20 6.39 38.56 -32.72
N SER J 21 7.65 38.29 -32.38
CA SER J 21 8.20 36.95 -32.51
C SER J 21 7.43 35.97 -31.63
N ILE J 22 7.03 34.85 -32.22
CA ILE J 22 6.27 33.84 -31.50
C ILE J 22 6.91 32.47 -31.69
N SER J 23 8.21 32.46 -32.02
CA SER J 23 8.96 31.22 -32.20
C SER J 23 8.26 30.30 -33.20
N SER J 24 7.86 29.11 -32.75
CA SER J 24 7.14 28.16 -33.56
C SER J 24 5.77 27.84 -32.96
N TYR J 25 5.11 28.86 -32.43
CA TYR J 25 3.75 28.73 -31.91
C TYR J 25 2.74 29.19 -32.95
N LEU J 26 2.63 28.41 -34.02
CA LEU J 26 1.75 28.77 -35.13
C LEU J 26 1.12 27.52 -35.72
N ASN J 27 -0.11 27.67 -36.22
CA ASN J 27 -0.88 26.59 -36.82
C ASN J 27 -1.48 27.05 -38.14
N TRP J 28 -1.75 26.07 -39.02
CA TRP J 28 -2.42 26.30 -40.29
C TRP J 28 -3.69 25.48 -40.36
N TYR J 29 -4.76 26.08 -40.91
CA TYR J 29 -6.05 25.41 -41.04
C TYR J 29 -6.54 25.51 -42.47
N GLN J 30 -7.29 24.48 -42.89
CA GLN J 30 -7.92 24.43 -44.21
C GLN J 30 -9.42 24.26 -44.02
N GLN J 31 -10.19 25.27 -44.38
CA GLN J 31 -11.64 25.25 -44.25
C GLN J 31 -12.28 25.28 -45.63
N LYS J 32 -13.12 24.31 -45.91
CA LYS J 32 -13.90 24.25 -47.13
C LYS J 32 -15.29 24.82 -46.89
N PRO J 33 -15.94 25.34 -47.94
CA PRO J 33 -17.27 25.93 -47.75
C PRO J 33 -18.26 24.92 -47.20
N GLY J 34 -19.05 25.35 -46.22
CA GLY J 34 -20.05 24.50 -45.62
C GLY J 34 -19.52 23.47 -44.65
N LYS J 35 -18.24 23.49 -44.34
CA LYS J 35 -17.62 22.50 -43.46
C LYS J 35 -16.99 23.21 -42.26
N ALA J 36 -16.28 22.43 -41.46
CA ALA J 36 -15.53 22.85 -40.29
C ALA J 36 -14.04 22.89 -40.60
N PRO J 37 -13.30 23.82 -39.99
CA PRO J 37 -11.85 23.89 -40.23
C PRO J 37 -11.15 22.60 -39.85
N LYS J 38 -10.14 22.24 -40.62
CA LYS J 38 -9.35 21.03 -40.39
C LYS J 38 -7.89 21.42 -40.26
N LEU J 39 -7.29 21.03 -39.13
CA LEU J 39 -5.89 21.38 -38.87
C LEU J 39 -4.98 20.76 -39.93
N LEU J 40 -4.07 21.58 -40.45
CA LEU J 40 -3.11 21.14 -41.46
C LEU J 40 -1.68 21.11 -40.93
N ILE J 41 -1.25 22.18 -40.25
CA ILE J 41 0.10 22.31 -39.71
C ILE J 41 -0.01 22.78 -38.27
N TYR J 42 0.75 22.15 -37.37
CA TYR J 42 0.86 22.62 -36.00
C TYR J 42 2.34 22.82 -35.66
N ALA J 43 2.59 23.77 -34.76
CA ALA J 43 3.94 24.19 -34.37
C ALA J 43 4.76 24.70 -35.56
N ALA J 44 4.07 25.16 -36.60
CA ALA J 44 4.66 25.87 -37.74
C ALA J 44 5.54 24.99 -38.62
N SER J 45 5.82 23.76 -38.19
CA SER J 45 6.64 22.86 -39.01
C SER J 45 6.17 21.42 -39.03
N SER J 46 5.11 21.07 -38.29
CA SER J 46 4.68 19.69 -38.15
C SER J 46 3.45 19.44 -39.00
N LEU J 47 3.49 18.40 -39.82
CA LEU J 47 2.40 18.06 -40.72
C LEU J 47 1.43 17.13 -40.01
N GLN J 48 0.18 17.56 -39.89
CA GLN J 48 -0.84 16.76 -39.20
C GLN J 48 -1.07 15.45 -39.92
N SER J 49 -1.26 14.39 -39.14
CA SER J 49 -1.49 13.07 -39.72
C SER J 49 -2.77 13.07 -40.55
N GLY J 50 -2.70 12.45 -41.73
CA GLY J 50 -3.81 12.46 -42.66
C GLY J 50 -3.74 13.54 -43.73
N VAL J 51 -2.84 14.51 -43.58
CA VAL J 51 -2.68 15.59 -44.55
C VAL J 51 -1.75 15.11 -45.67
N PRO J 52 -2.07 15.41 -46.94
CA PRO J 52 -1.13 15.08 -48.01
C PRO J 52 0.20 15.79 -47.82
N SER J 53 1.27 15.10 -48.22
CA SER J 53 2.62 15.58 -47.95
C SER J 53 2.97 16.85 -48.73
N ARG J 54 2.23 17.17 -49.79
CA ARG J 54 2.58 18.33 -50.61
C ARG J 54 2.38 19.65 -49.89
N PHE J 55 1.71 19.66 -48.75
CA PHE J 55 1.64 20.85 -47.90
C PHE J 55 2.87 20.89 -47.00
N SER J 56 3.40 22.09 -46.79
CA SER J 56 4.61 22.23 -46.00
C SER J 56 4.56 23.51 -45.19
N GLY J 57 5.10 23.44 -43.97
CA GLY J 57 5.23 24.60 -43.11
C GLY J 57 6.69 24.97 -42.92
N SER J 58 6.90 26.27 -42.65
CA SER J 58 8.24 26.81 -42.50
C SER J 58 8.20 28.17 -41.83
N GLY J 59 9.26 28.52 -41.12
CA GLY J 59 9.35 29.83 -40.48
C GLY J 59 9.49 29.72 -38.97
N SER J 60 10.08 30.75 -38.39
CA SER J 60 10.24 30.84 -36.95
C SER J 60 10.41 32.31 -36.58
N GLY J 61 9.89 32.66 -35.40
CA GLY J 61 9.93 34.06 -35.00
C GLY J 61 8.72 34.82 -35.48
N THR J 62 8.85 35.51 -36.61
CA THR J 62 7.80 36.40 -37.10
C THR J 62 7.23 35.99 -38.46
N ASP J 63 8.05 35.45 -39.36
CA ASP J 63 7.63 35.17 -40.73
C ASP J 63 7.39 33.67 -40.90
N PHE J 64 6.18 33.31 -41.33
CA PHE J 64 5.79 31.93 -41.56
C PHE J 64 5.18 31.80 -42.94
N THR J 65 5.32 30.61 -43.54
CA THR J 65 4.91 30.40 -44.92
C THR J 65 4.30 29.01 -45.08
N LEU J 66 3.14 28.96 -45.74
CA LEU J 66 2.51 27.72 -46.16
C LEU J 66 2.70 27.55 -47.66
N THR J 67 3.20 26.38 -48.07
CA THR J 67 3.54 26.13 -49.47
C THR J 67 2.90 24.84 -49.93
N ILE J 68 2.29 24.87 -51.11
CA ILE J 68 1.73 23.69 -51.76
C ILE J 68 2.48 23.48 -53.07
N SER J 69 3.10 22.31 -53.23
CA SER J 69 4.00 22.08 -54.35
C SER J 69 3.24 21.88 -55.67
N SER J 70 2.15 21.11 -55.66
CA SER J 70 1.42 20.78 -56.88
C SER J 70 -0.07 20.87 -56.56
N LEU J 71 -0.75 21.86 -57.13
CA LEU J 71 -2.15 22.09 -56.81
C LEU J 71 -3.04 21.02 -57.43
N GLN J 72 -4.00 20.55 -56.65
CA GLN J 72 -5.06 19.64 -57.09
C GLN J 72 -6.40 20.36 -56.92
N PRO J 73 -7.46 19.94 -57.62
CA PRO J 73 -8.73 20.68 -57.51
C PRO J 73 -9.38 20.60 -56.14
N GLU J 74 -8.98 19.65 -55.29
CA GLU J 74 -9.52 19.59 -53.94
C GLU J 74 -8.82 20.56 -52.99
N ASP J 75 -7.74 21.20 -53.42
CA ASP J 75 -6.96 22.07 -52.56
C ASP J 75 -7.59 23.45 -52.43
N PHE J 76 -8.66 23.70 -53.17
CA PHE J 76 -9.27 25.03 -53.20
C PHE J 76 -10.10 25.25 -51.94
N ALA J 77 -9.64 26.15 -51.08
CA ALA J 77 -10.31 26.43 -49.81
C ALA J 77 -9.82 27.76 -49.24
N THR J 78 -10.16 28.03 -47.98
CA THR J 78 -9.69 29.20 -47.26
C THR J 78 -8.75 28.75 -46.15
N TYR J 79 -7.61 29.42 -46.02
CA TYR J 79 -6.57 29.03 -45.07
C TYR J 79 -6.34 30.14 -44.07
N TYR J 80 -6.26 29.78 -42.80
CA TYR J 80 -6.03 30.71 -41.70
C TYR J 80 -4.82 30.26 -40.89
N CYS J 81 -4.06 31.23 -40.39
CA CYS J 81 -2.96 30.94 -39.47
C CYS J 81 -3.30 31.46 -38.09
N GLN J 82 -3.08 30.62 -37.07
CA GLN J 82 -3.43 30.92 -35.69
C GLN J 82 -2.20 30.76 -34.82
N GLN J 83 -2.00 31.69 -33.91
CA GLN J 83 -0.85 31.67 -33.00
C GLN J 83 -1.27 31.05 -31.67
N SER J 84 -0.46 30.11 -31.18
CA SER J 84 -0.67 29.48 -29.88
C SER J 84 0.27 30.03 -28.82
N TYR J 85 0.98 31.12 -29.10
CA TYR J 85 1.93 31.67 -28.14
C TYR J 85 1.23 32.13 -26.86
N SER J 86 0.12 32.84 -26.98
CA SER J 86 -0.55 33.38 -25.81
C SER J 86 -2.05 33.51 -26.10
N THR J 87 -2.82 33.57 -25.01
CA THR J 87 -4.25 33.81 -25.10
C THR J 87 -4.53 35.32 -25.07
N PRO J 88 -5.61 35.77 -25.73
CA PRO J 88 -6.60 35.00 -26.48
C PRO J 88 -6.06 34.47 -27.80
N LEU J 89 -6.49 33.29 -28.21
CA LEU J 89 -6.09 32.74 -29.50
C LEU J 89 -6.61 33.63 -30.62
N PHE J 90 -5.75 33.92 -31.59
CA PHE J 90 -6.07 34.81 -32.69
C PHE J 90 -5.89 34.05 -34.00
N PHE J 91 -6.84 34.22 -34.91
CA PHE J 91 -6.83 33.56 -36.21
C PHE J 91 -6.51 34.58 -37.30
N GLY J 92 -5.75 34.14 -38.30
CA GLY J 92 -5.46 35.00 -39.43
C GLY J 92 -6.71 35.37 -40.19
N GLN J 93 -6.61 36.49 -40.93
CA GLN J 93 -7.77 37.00 -41.66
C GLN J 93 -8.25 35.99 -42.70
N GLY J 94 -7.37 35.14 -43.20
CA GLY J 94 -7.76 34.14 -44.16
C GLY J 94 -7.38 34.51 -45.58
N THR J 95 -6.79 33.57 -46.31
CA THR J 95 -6.47 33.75 -47.72
C THR J 95 -7.31 32.76 -48.51
N LYS J 96 -8.24 33.27 -49.31
CA LYS J 96 -9.18 32.44 -50.05
C LYS J 96 -8.55 32.05 -51.39
N LEU J 97 -8.40 30.75 -51.62
CA LEU J 97 -7.87 30.23 -52.87
C LEU J 97 -8.99 30.09 -53.88
N GLU J 98 -8.79 30.63 -55.08
CA GLU J 98 -9.78 30.59 -56.14
C GLU J 98 -9.12 30.07 -57.41
N ILE J 99 -9.94 29.50 -58.28
CA ILE J 99 -9.43 28.84 -59.49
C ILE J 99 -9.30 29.87 -60.61
N LYS J 100 -8.34 29.64 -61.50
CA LYS J 100 -8.10 30.53 -62.63
C LYS J 100 -8.83 30.01 -63.87
N GLN K 1 32.35 -11.68 -1.56
CA GLN K 1 33.10 -11.09 -0.46
C GLN K 1 33.51 -9.66 -0.78
N VAL K 2 33.86 -8.90 0.24
CA VAL K 2 34.21 -7.50 0.10
C VAL K 2 35.72 -7.35 0.13
N GLN K 3 36.26 -6.57 -0.81
CA GLN K 3 37.69 -6.29 -0.87
C GLN K 3 37.92 -4.78 -0.86
N LEU K 4 39.04 -4.37 -0.30
CA LEU K 4 39.38 -2.97 -0.15
C LEU K 4 40.77 -2.70 -0.70
N GLN K 5 40.97 -1.51 -1.26
CA GLN K 5 42.27 -1.08 -1.76
C GLN K 5 42.48 0.39 -1.39
N GLU K 6 43.73 0.76 -1.21
CA GLU K 6 44.09 2.12 -0.84
C GLU K 6 45.03 2.72 -1.87
N SER K 7 44.87 4.03 -2.09
CA SER K 7 45.70 4.76 -3.04
C SER K 7 45.90 6.17 -2.53
N GLY K 8 47.11 6.69 -2.70
CA GLY K 8 47.44 8.02 -2.23
C GLY K 8 48.68 8.59 -2.87
N PRO K 9 49.01 9.84 -2.53
CA PRO K 9 50.18 10.48 -3.15
C PRO K 9 51.49 9.77 -2.85
N GLY K 10 51.64 9.19 -1.66
CA GLY K 10 52.86 8.53 -1.26
C GLY K 10 53.89 9.45 -0.63
N LEU K 11 54.06 10.65 -1.18
CA LEU K 11 54.99 11.65 -0.65
C LEU K 11 54.22 12.95 -0.46
N VAL K 12 54.20 13.45 0.78
CA VAL K 12 53.49 14.67 1.13
C VAL K 12 54.47 15.63 1.80
N LYS K 13 54.44 16.88 1.39
CA LYS K 13 55.30 17.90 1.98
C LYS K 13 54.73 18.35 3.32
N PRO K 14 55.57 18.93 4.19
CA PRO K 14 55.08 19.36 5.49
C PRO K 14 54.06 20.49 5.38
N SER K 15 53.20 20.59 6.40
CA SER K 15 52.13 21.57 6.53
C SER K 15 51.10 21.50 5.40
N GLU K 16 51.11 20.44 4.60
CA GLU K 16 50.08 20.24 3.59
C GLU K 16 48.97 19.37 4.18
N THR K 17 48.04 18.93 3.33
CA THR K 17 46.91 18.10 3.74
C THR K 17 47.03 16.75 3.06
N LEU K 18 47.09 15.68 3.85
CA LEU K 18 47.07 14.33 3.31
C LEU K 18 45.69 14.01 2.75
N SER K 19 45.67 13.20 1.69
CA SER K 19 44.41 12.76 1.08
C SER K 19 44.57 11.31 0.66
N LEU K 20 43.76 10.43 1.26
CA LEU K 20 43.77 9.02 0.95
C LEU K 20 42.37 8.55 0.61
N THR K 21 42.29 7.47 -0.15
CA THR K 21 41.02 6.93 -0.61
C THR K 21 41.06 5.41 -0.49
N CYS K 22 39.97 4.84 0.03
CA CYS K 22 39.79 3.40 0.10
C CYS K 22 38.63 3.04 -0.82
N THR K 23 38.87 2.15 -1.77
CA THR K 23 37.88 1.77 -2.77
C THR K 23 37.32 0.40 -2.43
N VAL K 24 36.00 0.34 -2.25
CA VAL K 24 35.31 -0.89 -1.84
C VAL K 24 34.74 -1.57 -3.06
N SER K 25 34.99 -2.86 -3.19
CA SER K 25 34.43 -3.68 -4.25
C SER K 25 33.87 -4.96 -3.64
N GLY K 26 32.86 -5.51 -4.32
CA GLY K 26 32.17 -6.68 -3.79
C GLY K 26 31.01 -6.37 -2.88
N GLY K 27 30.82 -5.11 -2.52
CA GLY K 27 29.72 -4.70 -1.68
C GLY K 27 29.51 -3.21 -1.80
N SER K 28 28.58 -2.71 -0.99
CA SER K 28 28.26 -1.29 -0.96
C SER K 28 28.75 -0.67 0.35
N ILE K 29 29.18 0.59 0.26
CA ILE K 29 29.69 1.29 1.43
C ILE K 29 28.59 1.68 2.41
N SER K 30 27.32 1.56 2.01
CA SER K 30 26.21 1.86 2.90
C SER K 30 25.78 0.67 3.74
N SER K 31 26.24 -0.54 3.41
CA SER K 31 25.81 -1.74 4.11
C SER K 31 26.57 -1.98 5.41
N TYR K 32 27.70 -1.33 5.62
CA TYR K 32 28.51 -1.57 6.80
C TYR K 32 29.12 -0.25 7.26
N TYR K 33 30.03 -0.34 8.22
CA TYR K 33 30.79 0.78 8.78
C TYR K 33 32.25 0.61 8.40
N TRP K 34 33.00 1.72 8.42
CA TRP K 34 34.36 1.74 7.92
C TRP K 34 35.26 2.52 8.86
N SER K 35 36.54 2.15 8.89
CA SER K 35 37.49 2.77 9.81
C SER K 35 38.87 2.82 9.18
N TRP K 36 39.72 3.69 9.75
CA TRP K 36 41.11 3.87 9.33
C TRP K 36 42.05 3.56 10.49
N ILE K 37 43.12 2.83 10.20
CA ILE K 37 44.14 2.48 11.18
C ILE K 37 45.51 2.72 10.55
N ARG K 38 46.39 3.40 11.29
CA ARG K 38 47.75 3.67 10.83
C ARG K 38 48.77 3.07 11.79
N GLN K 39 49.90 2.63 11.24
CA GLN K 39 50.91 1.91 12.01
C GLN K 39 52.30 2.43 11.63
N PRO K 40 52.92 3.24 12.48
CA PRO K 40 54.26 3.76 12.19
C PRO K 40 55.29 2.63 12.11
N ALA K 41 56.42 2.94 11.47
CA ALA K 41 57.48 1.97 11.30
C ALA K 41 58.04 1.54 12.65
N GLY K 42 58.00 0.24 12.92
CA GLY K 42 58.50 -0.29 14.17
C GLY K 42 57.64 -0.04 15.38
N LYS K 43 56.43 0.47 15.19
CA LYS K 43 55.52 0.79 16.29
C LYS K 43 54.23 -0.01 16.14
N GLY K 44 53.26 0.30 17.00
CA GLY K 44 52.00 -0.42 17.03
C GLY K 44 50.93 0.26 16.20
N LEU K 45 49.72 -0.28 16.31
CA LEU K 45 48.57 0.20 15.57
C LEU K 45 47.86 1.32 16.35
N GLU K 46 47.41 2.34 15.62
CA GLU K 46 46.64 3.42 16.20
C GLU K 46 45.33 3.55 15.43
N TRP K 47 44.21 3.46 16.14
CA TRP K 47 42.91 3.67 15.54
C TRP K 47 42.66 5.16 15.32
N ILE K 48 42.21 5.50 14.12
CA ILE K 48 42.03 6.90 13.72
C ILE K 48 40.58 7.35 13.87
N GLY K 49 39.65 6.60 13.29
CA GLY K 49 38.24 6.97 13.38
C GLY K 49 37.38 5.98 12.63
N ARG K 50 36.06 6.13 12.82
CA ARG K 50 35.07 5.27 12.20
C ARG K 50 33.94 6.13 11.64
N ILE K 51 33.36 5.68 10.53
CA ILE K 51 32.27 6.37 9.87
C ILE K 51 31.12 5.40 9.65
N TYR K 52 29.89 5.90 9.79
CA TYR K 52 28.69 5.09 9.66
C TYR K 52 28.01 5.34 8.33
N THR K 53 27.00 4.51 8.05
CA THR K 53 26.22 4.67 6.83
C THR K 53 25.43 5.98 6.82
N SER K 54 25.05 6.49 8.00
CA SER K 54 24.35 7.75 8.08
C SER K 54 25.24 8.95 7.80
N GLY K 55 26.56 8.74 7.74
CA GLY K 55 27.50 9.82 7.59
C GLY K 55 28.03 10.38 8.90
N ASN K 56 27.58 9.84 10.04
CA ASN K 56 28.13 10.26 11.32
C ASN K 56 29.54 9.70 11.50
N THR K 57 30.31 10.39 12.34
CA THR K 57 31.71 10.07 12.52
C THR K 57 32.08 10.10 14.01
N ASN K 58 33.06 9.27 14.37
CA ASN K 58 33.73 9.37 15.65
C ASN K 58 35.22 9.28 15.40
N TYR K 59 35.97 10.21 15.99
CA TYR K 59 37.39 10.37 15.72
C TYR K 59 38.21 10.11 16.97
N ASN K 60 39.45 9.69 16.76
CA ASN K 60 40.38 9.55 17.87
C ASN K 60 40.63 10.92 18.50
N PRO K 61 40.53 11.04 19.82
CA PRO K 61 40.73 12.36 20.46
C PRO K 61 42.12 12.95 20.23
N SER K 62 43.08 12.15 19.79
CA SER K 62 44.40 12.67 19.44
C SER K 62 44.48 13.14 17.99
N LEU K 63 43.44 12.90 17.19
CA LEU K 63 43.43 13.36 15.80
C LEU K 63 42.09 13.93 15.37
N LYS K 64 41.22 14.33 16.31
CA LYS K 64 39.88 14.77 15.93
C LYS K 64 39.90 16.17 15.31
N SER K 65 40.88 16.99 15.65
CA SER K 65 40.93 18.35 15.14
C SER K 65 41.56 18.46 13.76
N ARG K 66 42.03 17.35 13.19
CA ARG K 66 42.74 17.37 11.93
C ARG K 66 42.31 16.27 10.95
N VAL K 67 41.27 15.51 11.25
CA VAL K 67 40.86 14.37 10.45
C VAL K 67 39.43 14.56 9.99
N THR K 68 39.19 14.35 8.70
CA THR K 68 37.85 14.39 8.12
C THR K 68 37.65 13.14 7.28
N MET K 69 36.51 12.47 7.48
CA MET K 69 36.15 11.27 6.75
C MET K 69 34.82 11.49 6.03
N SER K 70 34.65 10.81 4.90
CA SER K 70 33.44 10.98 4.10
C SER K 70 33.21 9.72 3.27
N LEU K 71 31.96 9.59 2.81
CA LEU K 71 31.56 8.51 1.93
C LEU K 71 31.10 9.08 0.60
N ASP K 72 31.44 8.39 -0.48
CA ASP K 72 31.03 8.77 -1.83
C ASP K 72 30.37 7.54 -2.45
N THR K 73 29.04 7.56 -2.56
CA THR K 73 28.30 6.40 -3.04
C THR K 73 28.43 6.20 -4.54
N SER K 74 28.86 7.22 -5.28
CA SER K 74 28.94 7.11 -6.73
C SER K 74 30.09 6.21 -7.15
N LYS K 75 31.26 6.35 -6.52
CA LYS K 75 32.43 5.56 -6.86
C LYS K 75 32.74 4.48 -5.83
N ASN K 76 31.92 4.36 -4.78
CA ASN K 76 32.13 3.39 -3.70
C ASN K 76 33.49 3.59 -3.05
N GLN K 77 33.68 4.76 -2.45
CA GLN K 77 34.95 5.15 -1.88
C GLN K 77 34.77 5.75 -0.50
N VAL K 78 35.77 5.55 0.35
CA VAL K 78 35.84 6.16 1.67
C VAL K 78 37.08 7.05 1.71
N SER K 79 36.89 8.31 2.08
CA SER K 79 37.94 9.31 2.00
C SER K 79 38.46 9.66 3.39
N LEU K 80 39.76 9.92 3.48
CA LEU K 80 40.39 10.39 4.70
C LEU K 80 41.27 11.59 4.37
N LYS K 81 41.18 12.63 5.19
CA LYS K 81 41.95 13.86 4.99
C LYS K 81 42.59 14.27 6.31
N LEU K 82 43.91 14.35 6.32
CA LEU K 82 44.67 14.75 7.51
C LEU K 82 45.44 16.02 7.18
N SER K 83 45.04 17.12 7.80
CA SER K 83 45.62 18.43 7.50
C SER K 83 46.80 18.73 8.41
N SER K 84 47.70 19.57 7.91
CA SER K 84 48.88 20.03 8.64
C SER K 84 49.75 18.85 9.07
N VAL K 85 50.14 18.03 8.09
CA VAL K 85 50.95 16.85 8.38
C VAL K 85 52.38 17.27 8.70
N THR K 86 52.96 16.62 9.70
CA THR K 86 54.36 16.79 10.06
C THR K 86 55.08 15.46 9.89
N ALA K 87 56.36 15.42 10.30
CA ALA K 87 57.13 14.19 10.19
C ALA K 87 56.60 13.08 11.10
N ALA K 88 55.94 13.44 12.20
CA ALA K 88 55.36 12.45 13.10
C ALA K 88 54.17 11.72 12.49
N ASP K 89 53.66 12.18 11.35
CA ASP K 89 52.50 11.58 10.71
C ASP K 89 52.88 10.53 9.68
N THR K 90 54.15 10.19 9.56
CA THR K 90 54.60 9.18 8.61
C THR K 90 54.27 7.79 9.15
N ALA K 91 53.56 6.99 8.35
CA ALA K 91 53.13 5.67 8.77
C ALA K 91 52.54 4.94 7.57
N VAL K 92 52.14 3.69 7.80
CA VAL K 92 51.37 2.92 6.83
C VAL K 92 49.91 2.98 7.21
N TYR K 93 49.05 3.29 6.25
CA TYR K 93 47.64 3.57 6.50
C TYR K 93 46.78 2.45 5.96
N TYR K 94 45.86 1.95 6.78
CA TYR K 94 44.97 0.86 6.40
C TYR K 94 43.51 1.31 6.53
N CYS K 95 42.68 0.78 5.64
CA CYS K 95 41.23 0.90 5.75
C CYS K 95 40.65 -0.48 6.03
N ALA K 96 39.59 -0.53 6.83
CA ALA K 96 39.01 -1.79 7.25
C ALA K 96 37.52 -1.63 7.47
N ARG K 97 36.81 -2.76 7.45
CA ARG K 97 35.37 -2.78 7.70
C ARG K 97 35.09 -2.99 9.19
N SER K 98 34.06 -2.31 9.68
CA SER K 98 33.56 -2.51 11.03
C SER K 98 32.30 -3.39 10.96
N ARG K 99 32.40 -4.60 11.50
CA ARG K 99 31.30 -5.57 11.45
C ARG K 99 30.62 -5.61 12.81
N VAL K 100 29.32 -5.36 12.82
CA VAL K 100 28.52 -5.35 14.04
C VAL K 100 27.42 -6.39 13.88
N ALA K 101 27.45 -7.43 14.72
CA ALA K 101 26.52 -8.53 14.59
C ALA K 101 26.35 -9.18 15.96
N THR K 102 25.36 -10.07 16.06
CA THR K 102 25.08 -10.76 17.32
C THR K 102 26.05 -11.91 17.55
N THR K 103 26.52 -12.01 18.78
CA THR K 103 27.43 -13.06 19.22
C THR K 103 26.79 -13.78 20.39
N PRO K 104 27.26 -14.97 20.76
CA PRO K 104 26.66 -15.69 21.91
C PRO K 104 26.70 -14.90 23.22
N VAL K 105 27.36 -13.75 23.27
CA VAL K 105 27.39 -12.91 24.45
C VAL K 105 26.69 -11.57 24.24
N GLY K 106 26.32 -11.24 23.01
CA GLY K 106 25.62 -9.99 22.75
C GLY K 106 26.04 -9.30 21.48
N LEU K 107 25.93 -7.97 21.46
CA LEU K 107 26.34 -7.17 20.31
C LEU K 107 27.82 -6.84 20.42
N ARG K 108 28.62 -7.35 19.48
CA ARG K 108 30.07 -7.13 19.48
C ARG K 108 30.50 -6.66 18.09
N ASP K 109 31.55 -5.87 18.05
CA ASP K 109 32.09 -5.32 16.81
C ASP K 109 33.58 -5.55 16.71
N TRP K 110 34.04 -5.88 15.51
CA TRP K 110 35.46 -6.12 15.24
C TRP K 110 35.84 -5.42 13.95
N LEU K 111 37.06 -5.65 13.49
CA LEU K 111 37.58 -5.07 12.26
C LEU K 111 37.96 -6.20 11.30
N ASP K 112 37.16 -6.39 10.27
CA ASP K 112 37.41 -7.44 9.29
C ASP K 112 36.58 -7.20 8.03
N PRO K 113 37.19 -7.25 6.84
CA PRO K 113 38.63 -7.47 6.57
C PRO K 113 39.42 -6.18 6.57
N TRP K 114 40.70 -6.26 6.20
CA TRP K 114 41.59 -5.11 6.14
C TRP K 114 42.06 -4.88 4.70
N GLY K 115 42.56 -3.67 4.45
CA GLY K 115 43.23 -3.39 3.21
C GLY K 115 44.72 -3.63 3.30
N GLN K 116 45.35 -3.82 2.14
CA GLN K 116 46.79 -4.08 2.11
C GLN K 116 47.60 -2.91 2.65
N GLY K 117 47.07 -1.71 2.61
CA GLY K 117 47.75 -0.55 3.14
C GLY K 117 48.61 0.16 2.11
N THR K 118 49.06 1.36 2.49
CA THR K 118 49.92 2.16 1.63
C THR K 118 50.77 3.07 2.49
N LEU K 119 52.03 3.23 2.09
CA LEU K 119 52.99 4.04 2.85
C LEU K 119 52.85 5.51 2.48
N VAL K 120 52.81 6.36 3.50
CA VAL K 120 52.81 7.81 3.34
C VAL K 120 54.03 8.36 4.04
N THR K 121 54.84 9.13 3.31
CA THR K 121 56.08 9.70 3.82
C THR K 121 55.97 11.22 3.82
N VAL K 122 56.35 11.83 4.93
CA VAL K 122 56.36 13.29 5.06
C VAL K 122 57.80 13.75 5.18
N SER K 123 58.23 14.61 4.25
CA SER K 123 59.59 15.11 4.22
C SER K 123 59.62 16.40 3.43
N SER K 124 60.69 17.16 3.62
CA SER K 124 60.86 18.42 2.91
C SER K 124 61.61 18.24 1.60
N THR L 1 58.66 -3.99 21.74
CA THR L 1 57.56 -4.81 22.23
C THR L 1 58.08 -6.07 22.92
N PRO L 2 57.38 -6.53 23.96
CA PRO L 2 57.79 -7.77 24.63
C PRO L 2 57.84 -8.94 23.66
N SER L 3 58.86 -9.76 23.80
CA SER L 3 59.12 -10.87 22.89
C SER L 3 58.96 -12.21 23.60
N LEU L 4 58.73 -13.25 22.80
CA LEU L 4 58.60 -14.60 23.30
C LEU L 4 59.28 -15.55 22.33
N SER L 5 60.01 -16.52 22.87
CA SER L 5 60.72 -17.51 22.08
C SER L 5 60.18 -18.89 22.40
N ALA L 6 59.88 -19.67 21.36
CA ALA L 6 59.34 -21.01 21.55
C ALA L 6 59.71 -21.88 20.35
N SER L 7 59.57 -23.18 20.53
CA SER L 7 59.93 -24.16 19.51
C SER L 7 58.68 -24.72 18.83
N VAL L 8 58.91 -25.48 17.78
CA VAL L 8 57.81 -26.10 17.03
C VAL L 8 57.12 -27.14 17.90
N GLY L 9 55.80 -27.09 17.94
CA GLY L 9 55.02 -28.01 18.75
C GLY L 9 54.86 -27.61 20.20
N ASP L 10 55.38 -26.46 20.61
CA ASP L 10 55.30 -26.04 22.00
C ASP L 10 54.03 -25.22 22.24
N ARG L 11 53.55 -25.26 23.48
CA ARG L 11 52.35 -24.52 23.87
C ARG L 11 52.73 -23.12 24.31
N VAL L 12 52.15 -22.12 23.66
CA VAL L 12 52.43 -20.71 23.94
C VAL L 12 51.18 -20.08 24.51
N THR L 13 51.36 -19.29 25.57
CA THR L 13 50.26 -18.59 26.23
C THR L 13 50.58 -17.12 26.28
N ILE L 14 49.85 -16.32 25.50
CA ILE L 14 50.00 -14.88 25.46
C ILE L 14 48.91 -14.27 26.32
N THR L 15 49.30 -13.38 27.22
CA THR L 15 48.37 -12.77 28.16
C THR L 15 48.50 -11.25 28.11
N CYS L 16 47.36 -10.57 28.06
CA CYS L 16 47.32 -9.11 28.20
C CYS L 16 46.16 -8.75 29.11
N ARG L 17 46.30 -7.63 29.81
CA ARG L 17 45.41 -7.25 30.91
C ARG L 17 44.87 -5.85 30.69
N ALA L 18 43.56 -5.70 30.88
CA ALA L 18 42.88 -4.43 30.66
C ALA L 18 42.91 -3.57 31.92
N SER L 19 42.79 -2.26 31.73
CA SER L 19 42.77 -1.34 32.86
C SER L 19 41.58 -1.60 33.76
N GLN L 20 40.40 -1.81 33.17
CA GLN L 20 39.19 -2.09 33.91
C GLN L 20 38.45 -3.26 33.26
N SER L 21 37.44 -3.77 33.96
CA SER L 21 36.65 -4.87 33.44
C SER L 21 35.95 -4.46 32.14
N ILE L 22 36.07 -5.30 31.11
CA ILE L 22 35.49 -5.01 29.81
C ILE L 22 34.71 -6.22 29.32
N SER L 23 34.38 -7.15 30.22
CA SER L 23 33.57 -8.31 29.90
C SER L 23 34.16 -9.11 28.75
N SER L 24 33.42 -9.22 27.65
CA SER L 24 33.86 -9.94 26.46
C SER L 24 34.05 -9.01 25.26
N TYR L 25 34.44 -7.77 25.52
CA TYR L 25 34.74 -6.80 24.45
C TYR L 25 36.25 -6.77 24.20
N LEU L 26 36.75 -7.82 23.56
CA LEU L 26 38.18 -7.92 23.28
C LEU L 26 38.40 -8.78 22.04
N ASN L 27 39.44 -8.43 21.29
CA ASN L 27 39.78 -9.11 20.05
C ASN L 27 41.27 -9.44 20.03
N TRP L 28 41.63 -10.43 19.20
CA TRP L 28 43.02 -10.82 18.95
C TRP L 28 43.33 -10.69 17.47
N TYR L 29 44.53 -10.20 17.16
CA TYR L 29 44.98 -10.04 15.78
C TYR L 29 46.33 -10.71 15.59
N GLN L 30 46.58 -11.19 14.38
CA GLN L 30 47.85 -11.78 13.98
C GLN L 30 48.38 -11.05 12.76
N GLN L 31 49.48 -10.32 12.92
CA GLN L 31 50.08 -9.56 11.84
C GLN L 31 51.44 -10.14 11.49
N LYS L 32 51.62 -10.45 10.24
CA LYS L 32 52.90 -10.93 9.72
C LYS L 32 53.68 -9.77 9.10
N PRO L 33 55.00 -9.84 9.08
CA PRO L 33 55.79 -8.74 8.54
C PRO L 33 55.44 -8.46 7.08
N GLY L 34 55.32 -7.18 6.74
CA GLY L 34 55.01 -6.78 5.39
C GLY L 34 53.55 -6.90 5.00
N LYS L 35 52.69 -7.30 5.92
CA LYS L 35 51.28 -7.54 5.64
C LYS L 35 50.41 -6.64 6.50
N ALA L 36 49.11 -6.88 6.44
CA ALA L 36 48.06 -6.22 7.21
C ALA L 36 47.53 -7.14 8.30
N PRO L 37 47.12 -6.60 9.44
CA PRO L 37 46.62 -7.45 10.52
C PRO L 37 45.39 -8.25 10.09
N LYS L 38 45.32 -9.48 10.59
CA LYS L 38 44.22 -10.38 10.29
C LYS L 38 43.55 -10.80 11.59
N LEU L 39 42.24 -10.57 11.67
CA LEU L 39 41.51 -10.89 12.88
C LEU L 39 41.55 -12.39 13.17
N LEU L 40 41.80 -12.73 14.43
CA LEU L 40 41.88 -14.12 14.87
C LEU L 40 40.77 -14.49 15.83
N ILE L 41 40.54 -13.66 16.85
CA ILE L 41 39.52 -13.89 17.86
C ILE L 41 38.71 -12.62 18.04
N TYR L 42 37.38 -12.75 18.08
CA TYR L 42 36.50 -11.64 18.42
C TYR L 42 35.62 -12.04 19.59
N ALA L 43 35.20 -11.04 20.37
CA ALA L 43 34.42 -11.22 21.58
C ALA L 43 35.12 -12.10 22.60
N ALA L 44 36.46 -12.17 22.52
CA ALA L 44 37.33 -12.80 23.51
C ALA L 44 37.17 -14.32 23.59
N SER L 45 36.19 -14.89 22.89
CA SER L 45 36.01 -16.32 22.90
C SER L 45 35.64 -16.93 21.55
N SER L 46 35.44 -16.12 20.51
CA SER L 46 34.94 -16.60 19.24
C SER L 46 36.07 -16.67 18.23
N LEU L 47 36.22 -17.83 17.59
CA LEU L 47 37.29 -18.06 16.62
C LEU L 47 36.81 -17.62 15.24
N GLN L 48 37.54 -16.70 14.63
CA GLN L 48 37.18 -16.19 13.31
C GLN L 48 37.23 -17.30 12.28
N SER L 49 36.27 -17.28 11.35
CA SER L 49 36.21 -18.30 10.32
C SER L 49 37.46 -18.25 9.45
N GLY L 50 38.03 -19.43 9.19
CA GLY L 50 39.27 -19.55 8.45
C GLY L 50 40.50 -19.69 9.31
N VAL L 51 40.41 -19.37 10.60
CA VAL L 51 41.53 -19.50 11.52
C VAL L 51 41.68 -20.96 11.94
N PRO L 52 42.89 -21.50 12.00
CA PRO L 52 43.06 -22.86 12.53
C PRO L 52 42.62 -22.96 13.98
N SER L 53 42.10 -24.13 14.34
CA SER L 53 41.49 -24.34 15.65
C SER L 53 42.50 -24.33 16.79
N ARG L 54 43.81 -24.37 16.49
CA ARG L 54 44.81 -24.40 17.55
C ARG L 54 44.83 -23.13 18.38
N PHE L 55 44.27 -22.03 17.87
CA PHE L 55 44.19 -20.79 18.60
C PHE L 55 42.90 -20.75 19.42
N SER L 56 43.03 -20.35 20.68
CA SER L 56 41.88 -20.34 21.58
C SER L 56 41.85 -19.02 22.35
N GLY L 57 40.64 -18.56 22.64
CA GLY L 57 40.44 -17.38 23.45
C GLY L 57 39.74 -17.75 24.75
N SER L 58 40.05 -16.99 25.80
CA SER L 58 39.48 -17.24 27.11
C SER L 58 39.61 -15.98 27.95
N GLY L 59 38.79 -15.90 28.99
CA GLY L 59 38.83 -14.78 29.90
C GLY L 59 37.62 -13.88 29.76
N SER L 60 37.33 -13.17 30.85
CA SER L 60 36.24 -12.22 30.90
C SER L 60 36.53 -11.23 32.02
N GLY L 61 36.12 -9.99 31.82
CA GLY L 61 36.41 -8.96 32.79
C GLY L 61 37.73 -8.26 32.50
N THR L 62 38.80 -8.70 33.14
CA THR L 62 40.07 -8.00 33.08
C THR L 62 41.22 -8.85 32.54
N ASP L 63 41.17 -10.17 32.67
CA ASP L 63 42.26 -11.05 32.27
C ASP L 63 41.84 -11.87 31.06
N PHE L 64 42.63 -11.80 29.98
CA PHE L 64 42.36 -12.52 28.75
C PHE L 64 43.61 -13.24 28.31
N THR L 65 43.42 -14.37 27.61
CA THR L 65 44.52 -15.26 27.28
C THR L 65 44.35 -15.82 25.86
N LEU L 66 45.42 -15.72 25.08
CA LEU L 66 45.52 -16.38 23.77
C LEU L 66 46.48 -17.56 23.91
N THR L 67 46.04 -18.72 23.45
CA THR L 67 46.79 -19.96 23.62
C THR L 67 46.91 -20.68 22.28
N ILE L 68 48.10 -21.19 21.98
CA ILE L 68 48.35 -22.00 20.80
C ILE L 68 48.84 -23.36 21.27
N SER L 69 48.15 -24.43 20.83
CA SER L 69 48.43 -25.75 21.37
C SER L 69 49.65 -26.40 20.70
N SER L 70 49.68 -26.42 19.37
CA SER L 70 50.75 -27.08 18.62
C SER L 70 51.34 -26.06 17.65
N LEU L 71 52.50 -25.50 18.02
CA LEU L 71 53.08 -24.42 17.24
C LEU L 71 53.53 -24.91 15.88
N GLN L 72 53.46 -24.01 14.90
CA GLN L 72 53.85 -24.27 13.52
C GLN L 72 54.78 -23.17 13.04
N PRO L 73 55.59 -23.43 12.02
CA PRO L 73 56.51 -22.38 11.53
C PRO L 73 55.81 -21.16 10.96
N GLU L 74 54.54 -21.28 10.56
CA GLU L 74 53.80 -20.13 10.08
C GLU L 74 53.21 -19.28 11.20
N ASP L 75 53.20 -19.79 12.43
CA ASP L 75 52.60 -19.07 13.55
C ASP L 75 53.42 -17.89 14.02
N PHE L 76 54.67 -17.76 13.56
CA PHE L 76 55.55 -16.70 14.06
C PHE L 76 55.12 -15.36 13.48
N ALA L 77 54.56 -14.51 14.33
CA ALA L 77 54.09 -13.19 13.93
C ALA L 77 53.99 -12.32 15.18
N THR L 78 53.33 -11.18 15.06
CA THR L 78 53.07 -10.28 16.17
C THR L 78 51.58 -10.27 16.46
N TYR L 79 51.21 -10.33 17.74
CA TYR L 79 49.82 -10.44 18.15
C TYR L 79 49.46 -9.26 19.05
N TYR L 80 48.31 -8.65 18.77
CA TYR L 80 47.80 -7.51 19.51
C TYR L 80 46.40 -7.82 20.03
N CYS L 81 46.06 -7.27 21.19
CA CYS L 81 44.70 -7.35 21.71
C CYS L 81 44.09 -5.96 21.71
N GLN L 82 42.85 -5.88 21.24
CA GLN L 82 42.13 -4.61 21.11
C GLN L 82 40.79 -4.72 21.81
N GLN L 83 40.45 -3.70 22.59
CA GLN L 83 39.19 -3.69 23.32
C GLN L 83 38.13 -2.93 22.54
N SER L 84 36.94 -3.53 22.44
CA SER L 84 35.80 -2.93 21.77
C SER L 84 34.78 -2.38 22.76
N TYR L 85 35.14 -2.27 24.04
CA TYR L 85 34.20 -1.77 25.04
C TYR L 85 33.79 -0.33 24.75
N SER L 86 34.75 0.53 24.44
CA SER L 86 34.44 1.94 24.25
C SER L 86 35.47 2.56 23.31
N THR L 87 35.10 3.68 22.73
CA THR L 87 36.00 4.47 21.90
C THR L 87 36.80 5.44 22.77
N PRO L 88 38.03 5.79 22.36
CA PRO L 88 38.74 5.35 21.15
C PRO L 88 39.21 3.90 21.26
N LEU L 89 39.19 3.16 20.14
CA LEU L 89 39.70 1.81 20.13
C LEU L 89 41.19 1.82 20.43
N PHE L 90 41.61 0.92 21.32
CA PHE L 90 42.99 0.84 21.77
C PHE L 90 43.53 -0.54 21.46
N PHE L 91 44.76 -0.60 20.95
CA PHE L 91 45.40 -1.85 20.58
C PHE L 91 46.51 -2.18 21.57
N GLY L 92 46.69 -3.46 21.85
CA GLY L 92 47.77 -3.88 22.72
C GLY L 92 49.13 -3.54 22.15
N GLN L 93 50.11 -3.46 23.04
CA GLN L 93 51.47 -3.10 22.61
C GLN L 93 52.04 -4.11 21.63
N GLY L 94 51.58 -5.35 21.68
CA GLY L 94 52.06 -6.36 20.77
C GLY L 94 53.09 -7.28 21.39
N THR L 95 52.93 -8.59 21.17
CA THR L 95 53.89 -9.58 21.62
C THR L 95 54.47 -10.27 20.40
N LYS L 96 55.72 -9.97 20.09
CA LYS L 96 56.38 -10.52 18.90
C LYS L 96 56.87 -11.93 19.21
N LEU L 97 56.37 -12.90 18.44
CA LEU L 97 56.80 -14.29 18.57
C LEU L 97 58.03 -14.52 17.71
N GLU L 98 59.07 -15.10 18.31
CA GLU L 98 60.32 -15.37 17.63
C GLU L 98 60.70 -16.83 17.83
N ILE L 99 61.50 -17.34 16.91
CA ILE L 99 61.85 -18.76 16.89
C ILE L 99 63.09 -18.99 17.76
N LYS L 100 63.16 -20.18 18.35
CA LYS L 100 64.28 -20.57 19.19
C LYS L 100 65.33 -21.32 18.38
C1 NAG M . -15.84 -12.03 -24.47
C2 NAG M . -17.12 -12.02 -25.33
C3 NAG M . -18.32 -12.73 -24.72
C4 NAG M . -17.86 -13.75 -23.69
C5 NAG M . -17.20 -12.92 -22.60
C6 NAG M . -16.84 -13.72 -21.37
C7 NAG M . -17.07 -10.03 -26.79
C8 NAG M . -17.56 -8.62 -26.93
N2 NAG M . -17.46 -10.66 -25.68
O3 NAG M . -19.06 -13.32 -25.76
O4 NAG M . -19.00 -14.43 -23.23
O5 NAG M . -16.04 -12.29 -23.08
O6 NAG M . -15.96 -14.76 -21.73
O7 NAG M . -16.36 -10.55 -27.64
C1 NAG N . -11.30 -42.84 -22.32
C2 NAG N . -11.65 -43.32 -20.90
C3 NAG N . -13.09 -43.81 -20.78
C4 NAG N . -14.05 -42.83 -21.44
C5 NAG N . -13.61 -42.65 -22.88
C6 NAG N . -14.53 -41.77 -23.69
C7 NAG N . -9.86 -44.28 -19.48
C8 NAG N . -9.05 -45.52 -19.24
N2 NAG N . -10.76 -44.37 -20.48
O3 NAG N . -13.38 -43.98 -19.41
O4 NAG N . -15.35 -43.38 -21.35
O5 NAG N . -12.32 -42.06 -22.87
O6 NAG N . -15.85 -42.26 -23.62
O7 NAG N . -9.70 -43.27 -18.81
C1 NAG O . 21.16 45.72 24.27
C2 NAG O . 22.48 46.27 24.84
C3 NAG O . 22.22 47.18 26.04
C4 NAG O . 21.22 48.27 25.66
C5 NAG O . 19.96 47.62 25.10
C6 NAG O . 18.90 48.61 24.67
C7 NAG O . 24.54 44.94 24.64
C8 NAG O . 25.30 43.76 25.22
N2 NAG O . 23.36 45.20 25.22
O3 NAG O . 23.44 47.71 26.45
O4 NAG O . 20.97 49.03 26.81
O5 NAG O . 20.30 46.81 23.99
O6 NAG O . 19.42 49.46 23.67
O7 NAG O . 25.00 45.59 23.72
C1 NAG P . -2.42 -32.55 4.20
C2 NAG P . -3.18 -32.44 5.52
C3 NAG P . -2.27 -32.77 6.71
C4 NAG P . -1.44 -34.03 6.49
C5 NAG P . -0.71 -33.91 5.15
C6 NAG P . 0.14 -35.12 4.80
C7 NAG P . -4.55 -30.65 6.59
C8 NAG P . -4.93 -29.19 6.44
N2 NAG P . -3.72 -31.11 5.64
O3 NAG P . -3.06 -32.88 7.86
O4 NAG P . -0.54 -34.12 7.56
O5 NAG P . -1.69 -33.76 4.16
O6 NAG P . -0.68 -36.26 4.69
O7 NAG P . -4.98 -31.32 7.51
C1 NAG Q . 10.74 -44.89 -18.55
C2 NAG Q . 12.17 -44.31 -18.53
C3 NAG Q . 13.15 -45.16 -17.72
C4 NAG Q . 12.56 -45.58 -16.39
C5 NAG Q . 11.23 -46.29 -16.68
C6 NAG Q . 10.57 -46.86 -15.44
C7 NAG Q . 12.68 -43.02 -20.57
C8 NAG Q . 13.24 -43.13 -21.97
N2 NAG Q . 12.65 -44.17 -19.88
O3 NAG Q . 14.32 -44.40 -17.55
O4 NAG Q . 13.48 -46.44 -15.77
O5 NAG Q . 10.36 -45.35 -17.27
O6 NAG Q . 9.30 -47.37 -15.77
O7 NAG Q . 12.28 -41.95 -20.14
C1 NAG R . -15.58 52.12 13.22
C2 NAG R . -16.12 53.44 12.65
C3 NAG R . -15.50 54.62 13.39
C4 NAG R . -15.71 54.46 14.89
C5 NAG R . -15.15 53.10 15.34
C6 NAG R . -15.34 52.84 16.82
C7 NAG R . -16.79 53.91 10.34
C8 NAG R . -16.32 53.93 8.91
N2 NAG R . -15.88 53.53 11.24
O3 NAG R . -16.08 55.79 12.90
O4 NAG R . -15.05 55.54 15.53
O5 NAG R . -15.80 52.08 14.61
O6 NAG R . -16.70 52.91 17.16
O7 NAG R . -17.93 54.23 10.64
C1 NAG S . 21.17 -16.74 -19.50
C2 NAG S . 22.48 -16.09 -19.02
C3 NAG S . 22.84 -14.92 -19.97
C4 NAG S . 22.77 -15.31 -21.44
C5 NAG S . 21.42 -15.95 -21.73
C6 NAG S . 21.27 -16.44 -23.16
C7 NAG S . 23.19 -14.97 -16.90
C8 NAG S . 22.67 -14.58 -15.54
N2 NAG S . 22.29 -15.60 -17.68
O3 NAG S . 24.12 -14.46 -19.63
O4 NAG S . 22.95 -14.13 -22.19
O5 NAG S . 21.30 -17.05 -20.87
O6 NAG S . 20.15 -17.31 -23.25
O7 NAG S . 24.34 -14.69 -17.24
C1 NAG T . 3.68 -33.42 -37.04
C2 NAG T . 2.64 -32.60 -37.81
C3 NAG T . 3.18 -32.07 -39.15
C4 NAG T . 4.56 -31.46 -38.97
C5 NAG T . 5.46 -32.51 -38.35
C6 NAG T . 6.91 -32.10 -38.23
C7 NAG T . 0.30 -33.30 -37.39
C8 NAG T . -0.77 -34.26 -37.83
N2 NAG T . 1.47 -33.40 -38.06
O3 NAG T . 2.25 -31.14 -39.65
O4 NAG T . 5.01 -31.06 -40.25
O5 NAG T . 4.95 -32.80 -37.07
O6 NAG T . 7.66 -33.16 -37.67
O7 NAG T . 0.11 -32.51 -36.48
C1 NAG U . -8.10 31.45 45.44
C2 NAG U . -9.00 31.56 46.68
C3 NAG U . -9.27 33.03 47.00
C4 NAG U . -7.96 33.79 47.15
C5 NAG U . -7.13 33.59 45.87
C6 NAG U . -5.79 34.28 45.91
C7 NAG U . -10.67 29.89 47.33
C8 NAG U . -12.00 29.27 46.96
N2 NAG U . -10.23 30.85 46.50
O3 NAG U . -10.03 33.08 48.18
O4 NAG U . -8.27 35.14 47.35
O5 NAG U . -6.93 32.21 45.64
O6 NAG U . -5.03 33.79 46.98
O7 NAG U . -10.06 29.53 48.33
#